data_3HIG
#
_entry.id   3HIG
#
_cell.length_a   92.662
_cell.length_b   94.884
_cell.length_c   196.411
_cell.angle_alpha   90.00
_cell.angle_beta   90.00
_cell.angle_gamma   90.00
#
_symmetry.space_group_name_H-M   'P 21 21 21'
#
loop_
_entity.id
_entity.type
_entity.pdbx_description
1 polymer 'Amiloride-sensitive amine oxidase'
2 branched beta-D-mannopyranose-(1-4)-2-acetamido-2-deoxy-beta-D-glucopyranose-(1-4)-2-acetamido-2-deoxy-beta-D-glucopyranose
3 branched 2-acetamido-2-deoxy-beta-D-glucopyranose-(1-4)-2-acetamido-2-deoxy-beta-D-glucopyranose
4 non-polymer 'COPPER (II) ION'
5 non-polymer 'CALCIUM ION'
6 non-polymer GLYCEROL
7 non-polymer BERENIL
8 water water
#
_entity_poly.entity_id   1
_entity_poly.type   'polypeptide(L)'
_entity_poly.pdbx_seq_one_letter_code
;RSPGTLPRKAGVFSDLSNQELKAVHSFLWSKKELRLQPSSTTTMAKNTVFLIEMLLPKKYHVLRFLDKGERHPVREARAV
IFFGDQEHPNVTEFAVGPLPGPCYMRALSPRPGYQSSWASRPISTAEYALLYHTLQEATKPLHQFFLNTTGFSFQDCHDR
CLAFTDVAPRGVASGQRRSWLIIQRYVEGYFLHPTGLELLVDHGSTDAGHWAVEQVWYNGKFYGSPEELARKYADGEVDV
VVLEDPLPGGKGHDSTEEPPLFSSHKPRGDFPSPIHVSGPRLVQPHGPRFRLEGNAVLYGGWSFAFRLRSSSGLQVLNVH
FGGERIAYEVSVQEAVALYGGHTPAGMQTKYLDVGWGLGSVTHELAPGIDCPETATFLDTFHYYDADDPVHYPRALCLFE
MPTGVPLRRHFNSNFKGGFNFYAGLKGQVLVLRTTSTVYN(TPQ)DYIWDFIFYPNGVMEAKMHATGYVHATFYTPEGLR
HGTRLHTHLIGNIHTHLVHYRVDLDVAGTKNSFQTLQMKLENITNPWSPRHRVVQPTLEQTQYSWERQAAFRFKRKLPKY
LLFTSPQENPWGHKRSYRLQIHSMADQVLPPGWQEEQAITWARYPLAVTKYRESELCSSSIYHQNDPWDPPVVFEQFLHN
NENIENEDLVAWVTVGFLHIPHSEDIPNTATPGNSVGFLLRPFNFFPEDPSLASRDTVIVWPRDNGPNYVQRWIPEDRDC
SMPPPFSYNGTYRPV
;
_entity_poly.pdbx_strand_id   A,B
#
loop_
_chem_comp.id
_chem_comp.type
_chem_comp.name
_chem_comp.formula
BMA D-saccharide, beta linking beta-D-mannopyranose 'C6 H12 O6'
BRN non-polymer BERENIL 'C14 H15 N7'
CA non-polymer 'CALCIUM ION' 'Ca 2'
CU non-polymer 'COPPER (II) ION' 'Cu 2'
GOL non-polymer GLYCEROL 'C3 H8 O3'
NAG D-saccharide, beta linking 2-acetamido-2-deoxy-beta-D-glucopyranose 'C8 H15 N O6'
#
# COMPACT_ATOMS: atom_id res chain seq x y z
N PRO A 7 8.18 -14.68 -29.36
CA PRO A 7 9.05 -14.52 -28.17
C PRO A 7 10.54 -14.34 -28.48
N ARG A 8 10.96 -14.76 -29.68
CA ARG A 8 12.25 -14.34 -30.25
C ARG A 8 12.37 -12.81 -30.33
N LYS A 9 11.25 -12.13 -30.54
CA LYS A 9 11.28 -10.67 -30.69
C LYS A 9 11.66 -9.93 -29.40
N ALA A 10 11.29 -10.50 -28.25
CA ALA A 10 11.68 -9.94 -26.97
C ALA A 10 13.21 -9.89 -26.81
N GLY A 11 13.91 -10.73 -27.57
CA GLY A 11 15.37 -10.72 -27.63
C GLY A 11 16.02 -9.38 -27.92
N VAL A 12 15.32 -8.47 -28.61
CA VAL A 12 15.86 -7.14 -28.88
C VAL A 12 16.09 -6.38 -27.54
N PHE A 13 15.32 -6.73 -26.53
CA PHE A 13 15.41 -6.12 -25.19
C PHE A 13 16.31 -6.90 -24.23
N SER A 14 16.81 -8.06 -24.62
CA SER A 14 17.53 -8.90 -23.69
C SER A 14 18.94 -8.40 -23.35
N ASP A 15 19.32 -8.64 -22.11
CA ASP A 15 20.68 -8.46 -21.68
C ASP A 15 21.67 -9.32 -22.46
N LEU A 16 22.93 -8.91 -22.40
CA LEU A 16 23.99 -9.66 -23.04
C LEU A 16 24.23 -11.00 -22.33
N SER A 17 24.40 -12.05 -23.11
CA SER A 17 24.80 -13.37 -22.62
C SER A 17 26.25 -13.35 -22.20
N ASN A 18 26.62 -14.35 -21.40
CA ASN A 18 28.03 -14.62 -21.07
C ASN A 18 28.90 -14.61 -22.34
N GLN A 19 28.42 -15.27 -23.39
CA GLN A 19 29.15 -15.33 -24.66
C GLN A 19 29.34 -13.95 -25.29
N GLU A 20 28.27 -13.15 -25.32
CA GLU A 20 28.35 -11.83 -25.92
C GLU A 20 29.26 -10.89 -25.12
N LEU A 21 29.24 -11.00 -23.78
CA LEU A 21 30.12 -10.18 -22.96
C LEU A 21 31.58 -10.55 -23.26
N LYS A 22 31.88 -11.84 -23.39
CA LYS A 22 33.25 -12.30 -23.71
C LYS A 22 33.69 -11.77 -25.07
N ALA A 23 32.77 -11.79 -26.04
CA ALA A 23 33.08 -11.38 -27.39
C ALA A 23 33.39 -9.89 -27.46
N VAL A 24 32.64 -9.09 -26.70
CA VAL A 24 32.88 -7.67 -26.64
C VAL A 24 34.21 -7.39 -25.97
N HIS A 25 34.44 -8.03 -24.84
CA HIS A 25 35.67 -7.90 -24.10
C HIS A 25 36.89 -8.31 -24.96
N SER A 26 36.78 -9.40 -25.70
CA SER A 26 37.87 -9.84 -26.58
CA SER A 26 37.86 -9.85 -26.58
C SER A 26 38.16 -8.82 -27.68
N PHE A 27 37.11 -8.30 -28.31
CA PHE A 27 37.28 -7.27 -29.32
C PHE A 27 38.08 -6.09 -28.76
N LEU A 28 37.67 -5.62 -27.58
CA LEU A 28 38.37 -4.52 -26.94
C LEU A 28 39.84 -4.89 -26.65
N TRP A 29 40.05 -6.09 -26.10
CA TRP A 29 41.41 -6.57 -25.82
C TRP A 29 42.30 -6.73 -27.06
N SER A 30 41.70 -6.96 -28.23
CA SER A 30 42.48 -7.11 -29.46
C SER A 30 43.05 -5.78 -29.99
N LYS A 31 42.49 -4.66 -29.53
CA LYS A 31 42.99 -3.34 -29.92
C LYS A 31 44.17 -2.98 -29.02
N LYS A 32 45.38 -3.35 -29.43
CA LYS A 32 46.58 -3.19 -28.57
C LYS A 32 46.86 -1.74 -28.16
N GLU A 33 46.41 -0.80 -28.98
CA GLU A 33 46.57 0.63 -28.68
C GLU A 33 45.87 1.10 -27.40
N LEU A 34 44.83 0.39 -26.96
CA LEU A 34 44.07 0.78 -25.79
C LEU A 34 44.85 0.44 -24.52
N ARG A 35 45.85 -0.44 -24.64
CA ARG A 35 46.76 -0.74 -23.53
C ARG A 35 45.99 -1.21 -22.27
N LEU A 36 45.07 -2.16 -22.48
CA LEU A 36 44.12 -2.53 -21.45
C LEU A 36 44.73 -3.50 -20.45
N GLN A 37 44.44 -3.27 -19.16
CA GLN A 37 44.83 -4.17 -18.08
C GLN A 37 43.59 -4.65 -17.32
N PRO A 38 43.72 -5.71 -16.51
CA PRO A 38 42.59 -6.20 -15.73
C PRO A 38 42.16 -5.22 -14.63
N SER A 39 40.86 -5.21 -14.35
CA SER A 39 40.28 -4.39 -13.29
CA SER A 39 40.33 -4.35 -13.31
C SER A 39 40.97 -4.63 -11.96
N SER A 40 41.39 -5.88 -11.74
CA SER A 40 42.03 -6.24 -10.48
C SER A 40 43.45 -5.72 -10.32
N THR A 41 44.07 -5.13 -11.35
CA THR A 41 45.45 -4.63 -11.22
C THR A 41 45.49 -3.46 -10.24
N THR A 42 46.38 -3.51 -9.24
CA THR A 42 46.33 -2.50 -8.16
C THR A 42 47.15 -1.25 -8.43
N THR A 43 46.75 -0.56 -9.50
CA THR A 43 47.15 0.80 -9.72
C THR A 43 45.99 1.52 -10.39
N MET A 44 45.86 2.81 -10.13
CA MET A 44 44.86 3.65 -10.80
C MET A 44 45.33 4.12 -12.18
N ALA A 45 46.65 4.17 -12.37
CA ALA A 45 47.21 4.68 -13.62
C ALA A 45 47.20 3.57 -14.66
N LYS A 46 46.02 3.07 -14.99
CA LYS A 46 45.87 1.99 -15.97
C LYS A 46 44.66 2.28 -16.84
N ASN A 47 44.64 1.66 -18.00
CA ASN A 47 43.49 1.60 -18.84
C ASN A 47 42.74 0.26 -18.60
N THR A 48 41.43 0.34 -18.36
CA THR A 48 40.62 -0.83 -18.02
CA THR A 48 40.60 -0.83 -18.03
C THR A 48 39.16 -0.63 -18.47
N VAL A 49 38.52 -1.74 -18.85
CA VAL A 49 37.12 -1.74 -19.22
C VAL A 49 36.35 -1.92 -17.93
N PHE A 50 35.58 -0.92 -17.56
CA PHE A 50 34.93 -0.93 -16.26
C PHE A 50 33.55 -1.58 -16.33
N LEU A 51 32.85 -1.38 -17.44
CA LEU A 51 31.48 -1.87 -17.59
C LEU A 51 31.20 -2.23 -19.03
N ILE A 52 30.47 -3.33 -19.23
CA ILE A 52 29.90 -3.71 -20.53
C ILE A 52 28.46 -4.15 -20.28
N GLU A 53 27.51 -3.58 -21.03
CA GLU A 53 26.10 -3.99 -20.94
C GLU A 53 25.44 -3.71 -22.27
N MET A 54 24.28 -4.32 -22.52
CA MET A 54 23.56 -4.10 -23.78
C MET A 54 23.12 -2.63 -23.91
N LEU A 55 23.22 -2.10 -25.13
CA LEU A 55 22.82 -0.74 -25.49
C LEU A 55 21.59 -0.84 -26.37
N LEU A 56 20.47 -0.36 -25.83
CA LEU A 56 19.17 -0.51 -26.44
C LEU A 56 19.13 0.28 -27.73
N PRO A 57 18.56 -0.31 -28.80
CA PRO A 57 18.46 0.44 -30.05
C PRO A 57 17.42 1.52 -29.96
N LYS A 58 17.40 2.41 -30.94
CA LYS A 58 16.43 3.50 -30.96
C LYS A 58 14.98 2.98 -31.02
N LYS A 59 14.09 3.67 -30.31
CA LYS A 59 12.67 3.26 -30.25
C LYS A 59 12.05 3.17 -31.63
N TYR A 60 12.38 4.13 -32.49
CA TYR A 60 11.85 4.17 -33.83
C TYR A 60 12.09 2.82 -34.57
N HIS A 61 13.30 2.32 -34.47
CA HIS A 61 13.68 1.09 -35.15
C HIS A 61 13.09 -0.16 -34.48
N VAL A 62 13.05 -0.15 -33.15
CA VAL A 62 12.46 -1.26 -32.38
C VAL A 62 10.97 -1.37 -32.71
N LEU A 63 10.27 -0.25 -32.72
CA LEU A 63 8.84 -0.28 -33.05
C LEU A 63 8.55 -0.75 -34.50
N ARG A 64 9.38 -0.35 -35.47
CA ARG A 64 9.25 -0.88 -36.85
C ARG A 64 9.49 -2.39 -36.90
N PHE A 65 10.44 -2.87 -36.10
CA PHE A 65 10.69 -4.30 -35.95
C PHE A 65 9.49 -4.99 -35.31
N LEU A 66 9.01 -4.42 -34.22
CA LEU A 66 7.93 -5.04 -33.48
C LEU A 66 6.61 -4.99 -34.21
N ASP A 67 6.28 -3.83 -34.77
CA ASP A 67 4.91 -3.55 -35.21
C ASP A 67 4.73 -3.54 -36.73
N LYS A 68 5.80 -3.34 -37.50
CA LYS A 68 5.64 -3.18 -38.96
C LYS A 68 6.42 -4.22 -39.75
N GLY A 69 6.94 -5.26 -39.10
CA GLY A 69 7.59 -6.34 -39.80
C GLY A 69 8.99 -6.06 -40.27
N GLU A 70 9.54 -4.90 -39.96
CA GLU A 70 10.86 -4.52 -40.49
C GLU A 70 11.97 -5.33 -39.83
N ARG A 71 13.21 -5.11 -40.27
CA ARG A 71 14.34 -5.92 -39.79
C ARG A 71 14.70 -5.66 -38.33
N HIS A 72 15.27 -6.68 -37.70
CA HIS A 72 15.80 -6.61 -36.35
C HIS A 72 16.88 -5.53 -36.35
N PRO A 73 16.81 -4.56 -35.40
CA PRO A 73 17.88 -3.58 -35.34
C PRO A 73 19.22 -4.19 -34.90
N VAL A 74 20.31 -3.48 -35.18
CA VAL A 74 21.64 -3.96 -34.86
C VAL A 74 21.74 -4.05 -33.36
N ARG A 75 22.36 -5.13 -32.88
CA ARG A 75 22.57 -5.33 -31.46
C ARG A 75 23.95 -4.79 -31.11
N GLU A 76 24.01 -3.97 -30.05
CA GLU A 76 25.28 -3.37 -29.62
C GLU A 76 25.43 -3.43 -28.12
N ALA A 77 26.66 -3.20 -27.66
CA ALA A 77 27.01 -3.15 -26.25
C ALA A 77 27.52 -1.76 -25.92
N ARG A 78 27.22 -1.30 -24.71
CA ARG A 78 27.87 -0.13 -24.15
C ARG A 78 29.13 -0.59 -23.43
N ALA A 79 30.26 0.08 -23.67
CA ALA A 79 31.51 -0.25 -22.99
C ALA A 79 32.11 1.01 -22.37
N VAL A 80 32.30 1.01 -21.05
CA VAL A 80 32.87 2.18 -20.39
C VAL A 80 34.32 1.86 -20.13
N ILE A 81 35.22 2.67 -20.66
CA ILE A 81 36.66 2.47 -20.47
C ILE A 81 37.27 3.60 -19.63
N PHE A 82 37.95 3.21 -18.57
CA PHE A 82 38.69 4.10 -17.71
C PHE A 82 40.08 4.28 -18.30
N PHE A 83 40.38 5.43 -18.89
CA PHE A 83 41.73 5.72 -19.42
C PHE A 83 42.58 6.42 -18.38
N GLY A 84 43.13 5.64 -17.47
CA GLY A 84 43.99 6.17 -16.40
C GLY A 84 45.49 6.25 -16.73
N ASP A 85 45.88 5.67 -17.86
CA ASP A 85 47.30 5.43 -18.21
C ASP A 85 47.74 6.47 -19.21
N GLN A 86 47.63 7.74 -18.86
CA GLN A 86 47.94 8.85 -19.77
C GLN A 86 48.04 10.11 -18.96
N GLU A 87 48.65 11.16 -19.53
CA GLU A 87 48.86 12.44 -18.83
C GLU A 87 47.56 13.03 -18.24
N HIS A 88 46.51 13.05 -19.05
CA HIS A 88 45.21 13.56 -18.60
C HIS A 88 44.18 12.43 -18.59
N PRO A 89 44.06 11.73 -17.44
CA PRO A 89 43.12 10.62 -17.35
C PRO A 89 41.68 11.02 -17.67
N ASN A 90 40.93 10.16 -18.33
CA ASN A 90 39.49 10.35 -18.45
C ASN A 90 38.70 9.02 -18.48
N VAL A 91 37.37 9.14 -18.46
CA VAL A 91 36.49 8.03 -18.77
C VAL A 91 35.85 8.31 -20.12
N THR A 92 35.90 7.33 -21.00
CA THR A 92 35.24 7.43 -22.30
C THR A 92 34.36 6.20 -22.53
N GLU A 93 33.21 6.41 -23.18
CA GLU A 93 32.28 5.35 -23.48
C GLU A 93 32.26 5.06 -24.98
N PHE A 94 32.02 3.80 -25.32
CA PHE A 94 31.89 3.39 -26.71
C PHE A 94 30.67 2.51 -26.87
N ALA A 95 30.08 2.54 -28.06
CA ALA A 95 29.15 1.50 -28.48
C ALA A 95 29.92 0.51 -29.35
N VAL A 96 29.93 -0.76 -28.94
CA VAL A 96 30.57 -1.85 -29.69
C VAL A 96 29.53 -2.76 -30.37
N GLY A 97 29.75 -2.99 -31.66
CA GLY A 97 28.89 -3.88 -32.43
C GLY A 97 29.51 -4.27 -33.77
N PRO A 98 28.74 -4.99 -34.61
CA PRO A 98 27.44 -5.56 -34.28
C PRO A 98 27.62 -6.81 -33.43
N LEU A 99 26.52 -7.28 -32.84
CA LEU A 99 26.51 -8.52 -32.10
C LEU A 99 25.50 -9.44 -32.80
N PRO A 100 25.94 -10.61 -33.26
CA PRO A 100 27.32 -11.14 -33.12
C PRO A 100 28.34 -10.51 -34.07
N GLY A 101 29.62 -10.75 -33.77
CA GLY A 101 30.73 -10.37 -34.64
C GLY A 101 31.16 -8.93 -34.55
N PRO A 102 31.60 -8.49 -33.36
CA PRO A 102 31.90 -7.07 -33.26
C PRO A 102 33.01 -6.62 -34.21
N CYS A 103 32.77 -5.50 -34.92
N CYS A 103 32.82 -5.49 -34.88
CA CYS A 103 33.74 -4.88 -35.83
CA CYS A 103 33.84 -4.92 -35.76
C CYS A 103 34.18 -3.48 -35.42
C CYS A 103 34.02 -3.40 -35.66
N TYR A 104 33.29 -2.73 -34.77
CA TYR A 104 33.50 -1.30 -34.53
C TYR A 104 33.37 -0.95 -33.05
N MET A 105 34.00 0.16 -32.68
CA MET A 105 33.68 0.85 -31.45
C MET A 105 33.49 2.34 -31.76
N ARG A 106 32.25 2.82 -31.62
CA ARG A 106 31.94 4.25 -31.86
C ARG A 106 31.72 5.00 -30.55
N ALA A 107 32.01 6.31 -30.56
CA ALA A 107 31.90 7.12 -29.36
C ALA A 107 30.44 7.12 -28.90
N LEU A 108 30.25 7.11 -27.58
CA LEU A 108 28.93 7.03 -27.00
C LEU A 108 28.84 8.09 -25.90
N SER A 109 27.74 8.86 -25.91
CA SER A 109 27.50 9.89 -24.89
C SER A 109 28.72 10.81 -24.68
N PRO A 110 29.33 11.32 -25.76
CA PRO A 110 30.47 12.20 -25.56
C PRO A 110 30.07 13.49 -24.81
N ARG A 111 30.98 14.03 -24.02
CA ARG A 111 30.74 15.25 -23.27
C ARG A 111 31.93 16.20 -23.44
N PRO A 112 32.10 16.71 -24.67
CA PRO A 112 33.27 17.53 -24.98
C PRO A 112 33.29 18.80 -24.15
N GLY A 113 34.48 19.21 -23.71
CA GLY A 113 34.62 20.42 -22.91
C GLY A 113 34.52 20.20 -21.41
N TYR A 114 34.02 19.04 -20.98
CA TYR A 114 33.96 18.72 -19.55
C TYR A 114 35.28 18.12 -19.09
N GLN A 115 35.78 18.60 -17.96
CA GLN A 115 37.14 18.26 -17.57
C GLN A 115 37.25 17.41 -16.29
N SER A 116 36.13 17.03 -15.68
CA SER A 116 36.21 16.24 -14.47
C SER A 116 35.84 14.76 -14.61
N SER A 117 35.92 14.19 -15.81
CA SER A 117 35.39 12.84 -15.95
C SER A 117 36.15 11.83 -15.06
N TRP A 118 37.45 12.03 -14.87
CA TRP A 118 38.22 11.05 -14.08
C TRP A 118 37.75 11.09 -12.63
N ALA A 119 37.63 12.30 -12.09
CA ALA A 119 37.15 12.47 -10.73
C ALA A 119 35.70 11.96 -10.55
N SER A 120 34.90 12.01 -11.61
CA SER A 120 33.49 11.58 -11.57
C SER A 120 33.28 10.07 -11.54
N ARG A 121 34.36 9.30 -11.77
CA ARG A 121 34.21 7.86 -12.02
C ARG A 121 33.88 7.09 -10.72
N PRO A 122 33.17 5.96 -10.86
CA PRO A 122 32.88 5.10 -9.71
C PRO A 122 34.15 4.58 -9.09
N ILE A 123 34.05 4.27 -7.81
CA ILE A 123 35.15 3.65 -7.07
C ILE A 123 35.19 2.20 -7.51
N SER A 124 36.35 1.56 -7.39
CA SER A 124 36.52 0.17 -7.82
C SER A 124 37.18 -0.65 -6.71
N THR A 125 37.10 -1.97 -6.82
CA THR A 125 37.79 -2.89 -5.91
C THR A 125 39.30 -2.59 -5.81
N ALA A 126 39.98 -2.34 -6.92
CA ALA A 126 41.40 -1.98 -6.88
C ALA A 126 41.61 -0.72 -6.05
N GLU A 127 40.70 0.25 -6.19
CA GLU A 127 40.85 1.53 -5.50
C GLU A 127 40.69 1.35 -4.01
N TYR A 128 39.77 0.46 -3.61
CA TYR A 128 39.55 0.16 -2.18
C TYR A 128 40.79 -0.49 -1.56
N ALA A 129 41.39 -1.43 -2.28
CA ALA A 129 42.63 -2.09 -1.85
C ALA A 129 43.71 -1.05 -1.58
N LEU A 130 43.87 -0.12 -2.52
CA LEU A 130 44.87 0.94 -2.37
C LEU A 130 44.54 1.86 -1.23
N LEU A 131 43.25 2.17 -1.03
CA LEU A 131 42.83 2.93 0.17
C LEU A 131 43.17 2.21 1.47
N TYR A 132 42.99 0.89 1.49
CA TYR A 132 43.40 0.13 2.67
C TYR A 132 44.90 0.27 2.95
N HIS A 133 45.71 0.24 1.90
CA HIS A 133 47.16 0.38 2.04
CA HIS A 133 47.16 0.38 2.04
C HIS A 133 47.52 1.75 2.59
N THR A 134 46.86 2.79 2.06
CA THR A 134 47.05 4.15 2.53
C THR A 134 46.70 4.30 4.00
N LEU A 135 45.60 3.69 4.46
CA LEU A 135 45.24 3.75 5.88
C LEU A 135 46.19 2.96 6.81
N GLN A 136 46.60 1.77 6.39
CA GLN A 136 47.58 0.98 7.14
C GLN A 136 48.87 1.77 7.36
N GLU A 137 49.34 2.49 6.34
CA GLU A 137 50.52 3.37 6.50
C GLU A 137 50.23 4.64 7.28
N ALA A 138 49.29 5.43 6.77
CA ALA A 138 48.96 6.73 7.37
C ALA A 138 48.57 6.62 8.84
N THR A 139 47.96 5.52 9.26
CA THR A 139 47.48 5.43 10.64
C THR A 139 48.44 4.73 11.58
N LYS A 140 49.67 4.48 11.15
CA LYS A 140 50.68 3.86 12.05
C LYS A 140 50.82 4.60 13.38
N PRO A 141 50.89 5.93 13.36
CA PRO A 141 50.94 6.60 14.66
C PRO A 141 49.83 6.19 15.63
N LEU A 142 48.68 5.77 15.10
CA LEU A 142 47.52 5.50 15.95
C LEU A 142 47.42 4.05 16.42
N HIS A 143 48.39 3.21 16.06
CA HIS A 143 48.28 1.79 16.38
C HIS A 143 47.93 1.51 17.84
N GLN A 144 48.67 2.10 18.77
CA GLN A 144 48.40 1.86 20.19
C GLN A 144 47.10 2.49 20.61
N PHE A 145 46.80 3.67 20.07
CA PHE A 145 45.48 4.27 20.25
C PHE A 145 44.41 3.25 19.84
N PHE A 146 44.58 2.60 18.68
CA PHE A 146 43.59 1.60 18.23
C PHE A 146 43.41 0.43 19.19
N LEU A 147 44.54 -0.15 19.59
CA LEU A 147 44.52 -1.30 20.50
C LEU A 147 43.90 -0.92 21.82
N ASN A 148 44.26 0.24 22.36
CA ASN A 148 43.72 0.66 23.66
C ASN A 148 42.24 1.00 23.61
N THR A 149 41.79 1.71 22.58
CA THR A 149 40.37 2.12 22.50
C THR A 149 39.41 1.05 21.93
N THR A 150 39.88 0.20 21.02
CA THR A 150 38.99 -0.71 20.29
C THR A 150 39.34 -2.20 20.38
N GLY A 151 40.58 -2.52 20.74
CA GLY A 151 41.08 -3.90 20.68
C GLY A 151 41.34 -4.42 19.28
N PHE A 152 41.12 -3.57 18.27
CA PHE A 152 41.25 -3.96 16.85
C PHE A 152 42.30 -3.04 16.24
N SER A 153 42.76 -3.35 15.04
CA SER A 153 43.79 -2.56 14.36
C SER A 153 43.70 -2.67 12.85
N PHE A 154 44.48 -1.85 12.15
CA PHE A 154 44.68 -1.97 10.72
C PHE A 154 45.93 -2.80 10.37
N GLN A 155 46.99 -2.68 11.16
CA GLN A 155 48.23 -3.44 10.86
C GLN A 155 48.29 -4.70 11.69
N ASP A 156 48.78 -5.77 11.05
CA ASP A 156 49.00 -7.08 11.70
C ASP A 156 47.74 -7.66 12.34
N CYS A 157 46.60 -7.51 11.68
CA CYS A 157 45.35 -8.05 12.19
C CYS A 157 44.96 -9.31 11.44
N HIS A 158 44.13 -10.13 12.08
CA HIS A 158 43.67 -11.37 11.47
C HIS A 158 42.16 -11.51 11.66
N ASP A 159 41.70 -11.60 12.91
CA ASP A 159 40.28 -11.64 13.23
C ASP A 159 39.81 -10.39 13.98
N ARG A 160 40.70 -9.45 14.24
CA ARG A 160 40.30 -8.23 14.93
C ARG A 160 40.73 -7.04 14.10
N CYS A 161 40.16 -6.97 12.91
CA CYS A 161 40.50 -5.91 11.94
C CYS A 161 39.52 -4.74 11.99
N LEU A 162 40.08 -3.54 11.84
CA LEU A 162 39.34 -2.35 11.60
C LEU A 162 39.03 -2.33 10.12
N ALA A 163 37.86 -1.81 9.79
CA ALA A 163 37.46 -1.60 8.41
C ALA A 163 36.93 -0.18 8.29
N PHE A 164 36.66 0.24 7.05
CA PHE A 164 36.00 1.53 6.82
C PHE A 164 34.82 1.43 5.85
N THR A 165 33.87 2.34 6.04
CA THR A 165 32.76 2.55 5.10
C THR A 165 33.05 3.89 4.44
N ASP A 166 33.14 3.96 3.11
CA ASP A 166 33.33 5.29 2.50
C ASP A 166 32.01 5.98 2.23
N VAL A 167 32.09 7.29 2.20
CA VAL A 167 30.94 8.13 2.05
C VAL A 167 31.15 8.89 0.75
N ALA A 168 30.05 9.13 0.04
CA ALA A 168 30.09 9.94 -1.15
C ALA A 168 28.96 10.98 -1.01
N PRO A 169 29.08 12.13 -1.72
CA PRO A 169 30.15 12.50 -2.64
C PRO A 169 31.49 12.88 -1.96
N ARG A 170 32.52 13.06 -2.78
CA ARG A 170 33.91 13.06 -2.33
C ARG A 170 34.54 14.45 -2.51
N GLY A 171 34.07 15.40 -1.71
CA GLY A 171 34.62 16.74 -1.73
C GLY A 171 33.57 17.83 -1.65
N VAL A 172 33.96 19.03 -2.06
CA VAL A 172 33.09 20.20 -2.02
C VAL A 172 32.89 20.84 -3.37
N ALA A 173 33.46 20.26 -4.42
CA ALA A 173 33.33 20.85 -5.77
C ALA A 173 33.68 19.82 -6.82
N SER A 174 33.18 20.04 -8.04
CA SER A 174 33.49 19.20 -9.19
C SER A 174 35.00 18.99 -9.36
N GLY A 175 35.42 17.77 -9.65
CA GLY A 175 36.84 17.45 -9.88
C GLY A 175 37.60 16.94 -8.67
N GLN A 176 37.02 17.01 -7.49
CA GLN A 176 37.67 16.53 -6.27
C GLN A 176 37.34 15.06 -6.02
N ARG A 177 38.27 14.37 -5.37
CA ARG A 177 38.07 13.02 -4.92
C ARG A 177 38.67 12.90 -3.53
N ARG A 178 37.97 13.49 -2.58
CA ARG A 178 38.36 13.51 -1.17
C ARG A 178 37.25 12.90 -0.34
N SER A 179 37.46 11.72 0.24
CA SER A 179 36.38 10.94 0.84
C SER A 179 36.54 10.85 2.34
N TRP A 180 35.45 11.06 3.08
CA TRP A 180 35.39 10.74 4.50
C TRP A 180 35.17 9.24 4.69
N LEU A 181 35.94 8.64 5.61
CA LEU A 181 35.85 7.22 5.88
C LEU A 181 35.48 7.04 7.33
N ILE A 182 34.40 6.31 7.56
CA ILE A 182 33.95 6.00 8.88
C ILE A 182 34.65 4.72 9.31
N ILE A 183 35.41 4.76 10.40
CA ILE A 183 36.13 3.58 10.85
C ILE A 183 35.26 2.71 11.75
N GLN A 184 35.29 1.40 11.52
CA GLN A 184 34.42 0.42 12.19
C GLN A 184 35.19 -0.83 12.62
N ARG A 185 34.60 -1.59 13.54
CA ARG A 185 35.15 -2.89 13.90
C ARG A 185 34.55 -3.94 12.99
N TYR A 186 35.43 -4.65 12.28
CA TYR A 186 34.97 -5.67 11.36
C TYR A 186 34.51 -6.92 12.10
N VAL A 187 33.27 -6.88 12.58
CA VAL A 187 32.57 -8.01 13.17
C VAL A 187 31.26 -8.29 12.40
N GLU A 188 30.56 -9.35 12.79
CA GLU A 188 29.24 -9.66 12.23
C GLU A 188 28.32 -8.45 12.31
N GLY A 189 27.90 -7.97 11.13
CA GLY A 189 27.04 -6.79 11.04
C GLY A 189 27.85 -5.56 11.37
N TYR A 190 29.06 -5.52 10.80
CA TYR A 190 30.08 -4.48 11.09
C TYR A 190 29.60 -3.07 10.85
N PHE A 191 28.57 -2.92 10.00
CA PHE A 191 27.96 -1.62 9.69
C PHE A 191 27.59 -0.82 10.92
N LEU A 192 27.20 -1.53 11.97
CA LEU A 192 26.71 -0.95 13.19
C LEU A 192 27.76 -0.82 14.30
N HIS A 193 29.04 -0.90 13.96
CA HIS A 193 30.11 -0.79 14.95
C HIS A 193 31.15 0.31 14.67
N PRO A 194 30.70 1.57 14.56
CA PRO A 194 31.67 2.65 14.41
C PRO A 194 32.52 2.85 15.67
N THR A 195 33.76 3.28 15.46
CA THR A 195 34.71 3.41 16.57
C THR A 195 34.76 4.82 17.13
N GLY A 196 34.25 5.80 16.39
CA GLY A 196 34.33 7.20 16.81
C GLY A 196 35.36 7.94 16.00
N LEU A 197 36.11 7.23 15.16
CA LEU A 197 37.09 7.86 14.28
C LEU A 197 36.54 7.97 12.89
N GLU A 198 36.77 9.12 12.27
CA GLU A 198 36.51 9.28 10.85
C GLU A 198 37.71 9.96 10.22
N LEU A 199 38.06 9.59 8.99
CA LEU A 199 39.25 10.15 8.30
C LEU A 199 38.93 10.66 6.89
N LEU A 200 39.49 11.82 6.53
CA LEU A 200 39.34 12.39 5.19
C LEU A 200 40.58 12.07 4.38
N VAL A 201 40.41 11.34 3.28
CA VAL A 201 41.51 10.96 2.40
C VAL A 201 41.37 11.56 1.01
N ASP A 202 42.42 12.27 0.58
CA ASP A 202 42.49 12.75 -0.81
C ASP A 202 43.12 11.65 -1.66
N HIS A 203 42.31 11.04 -2.52
CA HIS A 203 42.78 9.96 -3.39
C HIS A 203 42.57 10.28 -4.88
N GLY A 204 42.72 11.55 -5.24
CA GLY A 204 42.56 12.00 -6.62
C GLY A 204 43.64 11.54 -7.59
N SER A 205 44.89 11.58 -7.12
N SER A 205 44.89 11.58 -7.12
CA SER A 205 46.05 11.26 -7.96
CA SER A 205 46.04 11.28 -7.97
C SER A 205 46.02 9.81 -8.43
C SER A 205 46.04 9.82 -8.43
N THR A 206 46.46 9.57 -9.66
CA THR A 206 46.60 8.18 -10.16
C THR A 206 47.83 7.49 -9.54
N ASP A 207 48.64 8.23 -8.77
CA ASP A 207 49.73 7.64 -8.01
C ASP A 207 49.29 7.60 -6.55
N ALA A 208 48.94 6.40 -6.07
CA ALA A 208 48.49 6.21 -4.68
C ALA A 208 49.52 6.65 -3.65
N GLY A 209 50.80 6.69 -4.02
CA GLY A 209 51.82 7.22 -3.13
C GLY A 209 51.56 8.67 -2.76
N HIS A 210 50.85 9.41 -3.60
CA HIS A 210 50.51 10.79 -3.25
C HIS A 210 49.32 10.94 -2.32
N TRP A 211 48.57 9.85 -2.09
CA TRP A 211 47.33 9.97 -1.31
C TRP A 211 47.64 10.28 0.14
N ALA A 212 46.82 11.08 0.77
CA ALA A 212 47.11 11.52 2.15
C ALA A 212 45.82 11.61 2.96
N VAL A 213 45.91 11.28 4.24
CA VAL A 213 44.87 11.60 5.19
C VAL A 213 45.07 13.07 5.47
N GLU A 214 44.09 13.89 5.11
CA GLU A 214 44.22 15.35 5.26
C GLU A 214 43.50 15.89 6.48
N GLN A 215 42.70 15.07 7.14
CA GLN A 215 41.96 15.52 8.30
C GLN A 215 41.46 14.30 9.08
N VAL A 216 41.29 14.48 10.38
CA VAL A 216 40.91 13.43 11.30
C VAL A 216 39.84 13.95 12.24
N TRP A 217 38.82 13.14 12.46
CA TRP A 217 37.77 13.46 13.41
C TRP A 217 37.66 12.28 14.37
N TYR A 218 37.66 12.59 15.67
CA TYR A 218 37.44 11.58 16.67
C TYR A 218 36.59 12.09 17.82
N ASN A 219 35.49 11.39 18.09
CA ASN A 219 34.63 11.67 19.23
C ASN A 219 34.38 13.17 19.45
N GLY A 220 34.05 13.87 18.39
CA GLY A 220 33.57 15.25 18.51
C GLY A 220 34.58 16.34 18.24
N LYS A 221 35.84 15.98 17.94
CA LYS A 221 36.85 17.00 17.62
C LYS A 221 37.68 16.66 16.39
N PHE A 222 38.12 17.73 15.72
CA PHE A 222 38.98 17.62 14.58
C PHE A 222 40.41 17.70 15.08
N TYR A 223 41.31 16.97 14.42
CA TYR A 223 42.70 16.86 14.88
C TYR A 223 43.79 17.10 13.86
N GLY A 224 43.43 17.21 12.59
CA GLY A 224 44.43 17.65 11.62
C GLY A 224 45.20 16.50 10.99
N SER A 225 45.87 15.69 11.81
CA SER A 225 46.65 14.54 11.29
C SER A 225 46.52 13.34 12.22
N PRO A 226 46.80 12.14 11.71
CA PRO A 226 46.91 11.03 12.65
C PRO A 226 47.99 11.25 13.73
N GLU A 227 49.10 11.90 13.37
CA GLU A 227 50.20 12.15 14.33
C GLU A 227 49.74 13.08 15.45
N GLU A 228 49.01 14.15 15.12
CA GLU A 228 48.48 15.06 16.17
C GLU A 228 47.54 14.35 17.13
N LEU A 229 46.64 13.51 16.61
CA LEU A 229 45.74 12.77 17.52
C LEU A 229 46.54 11.83 18.44
N ALA A 230 47.53 11.17 17.87
CA ALA A 230 48.40 10.24 18.60
C ALA A 230 49.13 10.99 19.73
N ARG A 231 49.66 12.17 19.41
CA ARG A 231 50.38 13.02 20.39
C ARG A 231 49.45 13.37 21.53
N LYS A 232 48.32 14.00 21.18
CA LYS A 232 47.34 14.43 22.18
C LYS A 232 46.80 13.27 23.00
N TYR A 233 46.68 12.10 22.39
CA TYR A 233 46.30 10.91 23.14
C TYR A 233 47.44 10.50 24.08
N ALA A 234 48.66 10.41 23.54
CA ALA A 234 49.86 10.13 24.36
C ALA A 234 49.91 11.08 25.55
N ASP A 235 49.70 12.38 25.30
CA ASP A 235 49.75 13.40 26.36
C ASP A 235 48.52 13.47 27.28
N GLY A 236 47.63 12.48 27.19
CA GLY A 236 46.46 12.42 28.07
C GLY A 236 45.43 13.54 27.91
N GLU A 237 45.45 14.20 26.74
CA GLU A 237 44.54 15.31 26.42
C GLU A 237 43.34 14.94 25.55
N VAL A 238 43.05 13.65 25.38
CA VAL A 238 41.90 13.22 24.57
C VAL A 238 40.91 12.43 25.41
N ASP A 239 39.65 12.86 25.44
CA ASP A 239 38.58 12.10 26.07
C ASP A 239 38.22 10.94 25.15
N VAL A 240 38.69 9.74 25.48
CA VAL A 240 38.49 8.59 24.60
C VAL A 240 37.28 7.80 25.06
N VAL A 241 36.72 7.02 24.14
CA VAL A 241 35.70 6.04 24.46
C VAL A 241 36.33 4.68 24.21
N VAL A 242 36.63 3.97 25.29
CA VAL A 242 37.18 2.64 25.23
C VAL A 242 36.01 1.68 25.00
N LEU A 243 36.06 0.92 23.92
CA LEU A 243 34.96 0.03 23.53
C LEU A 243 35.14 -1.37 24.12
N GLU A 244 34.04 -1.98 24.57
CA GLU A 244 34.06 -3.36 25.08
C GLU A 244 34.45 -4.35 23.97
N ASP A 245 34.89 -5.54 24.37
CA ASP A 245 35.25 -6.61 23.44
C ASP A 245 33.95 -7.22 22.88
N PRO A 246 33.80 -7.29 21.54
CA PRO A 246 32.61 -7.93 20.96
C PRO A 246 32.78 -9.42 20.69
N LEU A 247 34.02 -9.91 20.73
CA LEU A 247 34.34 -11.31 20.45
C LEU A 247 34.90 -11.98 21.71
N GLU A 258 28.18 -15.84 24.74
CA GLU A 258 27.00 -16.69 24.53
C GLU A 258 25.93 -15.94 23.72
N PRO A 259 25.32 -14.88 24.28
CA PRO A 259 24.23 -14.20 23.54
C PRO A 259 24.69 -13.67 22.18
N PRO A 260 23.78 -13.57 21.20
CA PRO A 260 24.25 -13.02 19.92
C PRO A 260 24.63 -11.54 20.02
N LEU A 261 25.51 -11.12 19.15
CA LEU A 261 25.83 -9.72 19.00
C LEU A 261 24.58 -8.96 18.56
N PHE A 262 24.41 -7.75 19.06
CA PHE A 262 23.23 -6.96 18.71
C PHE A 262 23.07 -6.78 17.20
N SER A 263 24.18 -6.78 16.46
CA SER A 263 24.14 -6.56 15.03
C SER A 263 23.93 -7.84 14.26
N SER A 264 23.70 -8.95 14.96
CA SER A 264 23.44 -10.24 14.36
CA SER A 264 23.44 -10.23 14.33
C SER A 264 21.94 -10.46 14.14
N HIS A 265 21.61 -11.29 13.17
CA HIS A 265 20.23 -11.71 12.92
C HIS A 265 19.83 -12.92 13.78
N LYS A 266 20.75 -13.49 14.54
CA LYS A 266 20.43 -14.70 15.31
C LYS A 266 19.28 -14.47 16.29
N PRO A 267 18.35 -15.44 16.39
CA PRO A 267 17.21 -15.24 17.28
C PRO A 267 17.59 -15.03 18.75
N ARG A 268 16.81 -14.21 19.44
CA ARG A 268 16.91 -14.09 20.87
C ARG A 268 15.64 -13.50 21.38
N GLY A 269 15.41 -13.70 22.68
CA GLY A 269 14.11 -13.46 23.30
C GLY A 269 13.12 -14.58 23.02
N ASP A 270 11.95 -14.47 23.62
CA ASP A 270 10.90 -15.45 23.43
C ASP A 270 9.56 -14.75 23.35
N PHE A 271 8.73 -15.17 22.41
CA PHE A 271 7.36 -14.68 22.36
C PHE A 271 6.57 -15.35 23.49
N PRO A 272 5.54 -14.68 23.99
CA PRO A 272 4.67 -15.33 24.95
C PRO A 272 3.92 -16.54 24.38
N SER A 273 3.58 -16.52 23.10
CA SER A 273 2.91 -17.67 22.50
C SER A 273 3.92 -18.43 21.64
N PRO A 274 4.39 -19.61 22.10
CA PRO A 274 5.38 -20.35 21.30
C PRO A 274 4.91 -20.80 19.91
N ILE A 275 5.71 -20.50 18.88
CA ILE A 275 5.50 -20.94 17.50
C ILE A 275 6.58 -21.97 17.16
N HIS A 276 6.22 -23.25 17.11
CA HIS A 276 7.22 -24.30 16.91
C HIS A 276 7.24 -24.86 15.51
N VAL A 277 6.22 -24.56 14.70
CA VAL A 277 6.10 -25.17 13.37
C VAL A 277 6.27 -24.14 12.26
N SER A 278 6.51 -24.61 11.04
CA SER A 278 6.61 -23.72 9.90
C SER A 278 5.23 -23.17 9.63
N GLY A 279 5.19 -21.95 9.13
CA GLY A 279 3.93 -21.33 8.74
C GLY A 279 3.41 -21.87 7.43
N PRO A 280 2.27 -21.37 6.99
CA PRO A 280 1.75 -21.86 5.72
C PRO A 280 2.62 -21.47 4.53
N ARG A 281 2.54 -22.26 3.46
CA ARG A 281 3.40 -22.07 2.29
C ARG A 281 2.59 -22.22 1.02
N LEU A 282 3.09 -21.64 -0.06
N LEU A 282 3.09 -21.62 -0.05
CA LEU A 282 2.48 -21.82 -1.36
CA LEU A 282 2.52 -21.84 -1.38
C LEU A 282 2.85 -23.18 -1.96
C LEU A 282 2.84 -23.22 -1.90
N VAL A 283 1.88 -23.84 -2.58
CA VAL A 283 2.15 -25.04 -3.41
C VAL A 283 1.69 -24.70 -4.82
N GLN A 284 2.35 -25.29 -5.81
CA GLN A 284 2.02 -25.02 -7.20
C GLN A 284 2.01 -26.33 -8.01
N PRO A 285 1.08 -27.24 -7.68
CA PRO A 285 1.08 -28.57 -8.30
C PRO A 285 0.89 -28.59 -9.81
N HIS A 286 0.18 -27.59 -10.33
CA HIS A 286 -0.02 -27.46 -11.76
C HIS A 286 1.12 -26.73 -12.48
N GLY A 287 2.10 -26.24 -11.74
CA GLY A 287 3.21 -25.50 -12.33
C GLY A 287 2.80 -24.08 -12.68
N PRO A 288 3.72 -23.29 -13.25
CA PRO A 288 3.44 -21.89 -13.53
C PRO A 288 2.31 -21.69 -14.49
N ARG A 289 1.48 -20.69 -14.24
CA ARG A 289 0.43 -20.34 -15.19
C ARG A 289 0.83 -19.21 -16.14
N PHE A 290 2.02 -18.65 -15.91
CA PHE A 290 2.64 -17.71 -16.83
C PHE A 290 3.59 -18.50 -17.75
N ARG A 291 3.88 -17.93 -18.91
CA ARG A 291 4.82 -18.52 -19.86
C ARG A 291 6.04 -17.63 -19.89
N LEU A 292 7.13 -18.10 -19.32
CA LEU A 292 8.39 -17.39 -19.36
C LEU A 292 9.30 -18.13 -20.32
N GLU A 293 9.81 -17.41 -21.31
CA GLU A 293 10.70 -17.95 -22.30
C GLU A 293 11.72 -16.84 -22.67
N GLY A 294 12.98 -17.07 -22.34
CA GLY A 294 14.01 -16.03 -22.45
C GLY A 294 13.65 -14.86 -21.52
N ASN A 295 13.53 -13.68 -22.09
CA ASN A 295 13.12 -12.51 -21.32
C ASN A 295 11.70 -12.06 -21.68
N ALA A 296 10.90 -12.99 -22.23
CA ALA A 296 9.50 -12.73 -22.60
C ALA A 296 8.58 -13.43 -21.62
N VAL A 297 7.53 -12.73 -21.21
CA VAL A 297 6.51 -13.27 -20.33
C VAL A 297 5.12 -13.08 -20.92
N LEU A 298 4.32 -14.14 -20.84
CA LEU A 298 2.88 -14.11 -21.10
C LEU A 298 2.17 -14.56 -19.83
N TYR A 299 1.17 -13.82 -19.38
CA TYR A 299 0.37 -14.14 -18.20
C TYR A 299 -1.04 -13.59 -18.39
N GLY A 300 -1.96 -14.47 -18.79
CA GLY A 300 -3.36 -14.11 -19.08
C GLY A 300 -3.45 -13.05 -20.16
N GLY A 301 -3.94 -11.87 -19.80
CA GLY A 301 -4.00 -10.75 -20.73
C GLY A 301 -2.62 -10.17 -21.06
N TRP A 302 -1.64 -10.38 -20.18
CA TRP A 302 -0.35 -9.68 -20.27
C TRP A 302 0.65 -10.27 -21.24
N SER A 303 1.45 -9.37 -21.80
CA SER A 303 2.64 -9.75 -22.53
C SER A 303 3.69 -8.67 -22.31
N PHE A 304 4.90 -9.05 -21.92
CA PHE A 304 5.98 -8.08 -21.71
C PHE A 304 7.36 -8.74 -21.79
N ALA A 305 8.38 -7.90 -21.90
CA ALA A 305 9.78 -8.33 -21.90
C ALA A 305 10.43 -7.65 -20.74
N PHE A 306 11.52 -8.20 -20.24
CA PHE A 306 12.21 -7.54 -19.13
C PHE A 306 13.68 -7.58 -19.36
N ARG A 307 14.39 -6.71 -18.67
CA ARG A 307 15.83 -6.79 -18.65
C ARG A 307 16.35 -6.25 -17.33
N LEU A 308 17.58 -6.62 -17.03
CA LEU A 308 18.25 -6.13 -15.86
C LEU A 308 19.49 -5.37 -16.34
N ARG A 309 19.38 -4.04 -16.37
CA ARG A 309 20.49 -3.19 -16.77
C ARG A 309 21.47 -3.11 -15.61
N SER A 310 22.72 -3.51 -15.87
CA SER A 310 23.75 -3.54 -14.85
C SER A 310 23.94 -2.19 -14.18
N SER A 311 23.83 -1.12 -14.95
CA SER A 311 24.02 0.21 -14.41
C SER A 311 22.85 0.59 -13.48
N SER A 312 21.63 0.52 -14.01
CA SER A 312 20.46 1.16 -13.37
C SER A 312 19.39 0.24 -12.76
N GLY A 313 19.35 -1.02 -13.15
CA GLY A 313 18.42 -1.98 -12.54
C GLY A 313 17.33 -2.48 -13.48
N LEU A 314 16.22 -2.92 -12.86
CA LEU A 314 15.16 -3.69 -13.51
C LEU A 314 14.32 -2.81 -14.42
N GLN A 315 13.96 -3.36 -15.58
CA GLN A 315 13.04 -2.71 -16.50
C GLN A 315 12.08 -3.73 -17.08
N VAL A 316 10.85 -3.31 -17.31
CA VAL A 316 9.93 -4.10 -18.13
C VAL A 316 9.65 -3.29 -19.37
N LEU A 317 9.58 -3.97 -20.51
CA LEU A 317 9.48 -3.33 -21.81
C LEU A 317 8.36 -3.92 -22.65
N ASN A 318 7.86 -3.10 -23.57
CA ASN A 318 6.86 -3.53 -24.54
C ASN A 318 5.66 -4.21 -23.87
N VAL A 319 5.11 -3.56 -22.86
CA VAL A 319 4.07 -4.13 -22.04
C VAL A 319 2.71 -4.00 -22.75
N HIS A 320 2.07 -5.13 -22.97
CA HIS A 320 0.76 -5.21 -23.60
C HIS A 320 -0.23 -5.84 -22.61
N PHE A 321 -1.49 -5.44 -22.72
CA PHE A 321 -2.59 -6.20 -22.13
C PHE A 321 -3.69 -6.31 -23.17
N GLY A 322 -4.14 -7.54 -23.39
CA GLY A 322 -5.16 -7.86 -24.38
C GLY A 322 -4.70 -7.65 -25.81
N GLY A 323 -3.39 -7.75 -26.05
CA GLY A 323 -2.83 -7.50 -27.37
C GLY A 323 -2.61 -6.03 -27.75
N GLU A 324 -2.83 -5.10 -26.82
CA GLU A 324 -2.60 -3.70 -27.08
C GLU A 324 -1.52 -3.16 -26.15
N ARG A 325 -0.65 -2.32 -26.69
CA ARG A 325 0.41 -1.73 -25.88
C ARG A 325 -0.12 -0.71 -24.87
N ILE A 326 0.45 -0.79 -23.66
CA ILE A 326 0.21 0.13 -22.54
CA ILE A 326 0.19 0.20 -22.63
C ILE A 326 1.45 1.00 -22.26
N ALA A 327 2.62 0.36 -22.28
CA ALA A 327 3.91 0.98 -21.92
C ALA A 327 5.05 0.42 -22.73
N TYR A 328 5.85 1.30 -23.35
CA TYR A 328 7.08 0.87 -24.00
C TYR A 328 8.19 0.48 -22.98
N GLU A 329 8.27 1.21 -21.87
CA GLU A 329 9.30 1.01 -20.84
C GLU A 329 8.80 1.49 -19.48
N VAL A 330 9.03 0.69 -18.44
CA VAL A 330 8.92 1.14 -17.07
C VAL A 330 10.25 0.71 -16.42
N SER A 331 11.03 1.67 -15.90
CA SER A 331 12.34 1.37 -15.37
C SER A 331 12.74 2.16 -14.14
N VAL A 332 13.52 1.50 -13.29
CA VAL A 332 14.20 2.15 -12.18
C VAL A 332 15.25 3.04 -12.82
N GLN A 333 15.37 4.28 -12.34
CA GLN A 333 16.32 5.24 -12.88
C GLN A 333 17.42 5.65 -11.90
N GLU A 334 17.04 5.80 -10.64
CA GLU A 334 17.96 6.22 -9.60
C GLU A 334 17.34 5.89 -8.22
N ALA A 335 18.22 5.70 -7.24
CA ALA A 335 17.83 5.45 -5.84
C ALA A 335 18.79 6.23 -4.97
N VAL A 336 18.27 7.11 -4.12
CA VAL A 336 19.10 8.01 -3.33
CA VAL A 336 19.15 7.94 -3.31
C VAL A 336 18.77 7.88 -1.84
N ALA A 337 19.78 8.14 -1.01
CA ALA A 337 19.62 8.26 0.39
C ALA A 337 20.41 9.52 0.84
N LEU A 338 19.70 10.51 1.35
CA LEU A 338 20.24 11.85 1.63
C LEU A 338 20.25 12.09 3.12
N TYR A 339 21.43 12.27 3.71
CA TYR A 339 21.60 12.19 5.15
C TYR A 339 21.86 13.56 5.76
N GLY A 340 21.63 13.63 7.06
CA GLY A 340 22.19 14.69 7.90
C GLY A 340 23.01 14.03 8.97
N GLY A 341 23.89 14.79 9.61
CA GLY A 341 24.71 14.26 10.68
C GLY A 341 25.48 15.27 11.53
N HIS A 342 25.84 14.81 12.72
CA HIS A 342 26.72 15.52 13.65
C HIS A 342 28.19 15.27 13.28
N THR A 343 28.48 14.13 12.65
CA THR A 343 29.86 13.81 12.22
C THR A 343 30.10 14.29 10.78
N PRO A 344 31.38 14.54 10.40
CA PRO A 344 31.66 15.01 9.05
C PRO A 344 31.24 14.01 7.96
N ALA A 345 31.43 12.73 8.23
CA ALA A 345 30.96 11.69 7.32
C ALA A 345 29.45 11.73 7.19
N GLY A 346 28.75 11.86 8.31
CA GLY A 346 27.31 11.92 8.31
C GLY A 346 26.80 13.12 7.54
N MET A 347 27.42 14.27 7.75
CA MET A 347 26.94 15.47 7.08
C MET A 347 27.32 15.53 5.61
N GLN A 348 28.24 14.67 5.20
CA GLN A 348 28.65 14.54 3.82
C GLN A 348 27.76 13.64 2.98
N THR A 349 27.08 12.68 3.59
CA THR A 349 26.49 11.54 2.87
C THR A 349 25.26 11.86 2.02
N LYS A 350 25.42 11.70 0.72
CA LYS A 350 24.31 11.66 -0.24
C LYS A 350 24.61 10.55 -1.22
N TYR A 351 24.12 9.35 -0.91
CA TYR A 351 24.37 8.21 -1.79
C TYR A 351 23.42 8.19 -2.98
N LEU A 352 23.99 8.05 -4.18
CA LEU A 352 23.26 7.84 -5.42
C LEU A 352 23.68 6.46 -5.99
N ASP A 353 22.77 5.49 -5.93
CA ASP A 353 23.14 4.09 -6.09
C ASP A 353 23.52 3.66 -7.51
N VAL A 354 23.06 4.38 -8.53
CA VAL A 354 23.44 4.07 -9.91
C VAL A 354 24.95 4.27 -10.08
N GLY A 355 25.54 5.14 -9.25
CA GLY A 355 26.98 5.32 -9.21
C GLY A 355 27.74 4.13 -8.66
N TRP A 356 27.02 3.10 -8.21
CA TRP A 356 27.63 1.88 -7.66
C TRP A 356 27.22 0.61 -8.35
N GLY A 357 26.53 0.72 -9.48
CA GLY A 357 26.06 -0.44 -10.22
C GLY A 357 24.87 -1.05 -9.51
N LEU A 358 23.82 -0.24 -9.36
CA LEU A 358 22.56 -0.66 -8.72
C LEU A 358 21.99 -1.95 -9.32
N GLY A 359 22.15 -2.10 -10.63
CA GLY A 359 21.73 -3.32 -11.32
C GLY A 359 22.71 -4.47 -11.31
N SER A 360 23.88 -4.28 -10.70
CA SER A 360 24.95 -5.30 -10.68
CA SER A 360 24.92 -5.31 -10.69
C SER A 360 25.08 -6.01 -9.33
N VAL A 361 24.37 -5.52 -8.32
CA VAL A 361 24.41 -6.08 -6.98
C VAL A 361 23.13 -6.88 -6.67
N THR A 362 22.72 -7.64 -7.67
CA THR A 362 21.58 -8.50 -7.64
C THR A 362 21.98 -9.87 -7.08
N HIS A 363 22.18 -9.91 -5.78
CA HIS A 363 22.69 -11.12 -5.14
C HIS A 363 21.61 -12.19 -4.90
N GLU A 364 22.08 -13.36 -4.53
CA GLU A 364 21.31 -14.58 -4.67
C GLU A 364 20.06 -14.56 -3.80
N LEU A 365 18.93 -14.80 -4.46
CA LEU A 365 17.64 -14.88 -3.81
C LEU A 365 17.48 -16.27 -3.18
N ALA A 366 17.12 -16.28 -1.90
CA ALA A 366 16.99 -17.51 -1.13
C ALA A 366 15.56 -18.05 -1.26
N PRO A 367 15.38 -19.23 -1.88
CA PRO A 367 14.05 -19.79 -2.11
C PRO A 367 13.31 -20.07 -0.83
N GLY A 368 12.07 -19.64 -0.79
CA GLY A 368 11.25 -19.73 0.39
C GLY A 368 11.37 -18.59 1.38
N ILE A 369 12.31 -17.68 1.16
CA ILE A 369 12.51 -16.55 2.06
C ILE A 369 12.36 -15.26 1.25
N ASP A 370 13.22 -15.09 0.24
CA ASP A 370 13.21 -13.90 -0.63
C ASP A 370 12.09 -13.94 -1.68
N CYS A 371 11.83 -15.13 -2.25
CA CYS A 371 10.67 -15.42 -3.09
C CYS A 371 10.04 -16.74 -2.57
N PRO A 372 8.77 -17.01 -2.92
CA PRO A 372 8.22 -18.33 -2.63
C PRO A 372 9.04 -19.48 -3.21
N GLU A 373 9.01 -20.63 -2.54
CA GLU A 373 9.70 -21.84 -3.01
C GLU A 373 9.19 -22.28 -4.38
N THR A 374 8.00 -21.85 -4.72
CA THR A 374 7.41 -22.17 -6.01
C THR A 374 7.87 -21.23 -7.17
N ALA A 375 8.66 -20.19 -6.88
CA ALA A 375 9.08 -19.22 -7.91
C ALA A 375 10.02 -19.83 -8.94
N THR A 376 10.04 -19.20 -10.12
CA THR A 376 11.07 -19.48 -11.12
C THR A 376 12.21 -18.51 -10.83
N PHE A 377 13.40 -19.07 -10.57
CA PHE A 377 14.59 -18.30 -10.28
C PHE A 377 15.48 -18.25 -11.50
N LEU A 378 16.02 -17.08 -11.80
CA LEU A 378 16.78 -16.85 -12.97
C LEU A 378 18.15 -16.32 -12.61
N ASP A 379 19.14 -16.83 -13.33
CA ASP A 379 20.52 -16.39 -13.23
C ASP A 379 20.77 -15.23 -14.20
N THR A 380 21.81 -14.45 -13.95
CA THR A 380 22.28 -13.54 -14.97
C THR A 380 23.78 -13.38 -14.91
N PHE A 381 24.31 -12.64 -15.88
CA PHE A 381 25.70 -12.25 -15.89
C PHE A 381 25.84 -10.73 -15.88
N HIS A 382 26.79 -10.25 -15.10
CA HIS A 382 27.21 -8.87 -15.11
C HIS A 382 28.71 -8.76 -15.41
N TYR A 383 29.07 -7.70 -16.13
CA TYR A 383 30.44 -7.25 -16.22
C TYR A 383 30.51 -5.83 -15.67
N TYR A 384 30.84 -5.71 -14.39
CA TYR A 384 30.92 -4.42 -13.68
C TYR A 384 32.09 -4.49 -12.70
N ASP A 385 33.17 -3.74 -12.97
CA ASP A 385 34.38 -3.80 -12.18
C ASP A 385 34.89 -5.24 -12.00
N ALA A 386 35.14 -5.92 -13.11
CA ALA A 386 35.43 -7.34 -13.10
C ALA A 386 36.47 -7.64 -14.16
N ASP A 387 37.23 -8.71 -13.96
CA ASP A 387 38.22 -9.16 -14.97
C ASP A 387 37.54 -9.97 -16.10
N ASP A 388 36.44 -10.63 -15.78
CA ASP A 388 35.69 -11.43 -16.77
C ASP A 388 34.20 -11.31 -16.42
N PRO A 389 33.30 -11.73 -17.33
CA PRO A 389 31.88 -11.78 -16.97
C PRO A 389 31.64 -12.68 -15.75
N VAL A 390 30.81 -12.19 -14.82
CA VAL A 390 30.57 -12.87 -13.54
C VAL A 390 29.15 -13.44 -13.51
N HIS A 391 29.02 -14.69 -13.05
CA HIS A 391 27.73 -15.37 -12.97
C HIS A 391 27.07 -15.11 -11.61
N TYR A 392 25.82 -14.64 -11.67
CA TYR A 392 25.04 -14.26 -10.49
C TYR A 392 23.88 -15.24 -10.46
N PRO A 393 23.91 -16.20 -9.53
CA PRO A 393 22.86 -17.19 -9.42
C PRO A 393 21.60 -16.58 -8.82
N ARG A 394 20.44 -16.96 -9.33
CA ARG A 394 19.16 -16.51 -8.75
C ARG A 394 19.11 -15.00 -8.52
N ALA A 395 19.52 -14.24 -9.53
CA ALA A 395 19.49 -12.81 -9.52
C ALA A 395 18.07 -12.25 -9.56
N LEU A 396 17.17 -12.95 -10.26
CA LEU A 396 15.79 -12.53 -10.43
C LEU A 396 14.85 -13.70 -10.11
N CYS A 397 13.60 -13.38 -9.81
CA CYS A 397 12.57 -14.41 -9.73
C CYS A 397 11.26 -13.91 -10.31
N LEU A 398 10.43 -14.87 -10.73
CA LEU A 398 9.13 -14.58 -11.26
C LEU A 398 8.24 -15.63 -10.64
N PHE A 399 7.12 -15.18 -10.08
CA PHE A 399 6.20 -16.05 -9.39
C PHE A 399 4.78 -15.47 -9.32
N GLU A 400 3.83 -16.42 -9.30
CA GLU A 400 2.45 -16.12 -9.04
C GLU A 400 2.17 -16.39 -7.59
N MET A 401 1.48 -15.45 -6.95
CA MET A 401 1.10 -15.64 -5.57
C MET A 401 -0.32 -15.22 -5.31
N PRO A 402 -1.00 -15.96 -4.44
CA PRO A 402 -2.30 -15.49 -4.00
C PRO A 402 -2.13 -14.23 -3.18
N THR A 403 -2.94 -13.21 -3.45
CA THR A 403 -2.85 -11.97 -2.69
C THR A 403 -3.55 -12.06 -1.33
N GLY A 404 -4.42 -13.04 -1.13
CA GLY A 404 -5.19 -13.16 0.09
C GLY A 404 -6.47 -12.31 0.12
N VAL A 405 -6.70 -11.53 -0.92
CA VAL A 405 -7.96 -10.78 -1.05
C VAL A 405 -8.56 -11.03 -2.45
N PRO A 406 -9.88 -11.31 -2.52
CA PRO A 406 -10.42 -11.57 -3.87
C PRO A 406 -10.27 -10.38 -4.82
N LEU A 407 -10.12 -10.65 -6.12
CA LEU A 407 -10.04 -9.57 -7.13
C LEU A 407 -11.39 -8.84 -7.21
N ARG A 408 -12.48 -9.62 -7.16
CA ARG A 408 -13.81 -9.06 -7.02
C ARG A 408 -14.64 -10.13 -6.36
N ARG A 409 -15.64 -9.70 -5.60
CA ARG A 409 -16.62 -10.61 -5.01
C ARG A 409 -17.90 -9.85 -4.71
N HIS A 410 -19.03 -10.59 -4.75
CA HIS A 410 -20.32 -10.06 -4.37
C HIS A 410 -21.27 -11.11 -3.83
N PHE A 411 -21.90 -10.81 -2.70
CA PHE A 411 -23.01 -11.60 -2.15
C PHE A 411 -24.31 -10.88 -2.50
N ASN A 412 -25.11 -11.46 -3.38
CA ASN A 412 -26.35 -10.89 -3.81
C ASN A 412 -27.49 -11.47 -2.94
N SER A 413 -27.76 -10.78 -1.83
CA SER A 413 -28.76 -11.18 -0.86
C SER A 413 -30.14 -11.09 -1.48
N ASN A 414 -31.04 -11.98 -1.08
CA ASN A 414 -32.47 -11.82 -1.36
C ASN A 414 -33.18 -11.03 -0.22
N PHE A 415 -32.45 -10.58 0.77
CA PHE A 415 -33.03 -9.84 1.90
C PHE A 415 -34.15 -10.58 2.63
N LYS A 416 -34.19 -11.91 2.46
CA LYS A 416 -35.22 -12.75 3.07
C LYS A 416 -34.61 -14.01 3.70
N GLY A 417 -33.39 -13.90 4.23
CA GLY A 417 -32.67 -15.04 4.82
C GLY A 417 -31.84 -15.93 3.89
N GLY A 418 -31.68 -15.48 2.64
CA GLY A 418 -30.89 -16.22 1.65
C GLY A 418 -30.30 -15.32 0.57
N PHE A 419 -30.08 -15.88 -0.61
CA PHE A 419 -29.33 -15.17 -1.66
C PHE A 419 -29.81 -15.55 -3.05
N ASN A 420 -29.47 -14.71 -4.00
CA ASN A 420 -29.68 -14.98 -5.43
C ASN A 420 -28.45 -15.57 -6.05
N PHE A 421 -27.29 -15.15 -5.53
CA PHE A 421 -26.01 -15.78 -5.89
C PHE A 421 -24.86 -15.22 -5.07
N TYR A 422 -23.78 -15.99 -4.93
CA TYR A 422 -22.47 -15.45 -4.55
C TYR A 422 -21.55 -15.59 -5.76
N ALA A 423 -20.79 -14.54 -6.06
CA ALA A 423 -19.77 -14.61 -7.13
C ALA A 423 -18.44 -14.11 -6.61
N GLY A 424 -17.37 -14.75 -7.02
CA GLY A 424 -16.04 -14.30 -6.65
C GLY A 424 -14.94 -14.86 -7.53
N LEU A 425 -13.86 -14.08 -7.63
CA LEU A 425 -12.66 -14.46 -8.33
C LEU A 425 -11.50 -14.37 -7.35
N LYS A 426 -10.86 -15.50 -7.07
CA LYS A 426 -9.74 -15.55 -6.13
C LYS A 426 -8.58 -14.63 -6.58
N GLY A 427 -8.00 -13.91 -5.63
CA GLY A 427 -6.91 -13.00 -5.93
C GLY A 427 -5.57 -13.68 -6.11
N GLN A 428 -4.94 -13.39 -7.26
CA GLN A 428 -3.61 -13.85 -7.63
C GLN A 428 -2.91 -12.63 -8.25
N VAL A 429 -1.57 -12.61 -8.20
CA VAL A 429 -0.75 -11.58 -8.87
CA VAL A 429 -0.75 -11.57 -8.83
C VAL A 429 0.56 -12.21 -9.32
N LEU A 430 1.09 -11.71 -10.43
CA LEU A 430 2.38 -12.14 -10.96
C LEU A 430 3.40 -11.11 -10.50
N VAL A 431 4.51 -11.58 -9.92
CA VAL A 431 5.58 -10.73 -9.38
C VAL A 431 6.92 -11.05 -10.05
N LEU A 432 7.50 -10.01 -10.68
CA LEU A 432 8.86 -10.02 -11.22
C LEU A 432 9.70 -9.24 -10.23
N ARG A 433 10.71 -9.91 -9.68
CA ARG A 433 11.49 -9.33 -8.59
C ARG A 433 12.99 -9.45 -8.80
N THR A 434 13.71 -8.40 -8.37
CA THR A 434 15.15 -8.52 -8.15
C THR A 434 15.45 -7.74 -6.88
N THR A 435 16.72 -7.70 -6.51
CA THR A 435 17.18 -6.96 -5.36
C THR A 435 18.42 -6.14 -5.73
N SER A 436 18.77 -5.22 -4.84
CA SER A 436 20.04 -4.52 -4.95
C SER A 436 20.59 -4.39 -3.56
N THR A 437 21.79 -4.95 -3.34
CA THR A 437 22.48 -4.79 -2.08
C THR A 437 23.83 -4.19 -2.41
N VAL A 438 23.92 -2.88 -2.43
CA VAL A 438 25.21 -2.23 -2.78
C VAL A 438 26.19 -2.36 -1.61
N TYR A 439 25.69 -2.18 -0.40
CA TYR A 439 26.52 -2.26 0.78
C TYR A 439 25.71 -2.69 2.00
N ASN A 440 25.06 -1.74 2.67
CA ASN A 440 24.36 -2.02 3.93
C ASN A 440 22.89 -2.33 3.73
N TPQ A 441 22.24 -1.59 2.83
CA TPQ A 441 20.81 -1.73 2.53
CB TPQ A 441 20.21 -0.41 1.99
C TPQ A 441 20.55 -2.79 1.47
O TPQ A 441 21.33 -2.93 0.53
C1 TPQ A 441 19.68 0.47 3.11
C2 TPQ A 441 20.16 1.86 3.24
O2 TPQ A 441 21.02 2.31 2.44
C3 TPQ A 441 19.63 2.71 4.33
C4 TPQ A 441 18.67 2.22 5.24
O4 TPQ A 441 18.24 2.94 6.15
C5 TPQ A 441 18.18 0.82 5.11
O5 TPQ A 441 17.33 0.39 5.92
C6 TPQ A 441 18.72 -0.02 4.01
N ASP A 442 19.43 -3.49 1.60
CA ASP A 442 18.93 -4.37 0.57
C ASP A 442 17.59 -3.80 0.07
N TYR A 443 17.56 -3.38 -1.19
CA TYR A 443 16.33 -2.94 -1.79
C TYR A 443 15.73 -4.07 -2.59
N ILE A 444 14.44 -4.30 -2.39
CA ILE A 444 13.71 -5.31 -3.10
C ILE A 444 12.84 -4.61 -4.14
N TRP A 445 13.09 -4.93 -5.41
CA TRP A 445 12.43 -4.28 -6.54
C TRP A 445 11.43 -5.24 -7.17
N ASP A 446 10.14 -4.87 -7.13
CA ASP A 446 9.06 -5.65 -7.71
C ASP A 446 8.33 -4.87 -8.83
N PHE A 447 8.01 -5.58 -9.90
CA PHE A 447 6.93 -5.22 -10.79
C PHE A 447 5.90 -6.33 -10.71
N ILE A 448 4.65 -5.93 -10.54
CA ILE A 448 3.53 -6.79 -10.19
C ILE A 448 2.41 -6.56 -11.24
N PHE A 449 1.81 -7.67 -11.66
CA PHE A 449 0.83 -7.68 -12.73
C PHE A 449 -0.40 -8.40 -12.24
N TYR A 450 -1.52 -7.66 -12.18
CA TYR A 450 -2.78 -8.17 -11.69
C TYR A 450 -3.57 -8.65 -12.88
N PRO A 451 -4.44 -9.65 -12.72
CA PRO A 451 -5.18 -10.19 -13.91
C PRO A 451 -6.12 -9.20 -14.59
N ASN A 452 -6.45 -8.11 -13.90
CA ASN A 452 -7.35 -7.07 -14.47
C ASN A 452 -6.65 -5.86 -15.16
N GLY A 453 -5.41 -6.00 -15.58
CA GLY A 453 -4.76 -4.95 -16.34
C GLY A 453 -4.07 -3.89 -15.49
N VAL A 454 -4.06 -4.09 -14.18
CA VAL A 454 -3.35 -3.21 -13.24
C VAL A 454 -1.91 -3.67 -13.03
N MET A 455 -0.94 -2.78 -13.24
N MET A 455 -0.95 -2.77 -13.27
CA MET A 455 0.43 -3.10 -12.87
CA MET A 455 0.47 -3.01 -12.97
C MET A 455 1.00 -2.12 -11.88
C MET A 455 0.86 -2.16 -11.76
N GLU A 456 1.82 -2.66 -10.99
CA GLU A 456 2.33 -1.92 -9.84
C GLU A 456 3.84 -2.05 -9.81
N ALA A 457 4.49 -0.95 -9.44
CA ALA A 457 5.92 -0.94 -9.17
C ALA A 457 6.06 -0.67 -7.69
N LYS A 458 6.99 -1.38 -7.05
CA LYS A 458 7.17 -1.31 -5.62
C LYS A 458 8.65 -1.45 -5.28
N MET A 459 9.10 -0.70 -4.29
CA MET A 459 10.41 -0.95 -3.70
C MET A 459 10.22 -1.15 -2.18
N HIS A 460 10.84 -2.18 -1.63
CA HIS A 460 10.88 -2.42 -0.21
C HIS A 460 12.32 -2.27 0.30
N ALA A 461 12.51 -1.54 1.38
CA ALA A 461 13.84 -1.35 1.99
C ALA A 461 14.04 -2.29 3.17
N THR A 462 15.14 -3.05 3.18
CA THR A 462 15.56 -3.79 4.37
C THR A 462 17.11 -3.79 4.47
N GLY A 463 17.72 -4.64 5.31
CA GLY A 463 19.14 -4.57 5.55
C GLY A 463 19.49 -3.59 6.66
N TYR A 464 20.74 -3.13 6.68
CA TYR A 464 21.30 -2.35 7.80
C TYR A 464 21.27 -0.87 7.50
N VAL A 465 21.00 -0.04 8.53
CA VAL A 465 21.09 1.41 8.40
C VAL A 465 22.55 1.95 8.31
N HIS A 466 22.68 3.14 7.71
CA HIS A 466 23.91 3.93 7.71
C HIS A 466 23.97 4.65 9.07
N ALA A 467 24.99 4.31 9.87
CA ALA A 467 25.06 4.73 11.25
C ALA A 467 26.42 5.32 11.59
N THR A 468 26.43 6.20 12.58
CA THR A 468 27.64 6.89 13.00
C THR A 468 27.82 6.80 14.51
N PHE A 469 29.00 7.19 14.98
CA PHE A 469 29.34 7.10 16.38
C PHE A 469 28.45 8.01 17.20
N TYR A 470 27.87 7.50 18.28
CA TYR A 470 27.06 8.34 19.18
C TYR A 470 27.90 9.40 19.91
N THR A 471 27.48 10.66 19.79
CA THR A 471 27.76 11.71 20.78
C THR A 471 26.43 12.44 21.01
N PRO A 472 26.28 13.19 22.13
CA PRO A 472 25.06 13.97 22.41
C PRO A 472 24.59 14.89 21.28
N GLU A 473 25.52 15.52 20.59
CA GLU A 473 25.21 16.37 19.44
C GLU A 473 24.51 15.62 18.30
N GLY A 474 24.68 14.30 18.26
CA GLY A 474 24.07 13.48 17.22
C GLY A 474 22.56 13.46 17.27
N LEU A 475 22.00 13.70 18.46
CA LEU A 475 20.54 13.61 18.63
C LEU A 475 19.75 14.67 17.88
N ARG A 476 20.39 15.73 17.43
CA ARG A 476 19.77 16.66 16.52
C ARG A 476 19.70 16.18 15.07
N HIS A 477 20.35 15.06 14.75
CA HIS A 477 20.39 14.56 13.37
C HIS A 477 20.06 13.08 13.28
N GLY A 478 19.44 12.55 14.31
CA GLY A 478 19.29 11.10 14.42
C GLY A 478 18.84 10.60 15.79
N THR A 479 18.94 9.29 15.95
CA THR A 479 18.38 8.58 17.08
C THR A 479 19.43 7.61 17.59
N ARG A 480 19.62 7.61 18.90
CA ARG A 480 20.53 6.66 19.55
C ARG A 480 19.92 5.28 19.51
N LEU A 481 20.61 4.33 18.90
CA LEU A 481 20.08 2.97 18.67
C LEU A 481 20.78 1.91 19.51
N HIS A 482 21.96 2.25 19.99
CA HIS A 482 22.73 1.38 20.87
C HIS A 482 23.68 2.26 21.66
N THR A 483 24.52 1.62 22.47
CA THR A 483 25.43 2.33 23.37
C THR A 483 26.24 3.37 22.62
N HIS A 484 26.89 2.98 21.53
CA HIS A 484 27.74 3.90 20.78
C HIS A 484 27.22 4.24 19.39
N LEU A 485 25.92 4.12 19.18
CA LEU A 485 25.37 4.11 17.83
C LEU A 485 24.27 5.15 17.61
N ILE A 486 24.44 5.98 16.59
CA ILE A 486 23.37 6.89 16.09
C ILE A 486 22.92 6.44 14.69
N GLY A 487 21.61 6.33 14.51
CA GLY A 487 21.02 6.23 13.19
C GLY A 487 20.70 7.63 12.69
N ASN A 488 21.48 8.09 11.72
CA ASN A 488 21.26 9.37 11.09
C ASN A 488 19.93 9.46 10.33
N ILE A 489 19.26 10.58 10.51
CA ILE A 489 18.10 10.94 9.74
C ILE A 489 18.45 11.01 8.26
N HIS A 490 17.52 10.58 7.42
CA HIS A 490 17.71 10.61 5.99
C HIS A 490 16.41 10.45 5.23
N THR A 491 16.46 10.69 3.92
CA THR A 491 15.32 10.42 3.05
C THR A 491 15.75 9.51 1.93
N HIS A 492 14.93 8.47 1.68
CA HIS A 492 15.07 7.62 0.54
C HIS A 492 14.24 8.22 -0.60
N LEU A 493 14.85 8.40 -1.77
CA LEU A 493 14.11 8.86 -2.94
C LEU A 493 14.45 7.94 -4.10
N VAL A 494 13.42 7.48 -4.81
CA VAL A 494 13.60 6.66 -6.00
C VAL A 494 12.90 7.31 -7.19
N HIS A 495 13.55 7.28 -8.35
CA HIS A 495 12.99 7.79 -9.58
C HIS A 495 12.70 6.67 -10.57
N TYR A 496 11.48 6.69 -11.13
CA TYR A 496 11.08 5.76 -12.17
C TYR A 496 10.84 6.48 -13.48
N ARG A 497 11.21 5.84 -14.57
CA ARG A 497 10.81 6.29 -15.92
C ARG A 497 9.67 5.43 -16.37
N VAL A 498 8.61 6.08 -16.84
CA VAL A 498 7.39 5.40 -17.21
C VAL A 498 6.93 5.85 -18.59
N ASP A 499 7.46 5.18 -19.61
CA ASP A 499 7.20 5.57 -20.99
C ASP A 499 5.93 4.85 -21.41
N LEU A 500 4.78 5.41 -21.05
CA LEU A 500 3.50 4.87 -21.46
C LEU A 500 3.30 5.21 -22.91
N ASP A 501 2.82 4.21 -23.67
CA ASP A 501 2.38 4.34 -25.03
C ASP A 501 0.95 3.76 -25.03
N VAL A 502 0.00 4.54 -24.53
CA VAL A 502 -1.35 4.03 -24.29
C VAL A 502 -2.07 3.76 -25.62
N ALA A 503 -2.34 2.48 -25.88
CA ALA A 503 -2.88 2.01 -27.15
C ALA A 503 -2.06 2.44 -28.37
N GLY A 504 -0.75 2.67 -28.22
CA GLY A 504 0.03 3.39 -29.26
C GLY A 504 0.85 4.56 -28.71
N THR A 505 1.74 5.10 -29.56
CA THR A 505 2.71 6.10 -29.15
CA THR A 505 2.72 6.12 -29.12
C THR A 505 2.12 7.48 -28.82
N LYS A 506 1.09 7.92 -29.56
CA LYS A 506 0.57 9.30 -29.40
C LYS A 506 -0.53 9.42 -28.34
N ASN A 507 -0.16 10.11 -27.27
CA ASN A 507 -1.02 10.30 -26.14
C ASN A 507 -1.13 11.79 -25.74
N SER A 508 -2.08 12.03 -24.85
CA SER A 508 -2.19 13.30 -24.16
CA SER A 508 -2.24 13.30 -24.15
C SER A 508 -2.27 13.03 -22.67
N PHE A 509 -2.17 14.08 -21.87
CA PHE A 509 -2.24 13.97 -20.43
C PHE A 509 -3.37 14.89 -19.93
N GLN A 510 -4.21 14.38 -19.04
CA GLN A 510 -5.29 15.17 -18.44
C GLN A 510 -5.48 14.74 -17.01
N THR A 511 -6.13 15.57 -16.22
CA THR A 511 -6.43 15.22 -14.83
C THR A 511 -7.91 15.41 -14.59
N LEU A 512 -8.46 14.65 -13.66
CA LEU A 512 -9.86 14.82 -13.26
C LEU A 512 -9.91 15.17 -11.79
N GLN A 513 -10.83 16.06 -11.43
CA GLN A 513 -11.03 16.48 -10.04
C GLN A 513 -12.55 16.54 -9.75
N MET A 514 -12.90 16.47 -8.48
CA MET A 514 -14.25 16.73 -8.06
C MET A 514 -14.37 18.20 -7.70
N LYS A 515 -15.40 18.87 -8.18
CA LYS A 515 -15.67 20.26 -7.83
C LYS A 515 -17.14 20.40 -7.49
N LEU A 516 -17.44 21.11 -6.41
CA LEU A 516 -18.82 21.26 -5.99
C LEU A 516 -19.52 22.30 -6.86
N GLU A 517 -20.82 22.09 -7.04
CA GLU A 517 -21.69 23.12 -7.61
C GLU A 517 -22.82 23.37 -6.57
N ASN A 518 -23.41 24.54 -6.64
CA ASN A 518 -24.48 24.92 -5.74
C ASN A 518 -25.60 25.38 -6.64
N ILE A 519 -26.67 24.57 -6.71
CA ILE A 519 -27.77 24.84 -7.62
C ILE A 519 -29.09 24.85 -6.85
N THR A 520 -30.14 25.39 -7.48
CA THR A 520 -31.49 25.28 -6.98
C THR A 520 -31.87 23.81 -6.98
N ASN A 521 -32.49 23.35 -5.90
CA ASN A 521 -33.00 21.99 -5.84
C ASN A 521 -34.14 21.90 -6.86
N PRO A 522 -33.96 21.06 -7.90
CA PRO A 522 -34.86 21.03 -9.02
C PRO A 522 -36.27 20.57 -8.67
N TRP A 523 -36.43 19.79 -7.60
CA TRP A 523 -37.75 19.29 -7.21
C TRP A 523 -38.29 19.98 -5.94
N SER A 524 -37.52 20.87 -5.30
CA SER A 524 -37.97 21.68 -4.15
C SER A 524 -37.28 23.05 -4.18
N PRO A 525 -37.80 23.96 -5.02
CA PRO A 525 -37.20 25.26 -5.39
C PRO A 525 -36.81 26.17 -4.24
N ARG A 526 -37.43 26.07 -3.07
CA ARG A 526 -36.99 26.85 -1.92
C ARG A 526 -35.67 26.35 -1.34
N HIS A 527 -35.13 25.24 -1.87
CA HIS A 527 -33.89 24.67 -1.34
C HIS A 527 -32.75 24.64 -2.33
N ARG A 528 -31.57 24.32 -1.81
CA ARG A 528 -30.35 24.20 -2.62
C ARG A 528 -29.85 22.77 -2.68
N VAL A 529 -29.17 22.42 -3.76
CA VAL A 529 -28.37 21.20 -3.81
C VAL A 529 -26.92 21.62 -3.95
N VAL A 530 -26.09 21.26 -2.99
CA VAL A 530 -24.66 21.47 -3.11
C VAL A 530 -24.02 20.11 -3.33
N GLN A 531 -23.45 19.87 -4.50
CA GLN A 531 -23.05 18.50 -4.85
C GLN A 531 -21.82 18.41 -5.76
N PRO A 532 -21.16 17.25 -5.77
CA PRO A 532 -20.02 16.96 -6.64
C PRO A 532 -20.36 17.05 -8.10
N THR A 533 -19.47 17.67 -8.85
CA THR A 533 -19.42 17.50 -10.29
C THR A 533 -18.03 17.03 -10.68
N LEU A 534 -17.91 16.54 -11.91
CA LEU A 534 -16.70 15.99 -12.48
C LEU A 534 -16.06 17.06 -13.33
N GLU A 535 -14.85 17.47 -12.97
CA GLU A 535 -14.07 18.47 -13.73
C GLU A 535 -12.86 17.82 -14.40
N GLN A 536 -12.65 18.17 -15.66
CA GLN A 536 -11.55 17.67 -16.47
C GLN A 536 -10.60 18.85 -16.80
N THR A 537 -9.31 18.65 -16.61
CA THR A 537 -8.29 19.62 -17.04
C THR A 537 -7.38 19.01 -18.08
N GLN A 538 -7.18 19.73 -19.19
CA GLN A 538 -6.26 19.33 -20.24
C GLN A 538 -4.93 20.05 -20.07
N TYR A 539 -3.86 19.40 -20.49
CA TYR A 539 -2.52 19.96 -20.35
C TYR A 539 -1.91 20.01 -21.74
N SER A 540 -1.36 21.18 -22.11
CA SER A 540 -0.79 21.35 -23.45
C SER A 540 0.73 21.44 -23.49
N TRP A 541 1.37 21.77 -22.37
CA TRP A 541 2.80 22.08 -22.36
C TRP A 541 3.46 21.39 -21.19
N GLU A 542 4.72 20.99 -21.36
CA GLU A 542 5.40 20.22 -20.33
C GLU A 542 5.34 20.86 -18.96
N ARG A 543 5.57 22.17 -18.89
CA ARG A 543 5.64 22.88 -17.60
CA ARG A 543 5.64 22.86 -17.60
C ARG A 543 4.33 22.78 -16.83
N GLN A 544 3.21 22.75 -17.53
CA GLN A 544 1.91 22.60 -16.88
C GLN A 544 1.77 21.22 -16.19
N ALA A 545 2.49 20.21 -16.69
CA ALA A 545 2.36 18.84 -16.16
C ALA A 545 3.54 18.43 -15.27
N ALA A 546 4.35 19.42 -14.85
CA ALA A 546 5.43 19.22 -13.91
C ALA A 546 4.95 19.61 -12.51
N PHE A 547 4.62 18.63 -11.69
CA PHE A 547 3.97 18.88 -10.41
C PHE A 547 5.04 18.85 -9.37
N ARG A 548 5.24 19.98 -8.69
CA ARG A 548 6.18 20.09 -7.59
C ARG A 548 5.48 19.58 -6.35
N PHE A 549 6.26 19.25 -5.34
CA PHE A 549 5.72 18.71 -4.08
C PHE A 549 4.85 19.72 -3.34
N LYS A 550 5.11 21.01 -3.51
CA LYS A 550 4.25 22.06 -2.97
C LYS A 550 2.89 22.14 -3.70
N ARG A 551 2.85 21.81 -4.99
CA ARG A 551 1.59 21.88 -5.76
C ARG A 551 0.62 20.74 -5.37
N LYS A 552 -0.68 21.04 -5.37
CA LYS A 552 -1.73 20.03 -5.17
C LYS A 552 -1.74 19.02 -6.34
N LEU A 553 -1.56 17.73 -6.05
CA LEU A 553 -1.50 16.69 -7.10
C LEU A 553 -2.91 16.14 -7.27
N PRO A 554 -3.49 16.27 -8.46
CA PRO A 554 -4.86 15.79 -8.66
C PRO A 554 -5.00 14.29 -8.40
N LYS A 555 -6.22 13.88 -8.05
CA LYS A 555 -6.49 12.50 -7.68
C LYS A 555 -6.55 11.58 -8.88
N TYR A 556 -6.83 12.12 -10.05
CA TYR A 556 -6.82 11.31 -11.27
C TYR A 556 -5.80 11.84 -12.26
N LEU A 557 -4.73 11.08 -12.47
CA LEU A 557 -3.67 11.46 -13.38
C LEU A 557 -3.79 10.50 -14.58
N LEU A 558 -4.28 11.00 -15.71
CA LEU A 558 -4.58 10.16 -16.88
C LEU A 558 -3.69 10.40 -18.12
N PHE A 559 -3.27 9.29 -18.71
CA PHE A 559 -2.56 9.27 -19.97
C PHE A 559 -3.52 8.67 -20.96
N THR A 560 -3.93 9.48 -21.94
CA THR A 560 -5.03 9.13 -22.82
C THR A 560 -4.63 8.95 -24.27
N SER A 561 -5.39 8.09 -24.93
CA SER A 561 -5.31 7.91 -26.36
C SER A 561 -6.47 8.65 -27.02
N PRO A 562 -6.31 9.08 -28.29
CA PRO A 562 -7.48 9.65 -28.92
C PRO A 562 -8.62 8.64 -29.18
N GLN A 563 -8.34 7.34 -29.19
CA GLN A 563 -9.38 6.32 -29.41
C GLN A 563 -10.38 6.25 -28.24
N GLU A 564 -11.66 6.09 -28.56
CA GLU A 564 -12.70 5.99 -27.53
C GLU A 564 -13.09 4.54 -27.30
N ASN A 565 -13.55 4.24 -26.08
CA ASN A 565 -14.16 2.94 -25.81
C ASN A 565 -15.59 2.94 -26.36
N PRO A 566 -16.34 1.83 -26.23
CA PRO A 566 -17.69 1.80 -26.79
C PRO A 566 -18.70 2.80 -26.20
N TRP A 567 -18.38 3.39 -25.05
CA TRP A 567 -19.30 4.26 -24.34
C TRP A 567 -18.97 5.72 -24.57
N GLY A 568 -18.02 5.98 -25.47
CA GLY A 568 -17.67 7.34 -25.88
C GLY A 568 -16.60 7.99 -25.04
N HIS A 569 -15.93 7.22 -24.17
CA HIS A 569 -14.86 7.80 -23.37
C HIS A 569 -13.48 7.45 -23.91
N LYS A 570 -12.55 8.39 -23.78
CA LYS A 570 -11.18 8.17 -24.24
C LYS A 570 -10.49 7.03 -23.44
N ARG A 571 -9.76 6.20 -24.15
CA ARG A 571 -9.07 5.07 -23.59
C ARG A 571 -7.85 5.61 -22.87
N SER A 572 -7.75 5.36 -21.57
CA SER A 572 -6.73 5.94 -20.74
CA SER A 572 -6.67 5.90 -20.80
C SER A 572 -6.12 4.91 -19.79
N TYR A 573 -4.93 5.24 -19.29
CA TYR A 573 -4.34 4.57 -18.13
C TYR A 573 -4.08 5.63 -17.08
N ARG A 574 -4.34 5.26 -15.84
CA ARG A 574 -4.27 6.14 -14.71
C ARG A 574 -3.06 5.79 -13.88
N LEU A 575 -2.33 6.81 -13.44
CA LEU A 575 -1.16 6.65 -12.59
C LEU A 575 -1.50 7.07 -11.16
N GLN A 576 -1.23 6.18 -10.22
CA GLN A 576 -1.53 6.41 -8.81
C GLN A 576 -0.23 6.21 -8.03
N ILE A 577 0.15 7.20 -7.25
CA ILE A 577 1.46 7.22 -6.59
C ILE A 577 1.28 6.91 -5.11
N HIS A 578 2.14 6.03 -4.58
N HIS A 578 2.09 5.98 -4.59
CA HIS A 578 2.13 5.71 -3.16
CA HIS A 578 2.17 5.68 -3.15
C HIS A 578 3.50 6.09 -2.60
C HIS A 578 3.53 6.12 -2.65
N SER A 579 3.55 7.23 -1.94
CA SER A 579 4.81 7.86 -1.51
C SER A 579 4.57 8.75 -0.30
N MET A 580 5.61 8.93 0.50
CA MET A 580 5.66 9.98 1.52
C MET A 580 6.83 10.93 1.28
N ALA A 581 7.23 11.10 0.02
CA ALA A 581 8.36 11.96 -0.34
C ALA A 581 7.98 13.42 -0.32
N ASP A 582 8.99 14.26 -0.26
CA ASP A 582 8.82 15.70 -0.19
C ASP A 582 10.11 16.31 -0.72
N GLN A 583 10.15 17.63 -0.88
CA GLN A 583 11.39 18.32 -1.29
C GLN A 583 12.46 18.17 -0.19
N VAL A 584 13.62 17.63 -0.52
CA VAL A 584 14.66 17.46 0.49
C VAL A 584 15.71 18.59 0.49
N LEU A 585 16.38 18.80 -0.62
CA LEU A 585 17.38 19.83 -0.71
C LEU A 585 16.75 21.05 -1.38
N PRO A 586 17.34 22.23 -1.18
CA PRO A 586 16.79 23.44 -1.80
C PRO A 586 17.05 23.44 -3.29
N PRO A 587 16.03 23.73 -4.11
CA PRO A 587 16.25 23.69 -5.55
C PRO A 587 17.34 24.65 -5.95
N GLY A 588 18.31 24.18 -6.72
CA GLY A 588 19.38 25.03 -7.22
C GLY A 588 20.62 25.10 -6.33
N TRP A 589 20.63 24.41 -5.19
CA TRP A 589 21.76 24.49 -4.29
C TRP A 589 22.75 23.32 -4.48
N GLN A 590 23.91 23.62 -5.05
CA GLN A 590 25.05 22.73 -5.12
C GLN A 590 24.74 21.30 -5.63
N GLU A 591 24.78 20.32 -4.75
CA GLU A 591 24.66 18.90 -5.12
C GLU A 591 23.24 18.56 -5.60
N GLU A 592 22.28 19.41 -5.28
CA GLU A 592 20.89 19.25 -5.75
C GLU A 592 20.79 19.20 -7.26
N GLN A 593 21.81 19.72 -7.95
CA GLN A 593 21.85 19.68 -9.41
C GLN A 593 21.81 18.24 -9.93
N ALA A 594 22.25 17.30 -9.09
CA ALA A 594 22.33 15.90 -9.44
C ALA A 594 20.97 15.19 -9.30
N ILE A 595 20.05 15.82 -8.53
CA ILE A 595 18.76 15.20 -8.23
C ILE A 595 17.57 16.14 -8.44
N THR A 596 17.60 16.89 -9.53
CA THR A 596 16.53 17.83 -9.86
C THR A 596 15.21 17.15 -10.16
N TRP A 597 15.25 15.87 -10.56
CA TRP A 597 14.05 15.03 -10.67
C TRP A 597 13.28 14.91 -9.37
N ALA A 598 13.98 15.03 -8.24
CA ALA A 598 13.36 14.89 -6.91
C ALA A 598 12.53 16.12 -6.53
N ARG A 599 12.45 17.11 -7.41
CA ARG A 599 11.50 18.23 -7.23
C ARG A 599 10.08 17.82 -7.54
N TYR A 600 9.95 16.75 -8.33
CA TYR A 600 8.70 16.40 -9.00
C TYR A 600 8.20 14.98 -8.63
N PRO A 601 7.09 14.88 -7.88
CA PRO A 601 6.47 13.55 -7.79
C PRO A 601 6.05 13.02 -9.15
N LEU A 602 5.59 13.92 -10.02
CA LEU A 602 5.24 13.59 -11.40
C LEU A 602 5.71 14.70 -12.33
N ALA A 603 6.39 14.33 -13.40
CA ALA A 603 6.65 15.25 -14.50
C ALA A 603 6.44 14.49 -15.81
N VAL A 604 5.95 15.19 -16.81
CA VAL A 604 5.68 14.59 -18.12
C VAL A 604 6.57 15.26 -19.15
N THR A 605 7.32 14.48 -19.93
CA THR A 605 8.17 15.04 -20.98
C THR A 605 7.82 14.44 -22.33
N LYS A 606 8.19 15.17 -23.37
CA LYS A 606 8.17 14.62 -24.73
C LYS A 606 9.36 13.68 -24.94
N TYR A 607 9.09 12.49 -25.49
CA TYR A 607 10.10 11.46 -25.76
C TYR A 607 11.25 12.00 -26.62
N ARG A 608 12.46 11.59 -26.28
CA ARG A 608 13.63 11.97 -27.06
C ARG A 608 14.75 10.98 -26.71
N GLU A 609 15.42 10.46 -27.75
CA GLU A 609 16.55 9.51 -27.59
C GLU A 609 17.70 10.11 -26.77
N SER A 610 17.83 11.42 -26.77
CA SER A 610 18.85 12.06 -25.94
C SER A 610 18.43 12.24 -24.50
N GLU A 611 17.23 11.79 -24.10
CA GLU A 611 16.74 11.97 -22.71
C GLU A 611 16.20 10.66 -22.14
N LEU A 612 16.91 9.56 -22.37
CA LEU A 612 16.39 8.24 -21.99
C LEU A 612 16.55 7.98 -20.50
N CYS A 613 17.44 8.76 -19.85
CA CYS A 613 17.79 8.54 -18.46
C CYS A 613 17.81 9.80 -17.64
N SER A 614 17.37 9.70 -16.40
CA SER A 614 17.43 10.87 -15.52
C SER A 614 18.67 10.86 -14.68
N SER A 615 19.43 9.78 -14.66
CA SER A 615 20.66 9.77 -13.88
C SER A 615 21.79 9.13 -14.66
N SER A 616 22.88 8.81 -13.99
CA SER A 616 24.02 8.15 -14.64
C SER A 616 24.97 7.62 -13.61
N ILE A 617 25.90 6.76 -14.04
CA ILE A 617 26.95 6.28 -13.14
C ILE A 617 27.90 7.36 -12.65
N TYR A 618 27.85 8.55 -13.23
CA TYR A 618 28.81 9.62 -12.92
C TYR A 618 28.25 10.61 -11.90
N HIS A 619 26.93 10.57 -11.69
CA HIS A 619 26.28 11.55 -10.82
C HIS A 619 26.78 11.52 -9.37
N GLN A 620 27.04 10.32 -8.85
CA GLN A 620 27.44 10.16 -7.43
C GLN A 620 28.69 10.96 -7.08
N ASN A 621 29.68 10.92 -7.97
CA ASN A 621 30.99 11.51 -7.69
C ASN A 621 31.23 12.88 -8.35
N ASP A 622 30.33 13.35 -9.21
CA ASP A 622 30.28 14.79 -9.58
C ASP A 622 28.84 15.29 -9.63
N PRO A 623 28.20 15.40 -8.47
CA PRO A 623 26.82 15.91 -8.32
C PRO A 623 26.68 17.39 -8.65
N TRP A 624 27.80 18.12 -8.61
CA TRP A 624 27.81 19.54 -8.92
C TRP A 624 27.67 19.77 -10.41
N ASP A 625 28.20 18.90 -11.25
CA ASP A 625 28.18 19.14 -12.70
C ASP A 625 27.93 17.85 -13.48
N PRO A 626 26.77 17.21 -13.27
CA PRO A 626 26.55 15.88 -13.86
C PRO A 626 26.17 15.93 -15.32
N PRO A 627 26.27 14.78 -16.02
CA PRO A 627 26.00 14.76 -17.46
C PRO A 627 24.53 14.85 -17.83
N VAL A 628 23.63 14.61 -16.88
CA VAL A 628 22.19 14.73 -17.11
C VAL A 628 21.61 15.58 -15.97
N VAL A 629 20.87 16.63 -16.31
CA VAL A 629 20.15 17.42 -15.30
C VAL A 629 18.68 17.36 -15.65
N PHE A 630 17.89 16.64 -14.86
CA PHE A 630 16.52 16.36 -15.27
C PHE A 630 15.72 17.63 -15.60
N GLU A 631 15.90 18.68 -14.79
CA GLU A 631 15.22 19.98 -14.96
C GLU A 631 15.36 20.52 -16.39
N GLN A 632 16.50 20.22 -17.02
CA GLN A 632 16.73 20.68 -18.38
C GLN A 632 15.78 20.07 -19.40
N PHE A 633 15.24 18.89 -19.13
CA PHE A 633 14.24 18.28 -20.04
C PHE A 633 12.94 19.13 -20.09
N LEU A 634 12.70 19.93 -19.06
CA LEU A 634 11.51 20.81 -18.98
C LEU A 634 11.79 22.22 -19.50
N HIS A 635 13.04 22.58 -19.69
CA HIS A 635 13.38 23.93 -20.17
C HIS A 635 12.66 24.35 -21.43
N ASN A 636 12.57 23.48 -22.42
CA ASN A 636 11.97 23.91 -23.67
C ASN A 636 10.45 23.85 -23.68
N ASN A 637 9.84 23.41 -22.58
CA ASN A 637 8.39 23.52 -22.41
C ASN A 637 7.63 23.13 -23.67
N GLU A 638 7.88 21.91 -24.10
CA GLU A 638 7.33 21.45 -25.35
C GLU A 638 5.85 21.13 -25.28
N ASN A 639 5.21 21.22 -26.45
CA ASN A 639 3.82 20.85 -26.59
C ASN A 639 3.65 19.35 -26.37
N ILE A 640 2.71 18.97 -25.50
CA ILE A 640 2.48 17.56 -25.17
C ILE A 640 1.06 17.09 -25.49
N GLU A 641 0.43 17.74 -26.48
CA GLU A 641 -0.85 17.27 -27.04
C GLU A 641 -0.56 16.27 -28.17
N ASN A 642 -1.05 15.06 -28.09
CA ASN A 642 -0.85 14.09 -29.17
CA ASN A 642 -0.86 14.07 -29.16
C ASN A 642 0.63 13.91 -29.49
N GLU A 643 1.40 13.53 -28.47
CA GLU A 643 2.84 13.27 -28.63
CA GLU A 643 2.83 13.29 -28.60
C GLU A 643 3.18 11.96 -27.94
N ASP A 644 4.40 11.49 -28.20
CA ASP A 644 4.98 10.40 -27.45
C ASP A 644 5.44 10.96 -26.10
N LEU A 645 4.72 10.62 -25.04
CA LEU A 645 4.97 11.16 -23.71
C LEU A 645 5.72 10.16 -22.84
N VAL A 646 6.43 10.69 -21.87
CA VAL A 646 7.10 9.92 -20.84
C VAL A 646 6.72 10.53 -19.49
N ALA A 647 6.17 9.72 -18.59
CA ALA A 647 5.93 10.11 -17.21
C ALA A 647 7.17 9.76 -16.37
N TRP A 648 7.52 10.64 -15.46
CA TRP A 648 8.63 10.38 -14.57
C TRP A 648 8.12 10.56 -13.18
N VAL A 649 8.35 9.53 -12.35
CA VAL A 649 7.77 9.46 -11.02
C VAL A 649 8.81 9.38 -9.91
N THR A 650 8.68 10.27 -8.94
CA THR A 650 9.49 10.24 -7.72
C THR A 650 8.65 9.70 -6.56
N VAL A 651 9.14 8.62 -5.95
CA VAL A 651 8.57 8.10 -4.72
C VAL A 651 9.66 8.04 -3.68
N GLY A 652 9.24 8.04 -2.41
CA GLY A 652 10.19 8.01 -1.32
C GLY A 652 9.58 8.20 0.06
N PHE A 653 10.48 8.30 1.03
CA PHE A 653 10.11 8.46 2.44
C PHE A 653 11.26 8.93 3.31
N LEU A 654 10.90 9.78 4.27
CA LEU A 654 11.76 10.16 5.37
C LEU A 654 11.88 8.97 6.31
N HIS A 655 13.12 8.63 6.63
CA HIS A 655 13.41 7.58 7.60
C HIS A 655 14.18 8.22 8.79
N ILE A 656 13.49 8.29 9.93
CA ILE A 656 14.12 8.64 11.21
C ILE A 656 14.34 7.33 11.91
N PRO A 657 15.60 6.89 12.05
CA PRO A 657 15.80 5.57 12.65
C PRO A 657 15.28 5.46 14.08
N HIS A 658 14.95 4.25 14.47
CA HIS A 658 14.45 3.95 15.79
C HIS A 658 14.98 2.58 16.20
N SER A 659 14.86 2.25 17.49
CA SER A 659 15.53 1.07 18.02
C SER A 659 15.11 -0.21 17.34
N GLU A 660 13.88 -0.26 16.82
CA GLU A 660 13.42 -1.45 16.12
C GLU A 660 14.14 -1.71 14.79
N ASP A 661 14.86 -0.71 14.26
CA ASP A 661 15.74 -0.93 13.09
C ASP A 661 17.00 -1.77 13.42
N ILE A 662 17.18 -2.22 14.68
CA ILE A 662 18.33 -3.03 15.05
C ILE A 662 17.93 -4.51 15.16
N PRO A 663 18.60 -5.39 14.41
CA PRO A 663 19.75 -5.18 13.55
C PRO A 663 19.44 -4.68 12.14
N ASN A 664 18.23 -4.89 11.64
CA ASN A 664 17.88 -4.44 10.29
C ASN A 664 16.54 -3.68 10.23
N THR A 665 16.43 -2.75 9.28
N THR A 665 16.42 -2.75 9.29
CA THR A 665 15.15 -2.18 8.92
CA THR A 665 15.12 -2.17 8.98
C THR A 665 14.30 -3.33 8.35
C THR A 665 14.31 -3.29 8.34
N ALA A 666 13.02 -3.35 8.67
CA ALA A 666 12.13 -4.41 8.18
C ALA A 666 11.21 -3.83 7.10
N THR A 667 10.62 -4.70 6.28
CA THR A 667 9.81 -4.29 5.15
C THR A 667 8.40 -3.74 5.47
N PRO A 668 7.76 -4.21 6.56
CA PRO A 668 6.36 -3.75 6.75
C PRO A 668 6.25 -2.25 6.91
N GLY A 669 5.38 -1.64 6.12
CA GLY A 669 5.24 -0.19 6.08
C GLY A 669 6.40 0.55 5.46
N ASN A 670 7.40 -0.16 4.96
CA ASN A 670 8.58 0.49 4.41
C ASN A 670 8.66 0.26 2.90
N SER A 671 7.53 0.39 2.22
CA SER A 671 7.55 0.30 0.76
C SER A 671 6.87 1.49 0.08
N VAL A 672 7.32 1.80 -1.13
CA VAL A 672 6.77 2.88 -1.93
C VAL A 672 6.69 2.45 -3.37
N GLY A 673 5.92 3.17 -4.15
CA GLY A 673 5.88 2.90 -5.59
C GLY A 673 4.64 3.50 -6.17
N PHE A 674 4.12 2.87 -7.24
CA PHE A 674 2.95 3.38 -7.95
C PHE A 674 2.18 2.29 -8.70
N LEU A 675 0.91 2.59 -9.03
CA LEU A 675 0.07 1.73 -9.87
C LEU A 675 -0.28 2.39 -11.20
N LEU A 676 -0.38 1.56 -12.21
CA LEU A 676 -0.92 1.93 -13.50
C LEU A 676 -2.20 1.11 -13.66
N ARG A 677 -3.33 1.80 -13.80
CA ARG A 677 -4.66 1.19 -13.81
CA ARG A 677 -4.60 1.13 -13.87
C ARG A 677 -5.44 1.62 -15.05
N PRO A 678 -6.11 0.68 -15.72
CA PRO A 678 -6.88 1.07 -16.90
C PRO A 678 -8.07 1.94 -16.52
N PHE A 679 -8.38 2.92 -17.36
CA PHE A 679 -9.46 3.86 -17.06
C PHE A 679 -10.14 4.15 -18.38
N ASN A 680 -11.27 3.49 -18.59
CA ASN A 680 -12.02 3.52 -19.83
C ASN A 680 -11.21 2.95 -21.01
N PHE A 681 -10.16 2.20 -20.70
CA PHE A 681 -9.35 1.55 -21.74
C PHE A 681 -10.06 0.36 -22.38
N PHE A 682 -10.71 -0.45 -21.55
CA PHE A 682 -11.38 -1.66 -21.96
C PHE A 682 -12.91 -1.45 -21.83
N PRO A 683 -13.68 -2.18 -22.64
CA PRO A 683 -15.12 -1.94 -22.61
C PRO A 683 -15.81 -2.34 -21.27
N GLU A 684 -15.20 -3.28 -20.56
CA GLU A 684 -15.66 -3.75 -19.26
C GLU A 684 -14.42 -4.37 -18.57
N ASP A 685 -14.63 -4.92 -17.37
CA ASP A 685 -13.53 -5.50 -16.58
C ASP A 685 -12.71 -6.57 -17.34
N PRO A 686 -11.42 -6.28 -17.65
CA PRO A 686 -10.67 -7.22 -18.49
C PRO A 686 -10.36 -8.55 -17.80
N SER A 687 -10.54 -8.65 -16.47
CA SER A 687 -10.40 -9.96 -15.81
C SER A 687 -11.55 -10.91 -16.13
N LEU A 688 -12.61 -10.43 -16.79
CA LEU A 688 -13.75 -11.29 -17.07
C LEU A 688 -13.42 -12.53 -17.92
N ALA A 689 -12.34 -12.49 -18.66
CA ALA A 689 -11.91 -13.66 -19.41
C ALA A 689 -11.31 -14.74 -18.50
N SER A 690 -11.06 -14.44 -17.22
CA SER A 690 -10.51 -15.45 -16.33
C SER A 690 -11.54 -16.56 -16.10
N ARG A 691 -11.11 -17.81 -16.16
CA ARG A 691 -11.99 -18.93 -15.91
C ARG A 691 -11.95 -19.42 -14.45
N ASP A 692 -11.25 -18.70 -13.56
CA ASP A 692 -11.16 -19.03 -12.13
C ASP A 692 -12.38 -18.55 -11.38
N THR A 693 -13.16 -17.68 -12.00
CA THR A 693 -14.41 -17.21 -11.40
C THR A 693 -15.30 -18.35 -10.91
N VAL A 694 -15.86 -18.20 -9.72
CA VAL A 694 -16.87 -19.12 -9.22
C VAL A 694 -18.15 -18.36 -8.87
N ILE A 695 -19.28 -18.95 -9.25
CA ILE A 695 -20.59 -18.44 -8.90
C ILE A 695 -21.42 -19.57 -8.27
N VAL A 696 -21.93 -19.32 -7.06
CA VAL A 696 -22.80 -20.26 -6.35
C VAL A 696 -24.24 -19.76 -6.49
N TRP A 697 -25.12 -20.65 -6.92
CA TRP A 697 -26.52 -20.33 -7.15
C TRP A 697 -27.43 -21.18 -6.25
N PRO A 698 -28.48 -20.60 -5.69
CA PRO A 698 -29.42 -21.38 -4.93
C PRO A 698 -30.27 -22.31 -5.81
N ARG A 699 -30.74 -23.41 -5.22
CA ARG A 699 -31.66 -24.33 -5.88
CA ARG A 699 -31.68 -24.32 -5.88
C ARG A 699 -32.84 -24.62 -4.94
N ASP A 700 -34.06 -24.55 -5.45
CA ASP A 700 -35.23 -24.82 -4.59
C ASP A 700 -35.20 -26.23 -4.03
N ASN A 701 -35.32 -26.35 -2.71
CA ASN A 701 -35.31 -27.65 -2.04
C ASN A 701 -34.09 -28.53 -2.27
N GLY A 702 -32.95 -27.95 -2.64
CA GLY A 702 -31.73 -28.75 -2.86
C GLY A 702 -30.45 -28.03 -2.45
N PRO A 703 -29.29 -28.71 -2.57
CA PRO A 703 -28.04 -28.04 -2.31
C PRO A 703 -27.75 -27.05 -3.44
N ASN A 704 -26.90 -26.06 -3.16
CA ASN A 704 -26.62 -25.00 -4.15
C ASN A 704 -25.88 -25.57 -5.37
N TYR A 705 -25.96 -24.90 -6.49
CA TYR A 705 -25.14 -25.23 -7.67
C TYR A 705 -23.89 -24.35 -7.71
N VAL A 706 -22.72 -24.97 -7.58
CA VAL A 706 -21.43 -24.27 -7.65
C VAL A 706 -20.95 -24.29 -9.11
N GLN A 707 -21.12 -23.17 -9.81
CA GLN A 707 -20.74 -23.07 -11.21
C GLN A 707 -19.25 -22.70 -11.28
N ARG A 708 -18.51 -23.49 -12.04
CA ARG A 708 -17.07 -23.33 -12.26
C ARG A 708 -16.75 -23.44 -13.72
N TRP A 709 -15.61 -22.89 -14.10
CA TRP A 709 -15.09 -23.09 -15.43
C TRP A 709 -13.71 -23.76 -15.42
N ILE A 710 -13.22 -24.06 -14.23
CA ILE A 710 -11.98 -24.82 -14.02
C ILE A 710 -12.27 -25.73 -12.84
N PRO A 711 -11.84 -27.00 -12.89
CA PRO A 711 -12.24 -27.87 -11.75
C PRO A 711 -11.58 -27.49 -10.43
N GLU A 712 -12.25 -27.80 -9.34
CA GLU A 712 -11.72 -27.56 -8.02
C GLU A 712 -10.40 -28.31 -7.86
N ASP A 713 -9.36 -27.64 -7.39
CA ASP A 713 -8.05 -28.24 -7.19
C ASP A 713 -7.80 -28.53 -5.72
N ARG A 714 -7.42 -29.75 -5.38
CA ARG A 714 -6.92 -29.96 -4.03
C ARG A 714 -5.59 -30.72 -4.05
N ASP A 715 -4.92 -30.72 -5.21
CA ASP A 715 -3.68 -31.47 -5.41
C ASP A 715 -2.51 -30.93 -4.65
N CYS A 716 -1.48 -31.77 -4.60
CA CYS A 716 -0.31 -31.54 -3.78
C CYS A 716 0.98 -31.73 -4.52
N SER A 717 1.99 -31.01 -4.07
CA SER A 717 3.32 -31.11 -4.65
C SER A 717 4.30 -30.67 -3.60
N MET A 718 5.58 -30.92 -3.85
CA MET A 718 6.63 -30.50 -2.92
C MET A 718 7.72 -29.76 -3.66
N PRO A 719 8.27 -28.72 -3.02
CA PRO A 719 9.37 -28.01 -3.65
C PRO A 719 10.67 -28.75 -3.46
N PRO A 720 11.71 -28.39 -4.24
CA PRO A 720 12.99 -29.03 -3.98
C PRO A 720 13.53 -28.58 -2.64
N PRO A 721 14.42 -29.38 -2.04
CA PRO A 721 15.03 -28.95 -0.79
C PRO A 721 15.75 -27.62 -0.97
N PHE A 722 15.80 -26.83 0.10
CA PHE A 722 16.48 -25.56 0.11
C PHE A 722 17.96 -25.72 -0.20
N SER A 723 18.47 -24.88 -1.09
CA SER A 723 19.92 -24.72 -1.23
C SER A 723 20.25 -23.24 -1.36
N TYR A 724 21.51 -22.91 -1.09
CA TYR A 724 22.01 -21.56 -1.25
C TYR A 724 23.52 -21.62 -1.47
N ASN A 725 24.00 -20.87 -2.46
CA ASN A 725 25.39 -20.93 -2.88
C ASN A 725 26.26 -19.84 -2.29
N GLY A 726 25.93 -18.58 -2.54
CA GLY A 726 26.62 -17.46 -1.88
C GLY A 726 27.78 -16.86 -2.68
N THR A 727 28.18 -17.55 -3.74
CA THR A 727 29.27 -17.09 -4.58
C THR A 727 28.78 -16.67 -5.96
N TYR A 728 29.59 -15.83 -6.59
CA TYR A 728 29.27 -15.23 -7.89
C TYR A 728 30.62 -15.05 -8.57
N ARG A 729 30.82 -15.78 -9.67
CA ARG A 729 32.14 -15.98 -10.24
C ARG A 729 32.05 -16.15 -11.75
N PRO A 730 33.14 -15.87 -12.46
CA PRO A 730 33.12 -16.18 -13.90
C PRO A 730 32.85 -17.64 -14.20
N VAL A 731 32.28 -17.90 -15.36
CA VAL A 731 32.07 -19.25 -15.87
C VAL A 731 32.70 -19.27 -17.24
N ARG B 8 -11.20 -17.06 29.76
CA ARG B 8 -10.72 -15.85 29.04
C ARG B 8 -11.31 -14.60 29.70
N LYS B 9 -10.43 -13.64 30.02
CA LYS B 9 -10.85 -12.28 30.36
C LYS B 9 -11.43 -11.56 29.14
N ALA B 10 -10.93 -11.92 27.94
CA ALA B 10 -11.43 -11.42 26.65
C ALA B 10 -12.96 -11.47 26.48
N GLY B 11 -13.61 -12.40 27.18
CA GLY B 11 -15.06 -12.48 27.23
C GLY B 11 -15.81 -11.22 27.59
N VAL B 12 -15.18 -10.34 28.38
CA VAL B 12 -15.76 -9.02 28.68
C VAL B 12 -16.06 -8.20 27.40
N PHE B 13 -15.28 -8.48 26.35
CA PHE B 13 -15.42 -7.80 25.06
C PHE B 13 -16.28 -8.59 24.03
N SER B 14 -16.74 -9.79 24.40
CA SER B 14 -17.39 -10.64 23.41
C SER B 14 -18.84 -10.27 23.14
N ASP B 15 -19.24 -10.54 21.90
CA ASP B 15 -20.60 -10.34 21.47
C ASP B 15 -21.52 -11.31 22.17
N LEU B 16 -22.81 -10.99 22.13
CA LEU B 16 -23.82 -11.87 22.70
C LEU B 16 -23.90 -13.17 21.94
N SER B 17 -24.02 -14.28 22.66
CA SER B 17 -24.31 -15.58 22.08
C SER B 17 -25.76 -15.62 21.63
N ASN B 18 -26.09 -16.66 20.88
CA ASN B 18 -27.46 -16.97 20.55
C ASN B 18 -28.31 -17.05 21.84
N GLN B 19 -27.78 -17.70 22.87
CA GLN B 19 -28.49 -17.87 24.12
C GLN B 19 -28.77 -16.52 24.80
N GLU B 20 -27.76 -15.65 24.85
CA GLU B 20 -27.93 -14.32 25.43
C GLU B 20 -28.93 -13.45 24.67
N LEU B 21 -28.93 -13.53 23.33
CA LEU B 21 -29.88 -12.71 22.55
C LEU B 21 -31.33 -13.14 22.81
N LYS B 22 -31.55 -14.44 22.86
CA LYS B 22 -32.86 -15.01 23.20
C LYS B 22 -33.29 -14.60 24.60
N ALA B 23 -32.33 -14.55 25.52
CA ALA B 23 -32.62 -14.17 26.90
C ALA B 23 -33.05 -12.70 26.99
N VAL B 24 -32.40 -11.83 26.24
CA VAL B 24 -32.78 -10.41 26.25
C VAL B 24 -34.16 -10.23 25.60
N HIS B 25 -34.34 -10.94 24.49
CA HIS B 25 -35.59 -10.91 23.74
C HIS B 25 -36.76 -11.44 24.55
N SER B 26 -36.57 -12.58 25.21
CA SER B 26 -37.62 -13.15 26.06
CA SER B 26 -37.59 -13.17 26.08
C SER B 26 -38.00 -12.20 27.17
N PHE B 27 -37.00 -11.62 27.82
CA PHE B 27 -37.23 -10.68 28.90
C PHE B 27 -38.12 -9.50 28.46
N LEU B 28 -37.74 -8.85 27.34
CA LEU B 28 -38.49 -7.73 26.83
C LEU B 28 -39.91 -8.17 26.47
N TRP B 29 -40.05 -9.34 25.84
CA TRP B 29 -41.36 -9.84 25.44
C TRP B 29 -42.25 -10.21 26.63
N SER B 30 -41.65 -10.49 27.77
CA SER B 30 -42.43 -10.77 28.98
C SER B 30 -43.02 -9.49 29.60
N LYS B 31 -42.66 -8.31 29.07
CA LYS B 31 -43.22 -7.05 29.57
C LYS B 31 -44.43 -6.64 28.72
N LYS B 32 -45.62 -7.02 29.18
CA LYS B 32 -46.83 -6.93 28.34
C LYS B 32 -47.16 -5.49 27.96
N GLU B 33 -46.73 -4.55 28.79
CA GLU B 33 -47.03 -3.15 28.54
C GLU B 33 -46.23 -2.52 27.38
N LEU B 34 -45.21 -3.22 26.88
CA LEU B 34 -44.47 -2.77 25.69
C LEU B 34 -45.22 -3.03 24.38
N ARG B 35 -46.23 -3.91 24.43
CA ARG B 35 -47.08 -4.22 23.28
C ARG B 35 -46.26 -4.65 22.05
N LEU B 36 -45.21 -5.43 22.30
CA LEU B 36 -44.25 -5.81 21.28
C LEU B 36 -44.83 -6.73 20.23
N GLN B 37 -44.46 -6.48 18.99
CA GLN B 37 -44.82 -7.33 17.88
C GLN B 37 -43.55 -7.67 17.08
N PRO B 38 -43.61 -8.73 16.25
CA PRO B 38 -42.42 -9.08 15.45
C PRO B 38 -42.05 -8.05 14.38
N SER B 39 -40.74 -7.96 14.11
CA SER B 39 -40.20 -7.12 13.04
C SER B 39 -40.97 -7.35 11.74
N SER B 40 -41.35 -8.61 11.49
CA SER B 40 -42.00 -8.99 10.22
C SER B 40 -43.45 -8.56 10.05
N THR B 41 -44.09 -8.06 11.11
CA THR B 41 -45.48 -7.61 10.99
C THR B 41 -45.55 -6.41 10.04
N THR B 42 -46.54 -6.43 9.13
CA THR B 42 -46.59 -5.48 8.01
C THR B 42 -47.30 -4.16 8.35
N THR B 43 -46.84 -3.49 9.40
CA THR B 43 -47.36 -2.17 9.72
C THR B 43 -46.25 -1.43 10.42
N MET B 44 -46.21 -0.12 10.22
CA MET B 44 -45.28 0.74 10.92
C MET B 44 -45.82 1.11 12.32
N ALA B 45 -47.12 0.86 12.55
CA ALA B 45 -47.78 1.26 13.81
C ALA B 45 -47.69 0.10 14.80
N LYS B 46 -46.47 -0.27 15.17
CA LYS B 46 -46.20 -1.36 16.09
C LYS B 46 -44.98 -0.98 16.89
N ASN B 47 -44.91 -1.55 18.08
CA ASN B 47 -43.71 -1.50 18.89
C ASN B 47 -42.92 -2.79 18.61
N THR B 48 -41.62 -2.66 18.37
CA THR B 48 -40.81 -3.81 18.04
CA THR B 48 -40.78 -3.82 18.01
C THR B 48 -39.36 -3.57 18.47
N VAL B 49 -38.69 -4.64 18.89
CA VAL B 49 -37.27 -4.56 19.24
C VAL B 49 -36.49 -4.65 17.93
N PHE B 50 -35.79 -3.59 17.56
CA PHE B 50 -35.15 -3.49 16.27
C PHE B 50 -33.72 -4.09 16.29
N LEU B 51 -32.98 -3.87 17.37
CA LEU B 51 -31.58 -4.27 17.47
C LEU B 51 -31.29 -4.65 18.90
N ILE B 52 -30.58 -5.77 19.10
CA ILE B 52 -29.99 -6.15 20.38
C ILE B 52 -28.49 -6.48 20.15
N GLU B 53 -27.61 -5.83 20.91
CA GLU B 53 -26.18 -6.13 20.90
C GLU B 53 -25.55 -5.87 22.26
N MET B 54 -24.34 -6.36 22.46
CA MET B 54 -23.64 -6.17 23.74
C MET B 54 -23.28 -4.70 23.91
N LEU B 55 -23.49 -4.18 25.13
CA LEU B 55 -23.15 -2.82 25.51
C LEU B 55 -21.91 -2.86 26.40
N LEU B 56 -20.78 -2.42 25.85
CA LEU B 56 -19.49 -2.52 26.53
C LEU B 56 -19.50 -1.74 27.84
N PRO B 57 -18.97 -2.34 28.92
CA PRO B 57 -18.85 -1.57 30.17
C PRO B 57 -17.84 -0.43 30.06
N LYS B 58 -17.85 0.42 31.07
CA LYS B 58 -16.95 1.55 31.11
C LYS B 58 -15.49 1.08 31.23
N LYS B 59 -14.61 1.81 30.53
CA LYS B 59 -13.20 1.45 30.43
C LYS B 59 -12.58 1.34 31.83
N TYR B 60 -12.95 2.25 32.72
CA TYR B 60 -12.47 2.26 34.12
C TYR B 60 -12.66 0.90 34.79
N HIS B 61 -13.86 0.33 34.68
CA HIS B 61 -14.16 -0.97 35.27
C HIS B 61 -13.49 -2.14 34.53
N VAL B 62 -13.39 -2.02 33.19
CA VAL B 62 -12.74 -3.06 32.40
C VAL B 62 -11.25 -3.15 32.75
N LEU B 63 -10.56 -2.02 32.86
CA LEU B 63 -9.12 -2.04 33.12
C LEU B 63 -8.82 -2.50 34.54
N ARG B 64 -9.71 -2.18 35.49
CA ARG B 64 -9.57 -2.70 36.88
C ARG B 64 -9.70 -4.21 36.90
N PHE B 65 -10.62 -4.73 36.09
CA PHE B 65 -10.79 -6.17 35.92
C PHE B 65 -9.57 -6.83 35.29
N LEU B 66 -9.08 -6.24 34.20
CA LEU B 66 -7.99 -6.82 33.42
C LEU B 66 -6.64 -6.63 34.12
N ASP B 67 -6.42 -5.45 34.68
CA ASP B 67 -5.10 -5.10 35.17
C ASP B 67 -4.94 -5.18 36.69
N LYS B 68 -6.01 -5.04 37.45
CA LYS B 68 -5.89 -4.94 38.91
C LYS B 68 -6.66 -6.02 39.64
N GLY B 69 -7.04 -7.07 38.92
CA GLY B 69 -7.68 -8.25 39.50
C GLY B 69 -9.02 -8.04 40.19
N GLU B 70 -9.78 -7.02 39.78
CA GLU B 70 -11.07 -6.71 40.40
C GLU B 70 -12.19 -7.50 39.72
N ARG B 71 -13.43 -7.21 40.08
CA ARG B 71 -14.57 -8.00 39.62
C ARG B 71 -14.83 -7.79 38.13
N HIS B 72 -15.21 -8.86 37.44
CA HIS B 72 -15.76 -8.77 36.11
C HIS B 72 -16.84 -7.71 36.13
N PRO B 73 -16.82 -6.77 35.16
CA PRO B 73 -17.90 -5.79 35.09
C PRO B 73 -19.23 -6.47 34.83
N VAL B 74 -20.31 -5.77 35.15
CA VAL B 74 -21.65 -6.23 34.79
C VAL B 74 -21.78 -6.30 33.28
N ARG B 75 -22.29 -7.43 32.78
CA ARG B 75 -22.54 -7.60 31.34
C ARG B 75 -23.99 -7.21 31.00
N GLU B 76 -24.16 -6.35 30.00
CA GLU B 76 -25.47 -5.82 29.60
C GLU B 76 -25.68 -5.87 28.08
N ALA B 77 -26.93 -5.69 27.67
CA ALA B 77 -27.29 -5.51 26.26
C ALA B 77 -27.80 -4.10 26.01
N ARG B 78 -27.54 -3.61 24.80
CA ARG B 78 -28.23 -2.47 24.20
C ARG B 78 -29.44 -3.01 23.45
N ALA B 79 -30.62 -2.47 23.72
CA ALA B 79 -31.82 -2.84 22.99
C ALA B 79 -32.41 -1.56 22.46
N VAL B 80 -32.63 -1.53 21.14
CA VAL B 80 -33.23 -0.38 20.49
C VAL B 80 -34.69 -0.75 20.19
N ILE B 81 -35.63 0.00 20.75
CA ILE B 81 -37.04 -0.29 20.52
C ILE B 81 -37.70 0.80 19.73
N PHE B 82 -38.40 0.40 18.67
CA PHE B 82 -39.18 1.30 17.85
C PHE B 82 -40.55 1.30 18.49
N PHE B 83 -40.96 2.42 19.06
CA PHE B 83 -42.32 2.58 19.64
C PHE B 83 -43.22 3.28 18.63
N GLY B 84 -43.78 2.51 17.71
CA GLY B 84 -44.64 3.07 16.68
C GLY B 84 -46.12 2.96 17.01
N ASP B 85 -46.46 2.21 18.05
CA ASP B 85 -47.85 1.96 18.44
C ASP B 85 -48.25 2.93 19.56
N GLN B 86 -48.11 4.22 19.30
CA GLN B 86 -48.50 5.26 20.24
C GLN B 86 -48.74 6.53 19.45
N GLU B 87 -49.42 7.53 20.07
CA GLU B 87 -49.78 8.77 19.39
C GLU B 87 -48.55 9.50 18.84
N HIS B 88 -47.48 9.51 19.62
CA HIS B 88 -46.25 10.20 19.24
C HIS B 88 -45.12 9.19 19.15
N PRO B 89 -44.97 8.56 17.98
CA PRO B 89 -43.97 7.48 17.86
C PRO B 89 -42.55 7.93 18.13
N ASN B 90 -41.75 7.09 18.76
CA ASN B 90 -40.33 7.40 18.91
C ASN B 90 -39.47 6.17 18.91
N VAL B 91 -38.17 6.37 18.91
CA VAL B 91 -37.22 5.29 19.16
C VAL B 91 -36.59 5.58 20.48
N THR B 92 -36.51 4.58 21.35
CA THR B 92 -35.79 4.71 22.63
C THR B 92 -34.87 3.51 22.81
N GLU B 93 -33.70 3.76 23.36
CA GLU B 93 -32.71 2.71 23.60
C GLU B 93 -32.61 2.39 25.09
N PHE B 94 -32.43 1.11 25.39
CA PHE B 94 -32.30 0.63 26.77
C PHE B 94 -31.02 -0.20 27.04
N ALA B 95 -30.49 -0.06 28.26
CA ALA B 95 -29.52 -1.02 28.78
C ALA B 95 -30.32 -2.15 29.46
N VAL B 96 -30.19 -3.37 28.93
CA VAL B 96 -30.86 -4.54 29.51
C VAL B 96 -29.86 -5.50 30.14
N GLY B 97 -30.10 -5.85 31.40
CA GLY B 97 -29.16 -6.70 32.15
C GLY B 97 -29.71 -7.20 33.49
N PRO B 98 -28.86 -7.89 34.28
CA PRO B 98 -27.51 -8.34 33.91
C PRO B 98 -27.62 -9.56 33.05
N LEU B 99 -26.49 -10.05 32.56
CA LEU B 99 -26.42 -11.26 31.79
C LEU B 99 -25.39 -12.17 32.45
N PRO B 100 -25.77 -13.43 32.72
CA PRO B 100 -27.09 -14.03 32.53
C PRO B 100 -28.16 -13.52 33.53
N GLY B 101 -29.42 -13.81 33.20
CA GLY B 101 -30.56 -13.52 34.08
C GLY B 101 -30.96 -12.06 34.08
N PRO B 102 -31.41 -11.51 32.93
CA PRO B 102 -31.72 -10.08 32.94
C PRO B 102 -32.91 -9.75 33.83
N CYS B 103 -32.85 -8.62 34.52
CA CYS B 103 -34.03 -8.22 35.27
C CYS B 103 -34.28 -6.70 35.34
N TYR B 104 -33.47 -5.89 34.65
CA TYR B 104 -33.75 -4.46 34.51
C TYR B 104 -33.67 -3.99 33.05
N MET B 105 -34.19 -2.80 32.83
CA MET B 105 -34.32 -2.20 31.53
C MET B 105 -34.21 -0.69 31.75
N ARG B 106 -33.02 -0.15 31.56
CA ARG B 106 -32.77 1.27 31.83
C ARG B 106 -32.60 2.08 30.52
N ALA B 107 -33.40 3.14 30.39
CA ALA B 107 -33.40 4.00 29.21
C ALA B 107 -32.08 4.76 29.05
N LEU B 108 -31.62 4.94 27.81
CA LEU B 108 -30.32 5.56 27.54
C LEU B 108 -30.47 6.90 26.82
N SER B 109 -29.52 7.80 27.06
CA SER B 109 -29.28 8.95 26.19
C SER B 109 -30.56 9.69 25.74
N PRO B 110 -31.19 10.42 26.66
CA PRO B 110 -32.29 11.35 26.31
C PRO B 110 -31.84 12.55 25.46
N ARG B 111 -32.69 13.08 24.60
CA ARG B 111 -32.39 14.29 23.79
C ARG B 111 -33.53 15.32 23.90
N PRO B 112 -33.51 16.14 24.96
CA PRO B 112 -34.59 17.10 25.22
C PRO B 112 -34.69 18.09 24.11
N GLY B 113 -35.91 18.31 23.62
CA GLY B 113 -36.12 19.25 22.53
C GLY B 113 -36.03 18.68 21.13
N TYR B 114 -35.48 17.47 20.97
CA TYR B 114 -35.33 16.85 19.63
C TYR B 114 -36.61 16.14 19.27
N GLN B 115 -37.17 16.44 18.11
CA GLN B 115 -38.51 15.95 17.76
C GLN B 115 -38.55 14.96 16.61
N SER B 116 -37.40 14.58 16.07
CA SER B 116 -37.38 13.83 14.79
C SER B 116 -36.94 12.38 14.99
N SER B 117 -37.06 11.88 16.21
CA SER B 117 -36.64 10.52 16.56
C SER B 117 -37.19 9.48 15.57
N TRP B 118 -38.47 9.58 15.25
CA TRP B 118 -39.12 8.55 14.47
C TRP B 118 -38.60 8.56 13.03
N ALA B 119 -38.53 9.76 12.44
CA ALA B 119 -38.03 9.97 11.08
C ALA B 119 -36.59 9.50 10.95
N SER B 120 -35.84 9.60 12.04
CA SER B 120 -34.40 9.29 12.04
C SER B 120 -34.12 7.78 11.96
N ARG B 121 -35.16 6.98 12.19
CA ARG B 121 -34.93 5.57 12.43
C ARG B 121 -34.57 4.86 11.11
N PRO B 122 -33.73 3.80 11.20
CA PRO B 122 -33.44 3.00 10.00
C PRO B 122 -34.68 2.44 9.27
N ILE B 123 -34.52 2.14 7.98
CA ILE B 123 -35.54 1.42 7.21
C ILE B 123 -35.50 -0.06 7.62
N SER B 124 -36.57 -0.79 7.37
CA SER B 124 -36.68 -2.21 7.78
C SER B 124 -37.33 -3.01 6.66
N THR B 125 -37.22 -4.34 6.72
CA THR B 125 -37.85 -5.21 5.74
C THR B 125 -39.35 -4.95 5.62
N ALA B 126 -40.05 -4.75 6.74
CA ALA B 126 -41.49 -4.51 6.72
C ALA B 126 -41.82 -3.21 6.01
N GLU B 127 -40.97 -2.21 6.17
CA GLU B 127 -41.18 -0.91 5.52
C GLU B 127 -41.02 -1.04 4.00
N TYR B 128 -40.01 -1.80 3.58
CA TYR B 128 -39.81 -2.10 2.15
C TYR B 128 -40.98 -2.85 1.54
N ALA B 129 -41.47 -3.87 2.22
CA ALA B 129 -42.67 -4.57 1.76
C ALA B 129 -43.85 -3.60 1.55
N LEU B 130 -43.98 -2.59 2.42
CA LEU B 130 -45.09 -1.66 2.31
C LEU B 130 -44.81 -0.69 1.17
N LEU B 131 -43.56 -0.30 1.00
CA LEU B 131 -43.21 0.57 -0.11
C LEU B 131 -43.49 -0.13 -1.45
N TYR B 132 -43.20 -1.42 -1.55
CA TYR B 132 -43.50 -2.15 -2.78
C TYR B 132 -45.01 -2.11 -3.07
N HIS B 133 -45.82 -2.32 -2.05
CA HIS B 133 -47.27 -2.28 -2.23
C HIS B 133 -47.69 -0.90 -2.77
N THR B 134 -47.12 0.15 -2.18
CA THR B 134 -47.42 1.53 -2.56
C THR B 134 -47.05 1.76 -4.01
N LEU B 135 -45.88 1.27 -4.42
CA LEU B 135 -45.46 1.48 -5.80
C LEU B 135 -46.37 0.71 -6.74
N GLN B 136 -46.73 -0.51 -6.35
CA GLN B 136 -47.55 -1.36 -7.22
C GLN B 136 -48.88 -0.68 -7.47
N GLU B 137 -49.49 -0.14 -6.41
CA GLU B 137 -50.75 0.56 -6.58
C GLU B 137 -50.58 1.87 -7.30
N ALA B 138 -49.65 2.71 -6.86
CA ALA B 138 -49.48 4.05 -7.42
C ALA B 138 -49.06 4.06 -8.90
N THR B 139 -48.30 3.07 -9.35
CA THR B 139 -47.84 3.04 -10.74
C THR B 139 -48.79 2.32 -11.69
N LYS B 140 -49.97 1.90 -11.24
CA LYS B 140 -50.89 1.19 -12.14
C LYS B 140 -51.18 1.93 -13.47
N PRO B 141 -51.34 3.26 -13.43
CA PRO B 141 -51.57 3.96 -14.69
C PRO B 141 -50.40 3.84 -15.66
N LEU B 142 -49.20 3.53 -15.14
CA LEU B 142 -47.99 3.39 -15.97
C LEU B 142 -47.74 1.96 -16.50
N HIS B 143 -48.71 1.08 -16.34
CA HIS B 143 -48.52 -0.32 -16.70
C HIS B 143 -48.13 -0.52 -18.16
N GLN B 144 -48.88 0.12 -19.08
CA GLN B 144 -48.57 0.03 -20.52
C GLN B 144 -47.23 0.75 -20.86
N PHE B 145 -46.99 1.90 -20.26
CA PHE B 145 -45.70 2.61 -20.37
C PHE B 145 -44.54 1.66 -19.96
N PHE B 146 -44.70 0.92 -18.85
CA PHE B 146 -43.65 -0.01 -18.41
C PHE B 146 -43.42 -1.09 -19.44
N LEU B 147 -44.51 -1.71 -19.89
CA LEU B 147 -44.40 -2.81 -20.85
C LEU B 147 -43.74 -2.32 -22.12
N ASN B 148 -44.19 -1.18 -22.68
CA ASN B 148 -43.62 -0.72 -23.94
C ASN B 148 -42.15 -0.25 -23.84
N THR B 149 -41.80 0.40 -22.74
CA THR B 149 -40.46 0.95 -22.62
C THR B 149 -39.43 -0.05 -22.10
N THR B 150 -39.87 -1.00 -21.27
CA THR B 150 -38.94 -1.91 -20.60
C THR B 150 -39.24 -3.39 -20.81
N GLY B 151 -40.49 -3.73 -21.15
CA GLY B 151 -40.93 -5.12 -21.21
C GLY B 151 -41.14 -5.77 -19.85
N PHE B 152 -40.95 -5.00 -18.77
CA PHE B 152 -41.07 -5.48 -17.40
C PHE B 152 -42.17 -4.65 -16.75
N SER B 153 -42.66 -5.05 -15.58
CA SER B 153 -43.66 -4.27 -14.85
C SER B 153 -43.72 -4.66 -13.38
N PHE B 154 -44.66 -4.07 -12.62
CA PHE B 154 -44.87 -4.45 -11.23
C PHE B 154 -46.04 -5.45 -11.04
N GLN B 155 -46.75 -5.79 -12.11
CA GLN B 155 -47.98 -6.57 -11.97
C GLN B 155 -47.97 -7.78 -12.88
N ASP B 156 -48.24 -8.93 -12.29
CA ASP B 156 -48.20 -10.21 -12.99
C ASP B 156 -46.93 -10.33 -13.80
N CYS B 157 -45.80 -10.01 -13.17
CA CYS B 157 -44.57 -9.81 -13.90
C CYS B 157 -43.65 -11.01 -13.87
N HIS B 158 -43.70 -11.79 -12.80
CA HIS B 158 -43.04 -13.11 -12.74
C HIS B 158 -41.50 -13.02 -12.93
N ASP B 159 -40.97 -13.44 -14.08
CA ASP B 159 -39.53 -13.34 -14.34
C ASP B 159 -39.11 -11.99 -14.97
N ARG B 160 -40.04 -11.05 -15.07
CA ARG B 160 -39.80 -9.76 -15.71
C ARG B 160 -40.32 -8.64 -14.83
N CYS B 161 -39.78 -8.58 -13.62
CA CYS B 161 -40.30 -7.66 -12.62
C CYS B 161 -39.41 -6.45 -12.51
N LEU B 162 -40.03 -5.29 -12.37
CA LEU B 162 -39.32 -4.09 -11.95
C LEU B 162 -39.00 -4.17 -10.46
N ALA B 163 -37.91 -3.50 -10.08
CA ALA B 163 -37.51 -3.38 -8.69
C ALA B 163 -37.15 -1.93 -8.43
N PHE B 164 -36.90 -1.61 -7.16
CA PHE B 164 -36.36 -0.29 -6.80
C PHE B 164 -35.17 -0.30 -5.83
N THR B 165 -34.29 0.68 -6.04
CA THR B 165 -33.19 0.97 -5.14
C THR B 165 -33.54 2.27 -4.42
N ASP B 166 -33.65 2.26 -3.09
CA ASP B 166 -33.89 3.50 -2.40
C ASP B 166 -32.59 4.26 -2.14
N VAL B 167 -32.78 5.55 -1.95
CA VAL B 167 -31.70 6.47 -1.75
C VAL B 167 -31.97 7.14 -0.39
N ALA B 168 -30.91 7.48 0.31
CA ALA B 168 -30.99 8.25 1.57
C ALA B 168 -29.89 9.31 1.49
N PRO B 169 -30.05 10.46 2.21
CA PRO B 169 -31.15 10.76 3.15
C PRO B 169 -32.46 11.10 2.46
N ARG B 170 -33.52 11.22 3.26
CA ARG B 170 -34.89 11.11 2.80
C ARG B 170 -35.66 12.40 2.98
N GLY B 171 -35.25 13.42 2.22
CA GLY B 171 -35.87 14.72 2.28
C GLY B 171 -34.86 15.83 2.29
N VAL B 172 -35.31 17.00 2.74
CA VAL B 172 -34.52 18.23 2.71
C VAL B 172 -34.31 18.81 4.10
N ALA B 173 -34.90 18.20 5.13
CA ALA B 173 -34.84 18.72 6.48
C ALA B 173 -35.13 17.63 7.52
N SER B 174 -34.68 17.88 8.75
CA SER B 174 -34.91 17.00 9.87
C SER B 174 -36.38 16.73 10.09
N GLY B 175 -36.75 15.45 10.18
CA GLY B 175 -38.15 15.06 10.41
C GLY B 175 -38.84 14.52 9.17
N GLN B 176 -38.25 14.74 8.00
CA GLN B 176 -38.84 14.24 6.75
C GLN B 176 -38.49 12.76 6.52
N ARG B 177 -39.38 12.05 5.84
CA ARG B 177 -39.14 10.68 5.37
C ARG B 177 -39.70 10.55 3.95
N ARG B 178 -38.97 11.18 3.03
CA ARG B 178 -39.37 11.33 1.64
C ARG B 178 -38.24 10.79 0.80
N SER B 179 -38.44 9.64 0.17
CA SER B 179 -37.34 8.88 -0.45
C SER B 179 -37.46 8.82 -1.97
N TRP B 180 -36.38 9.17 -2.67
CA TRP B 180 -36.25 8.92 -4.11
C TRP B 180 -35.90 7.46 -4.31
N LEU B 181 -36.63 6.83 -5.21
CA LEU B 181 -36.48 5.41 -5.54
C LEU B 181 -36.10 5.30 -7.00
N ILE B 182 -35.02 4.57 -7.26
CA ILE B 182 -34.52 4.35 -8.60
C ILE B 182 -35.14 3.06 -9.12
N ILE B 183 -35.92 3.15 -10.20
CA ILE B 183 -36.58 1.97 -10.73
C ILE B 183 -35.61 1.20 -11.62
N GLN B 184 -35.57 -0.10 -11.42
CA GLN B 184 -34.64 -0.97 -12.13
C GLN B 184 -35.33 -2.23 -12.65
N ARG B 185 -34.73 -2.86 -13.65
CA ARG B 185 -35.18 -4.18 -14.08
C ARG B 185 -34.53 -5.24 -13.20
N TYR B 186 -35.34 -6.11 -12.61
CA TYR B 186 -34.81 -7.09 -11.70
C TYR B 186 -34.27 -8.32 -12.45
N VAL B 187 -33.03 -8.23 -12.91
CA VAL B 187 -32.28 -9.32 -13.55
C VAL B 187 -30.96 -9.57 -12.78
N GLU B 188 -30.14 -10.51 -13.22
CA GLU B 188 -28.82 -10.74 -12.60
C GLU B 188 -28.02 -9.44 -12.57
N GLY B 189 -27.55 -9.04 -11.39
CA GLY B 189 -26.83 -7.75 -11.20
C GLY B 189 -27.74 -6.54 -11.51
N TYR B 190 -28.98 -6.61 -11.01
CA TYR B 190 -30.05 -5.61 -11.28
C TYR B 190 -29.66 -4.15 -10.99
N PHE B 191 -28.64 -3.98 -10.13
CA PHE B 191 -28.10 -2.65 -9.78
C PHE B 191 -27.74 -1.81 -10.98
N LEU B 192 -27.31 -2.46 -12.05
CA LEU B 192 -26.81 -1.80 -13.25
C LEU B 192 -27.89 -1.69 -14.34
N HIS B 193 -29.17 -1.83 -13.95
CA HIS B 193 -30.26 -1.82 -14.93
C HIS B 193 -31.35 -0.77 -14.66
N PRO B 194 -30.96 0.52 -14.50
CA PRO B 194 -31.98 1.53 -14.25
C PRO B 194 -32.87 1.72 -15.50
N THR B 195 -34.15 2.00 -15.33
CA THR B 195 -35.08 2.17 -16.46
C THR B 195 -35.23 3.62 -16.94
N GLY B 196 -34.79 4.58 -16.14
CA GLY B 196 -34.93 6.01 -16.47
C GLY B 196 -36.01 6.71 -15.67
N LEU B 197 -36.77 5.93 -14.91
CA LEU B 197 -37.78 6.41 -13.97
C LEU B 197 -37.26 6.43 -12.53
N GLU B 198 -37.55 7.52 -11.83
CA GLU B 198 -37.32 7.67 -10.39
C GLU B 198 -38.60 8.23 -9.77
N LEU B 199 -38.92 7.78 -8.56
CA LEU B 199 -40.10 8.21 -7.84
C LEU B 199 -39.83 8.66 -6.40
N LEU B 200 -40.42 9.81 -6.04
CA LEU B 200 -40.32 10.32 -4.67
C LEU B 200 -41.56 9.91 -3.92
N VAL B 201 -41.36 9.10 -2.87
CA VAL B 201 -42.44 8.63 -2.02
C VAL B 201 -42.35 9.25 -0.62
N ASP B 202 -43.44 9.86 -0.17
CA ASP B 202 -43.54 10.29 1.21
C ASP B 202 -44.06 9.12 2.04
N HIS B 203 -43.22 8.58 2.91
CA HIS B 203 -43.63 7.43 3.73
C HIS B 203 -43.45 7.70 5.22
N GLY B 204 -43.71 8.94 5.64
CA GLY B 204 -43.59 9.35 7.03
C GLY B 204 -44.62 8.79 8.00
N SER B 205 -45.87 8.71 7.55
CA SER B 205 -47.01 8.29 8.38
C SER B 205 -46.84 6.86 8.88
N THR B 206 -47.27 6.57 10.09
CA THR B 206 -47.34 5.17 10.51
C THR B 206 -48.49 4.40 9.84
N ASP B 207 -49.37 5.10 9.11
CA ASP B 207 -50.40 4.45 8.32
C ASP B 207 -49.99 4.49 6.85
N ALA B 208 -49.53 3.34 6.34
CA ALA B 208 -49.01 3.22 4.99
C ALA B 208 -50.08 3.60 3.97
N GLY B 209 -51.34 3.52 4.37
CA GLY B 209 -52.44 4.01 3.55
C GLY B 209 -52.33 5.46 3.15
N HIS B 210 -51.65 6.30 3.94
CA HIS B 210 -51.40 7.70 3.62
C HIS B 210 -50.16 7.98 2.73
N TRP B 211 -49.36 6.97 2.39
CA TRP B 211 -48.13 7.18 1.65
C TRP B 211 -48.43 7.56 0.19
N ALA B 212 -47.65 8.48 -0.36
CA ALA B 212 -47.92 8.95 -1.71
C ALA B 212 -46.66 9.12 -2.51
N VAL B 213 -46.76 8.86 -3.81
CA VAL B 213 -45.81 9.33 -4.80
C VAL B 213 -46.08 10.82 -4.98
N GLU B 214 -45.14 11.67 -4.60
CA GLU B 214 -45.36 13.11 -4.72
C GLU B 214 -44.67 13.73 -5.91
N GLN B 215 -43.83 12.96 -6.61
CA GLN B 215 -43.07 13.47 -7.75
C GLN B 215 -42.47 12.30 -8.55
N VAL B 216 -42.34 12.52 -9.85
CA VAL B 216 -41.90 11.48 -10.78
C VAL B 216 -40.87 12.13 -11.68
N TRP B 217 -39.78 11.41 -11.95
CA TRP B 217 -38.76 11.88 -12.88
C TRP B 217 -38.58 10.79 -13.91
N TYR B 218 -38.62 11.17 -15.18
CA TYR B 218 -38.35 10.21 -16.25
C TYR B 218 -37.49 10.85 -17.32
N ASN B 219 -36.35 10.20 -17.62
CA ASN B 219 -35.47 10.59 -18.72
C ASN B 219 -35.30 12.11 -18.80
N GLY B 220 -34.96 12.73 -17.68
CA GLY B 220 -34.59 14.14 -17.66
C GLY B 220 -35.69 15.15 -17.39
N LYS B 221 -36.95 14.72 -17.23
CA LYS B 221 -38.07 15.63 -16.94
C LYS B 221 -38.85 15.19 -15.70
N PHE B 222 -39.37 16.17 -14.95
CA PHE B 222 -40.27 15.94 -13.83
C PHE B 222 -41.74 15.91 -14.31
N TYR B 223 -42.56 15.03 -13.73
CA TYR B 223 -43.94 14.83 -14.20
C TYR B 223 -45.05 14.92 -13.16
N GLY B 224 -44.76 15.15 -11.89
CA GLY B 224 -45.88 15.42 -10.97
C GLY B 224 -46.58 14.19 -10.43
N SER B 225 -47.06 13.30 -11.29
CA SER B 225 -47.65 12.07 -10.80
C SER B 225 -47.53 11.00 -11.85
N PRO B 226 -47.73 9.75 -11.44
CA PRO B 226 -47.76 8.66 -12.39
C PRO B 226 -48.85 8.84 -13.44
N GLU B 227 -50.00 9.36 -13.01
CA GLU B 227 -51.12 9.64 -13.90
C GLU B 227 -50.71 10.65 -14.95
N GLU B 228 -49.97 11.69 -14.56
CA GLU B 228 -49.58 12.72 -15.53
C GLU B 228 -48.58 12.19 -16.56
N LEU B 229 -47.61 11.40 -16.10
CA LEU B 229 -46.66 10.76 -17.01
C LEU B 229 -47.39 9.81 -17.99
N ALA B 230 -48.34 9.04 -17.48
CA ALA B 230 -49.16 8.15 -18.33
C ALA B 230 -49.91 8.93 -19.42
N ARG B 231 -50.57 10.02 -19.05
CA ARG B 231 -51.37 10.78 -20.04
C ARG B 231 -50.44 11.38 -21.11
N LYS B 232 -49.34 11.97 -20.68
CA LYS B 232 -48.37 12.55 -21.61
C LYS B 232 -47.76 11.51 -22.53
N TYR B 233 -47.51 10.32 -22.01
CA TYR B 233 -47.04 9.22 -22.83
C TYR B 233 -48.10 8.92 -23.88
N ALA B 234 -49.34 8.72 -23.45
CA ALA B 234 -50.44 8.45 -24.38
C ALA B 234 -50.59 9.54 -25.43
N ASP B 235 -50.40 10.80 -25.03
CA ASP B 235 -50.56 11.93 -25.94
C ASP B 235 -49.34 12.18 -26.80
N GLY B 236 -48.30 11.35 -26.68
CA GLY B 236 -47.14 11.45 -27.52
C GLY B 236 -46.21 12.55 -27.10
N GLU B 237 -46.26 12.96 -25.83
CA GLU B 237 -45.48 14.09 -25.34
C GLU B 237 -44.32 13.68 -24.42
N VAL B 238 -43.76 12.49 -24.61
CA VAL B 238 -42.65 12.05 -23.77
C VAL B 238 -41.51 11.54 -24.64
N ASP B 239 -40.30 11.99 -24.37
CA ASP B 239 -39.13 11.38 -25.00
C ASP B 239 -38.83 10.08 -24.29
N VAL B 240 -39.15 8.99 -24.96
CA VAL B 240 -39.15 7.66 -24.42
C VAL B 240 -37.84 6.95 -24.82
N VAL B 241 -37.20 6.26 -23.89
CA VAL B 241 -36.11 5.36 -24.23
C VAL B 241 -36.59 3.94 -24.08
N VAL B 242 -36.71 3.24 -25.21
CA VAL B 242 -37.13 1.86 -25.18
C VAL B 242 -35.87 1.04 -24.92
N LEU B 243 -35.85 0.21 -23.88
CA LEU B 243 -34.60 -0.45 -23.44
C LEU B 243 -34.28 -1.71 -24.26
N GLU B 258 -26.06 -17.54 -26.27
CA GLU B 258 -26.43 -16.37 -25.46
C GLU B 258 -25.23 -15.91 -24.63
N PRO B 259 -24.61 -14.78 -24.97
CA PRO B 259 -23.53 -14.27 -24.10
C PRO B 259 -24.05 -13.89 -22.71
N PRO B 260 -23.18 -13.87 -21.70
CA PRO B 260 -23.68 -13.38 -20.40
C PRO B 260 -24.20 -11.95 -20.49
N LEU B 261 -25.11 -11.61 -19.61
CA LEU B 261 -25.47 -10.23 -19.35
C LEU B 261 -24.23 -9.45 -18.89
N PHE B 262 -24.11 -8.19 -19.30
CA PHE B 262 -22.96 -7.37 -18.91
C PHE B 262 -22.82 -7.21 -17.38
N SER B 263 -23.94 -7.31 -16.66
CA SER B 263 -23.96 -7.22 -15.19
C SER B 263 -23.64 -8.54 -14.45
N SER B 264 -23.36 -9.59 -15.22
CA SER B 264 -23.04 -10.87 -14.67
C SER B 264 -21.53 -11.00 -14.49
N HIS B 265 -21.13 -11.82 -13.54
CA HIS B 265 -19.73 -12.19 -13.35
C HIS B 265 -19.27 -13.34 -14.26
N LYS B 266 -20.20 -13.92 -15.03
CA LYS B 266 -19.84 -15.05 -15.91
C LYS B 266 -18.73 -14.70 -16.90
N PRO B 267 -17.72 -15.58 -17.05
CA PRO B 267 -16.63 -15.33 -17.99
C PRO B 267 -17.04 -15.15 -19.44
N ARG B 268 -16.45 -14.15 -20.09
CA ARG B 268 -16.52 -14.00 -21.54
C ARG B 268 -15.23 -13.34 -22.02
N GLY B 269 -15.00 -13.39 -23.32
CA GLY B 269 -13.77 -12.88 -23.90
C GLY B 269 -12.67 -13.92 -23.77
N ASP B 270 -11.54 -13.64 -24.42
CA ASP B 270 -10.39 -14.55 -24.41
C ASP B 270 -9.14 -13.76 -24.14
N PHE B 271 -8.34 -14.23 -23.21
CA PHE B 271 -7.01 -13.69 -23.05
C PHE B 271 -6.18 -14.16 -24.25
N PRO B 272 -5.15 -13.39 -24.61
CA PRO B 272 -4.24 -13.87 -25.65
C PRO B 272 -3.51 -15.14 -25.24
N SER B 273 -3.25 -15.33 -23.95
CA SER B 273 -2.67 -16.56 -23.43
C SER B 273 -3.64 -17.17 -22.42
N PRO B 274 -4.62 -17.94 -22.90
CA PRO B 274 -5.60 -18.54 -21.97
C PRO B 274 -4.98 -19.36 -20.81
N ILE B 275 -5.59 -19.25 -19.64
CA ILE B 275 -5.18 -20.05 -18.47
C ILE B 275 -6.30 -21.07 -18.16
N HIS B 276 -5.95 -22.35 -18.13
CA HIS B 276 -6.97 -23.38 -18.00
C HIS B 276 -6.80 -24.14 -16.69
N VAL B 277 -5.83 -23.77 -15.86
CA VAL B 277 -5.61 -24.50 -14.60
C VAL B 277 -5.62 -23.57 -13.41
N SER B 278 -5.75 -24.17 -12.24
CA SER B 278 -5.80 -23.43 -10.99
CA SER B 278 -5.80 -23.44 -10.98
C SER B 278 -4.42 -22.89 -10.62
N GLY B 279 -4.40 -21.77 -9.92
CA GLY B 279 -3.17 -21.13 -9.50
C GLY B 279 -2.66 -21.68 -8.17
N PRO B 280 -1.56 -21.12 -7.67
CA PRO B 280 -1.02 -21.62 -6.44
C PRO B 280 -1.96 -21.37 -5.27
N ARG B 281 -1.84 -22.21 -4.26
CA ARG B 281 -2.66 -22.11 -3.06
C ARG B 281 -1.82 -22.31 -1.82
N LEU B 282 -2.32 -21.80 -0.70
N LEU B 282 -2.32 -21.78 -0.71
CA LEU B 282 -1.64 -21.99 0.56
CA LEU B 282 -1.68 -22.00 0.59
C LEU B 282 -1.99 -23.36 1.14
C LEU B 282 -1.98 -23.40 1.09
N VAL B 283 -1.01 -24.00 1.76
CA VAL B 283 -1.23 -25.23 2.53
C VAL B 283 -0.75 -24.96 3.94
N GLN B 284 -1.37 -25.61 4.89
CA GLN B 284 -1.04 -25.44 6.29
C GLN B 284 -1.06 -26.84 6.96
N PRO B 285 -0.12 -27.71 6.55
CA PRO B 285 -0.09 -29.09 7.07
C PRO B 285 0.07 -29.17 8.60
N HIS B 286 0.68 -28.15 9.21
CA HIS B 286 0.98 -28.18 10.62
C HIS B 286 0.00 -27.40 11.47
N GLY B 287 -1.14 -27.00 10.90
CA GLY B 287 -2.20 -26.35 11.63
C GLY B 287 -1.88 -24.89 11.88
N PRO B 288 -2.85 -24.13 12.42
CA PRO B 288 -2.65 -22.72 12.75
C PRO B 288 -1.52 -22.47 13.73
N ARG B 289 -0.83 -21.36 13.55
CA ARG B 289 0.23 -20.92 14.46
C ARG B 289 -0.26 -19.84 15.38
N PHE B 290 -1.54 -19.51 15.30
CA PHE B 290 -2.19 -18.63 16.27
C PHE B 290 -3.11 -19.49 17.14
N ARG B 291 -3.41 -19.03 18.34
CA ARG B 291 -4.37 -19.68 19.22
C ARG B 291 -5.61 -18.84 19.26
N LEU B 292 -6.75 -19.47 19.01
CA LEU B 292 -8.04 -18.80 19.13
C LEU B 292 -8.84 -19.51 20.20
N GLU B 293 -9.24 -18.78 21.24
CA GLU B 293 -10.08 -19.31 22.30
C GLU B 293 -11.19 -18.32 22.50
N GLY B 294 -12.40 -18.68 22.08
CA GLY B 294 -13.55 -17.76 22.13
C GLY B 294 -13.29 -16.61 21.19
N ASN B 295 -13.25 -15.40 21.73
CA ASN B 295 -12.88 -14.21 20.98
C ASN B 295 -11.49 -13.72 21.36
N ALA B 296 -10.63 -14.60 21.90
CA ALA B 296 -9.26 -14.22 22.29
C ALA B 296 -8.26 -14.80 21.30
N VAL B 297 -7.34 -13.97 20.79
CA VAL B 297 -6.31 -14.46 19.86
C VAL B 297 -4.89 -14.31 20.42
N LEU B 298 -4.06 -15.35 20.29
CA LEU B 298 -2.60 -15.22 20.52
C LEU B 298 -1.84 -15.60 19.26
N TYR B 299 -0.82 -14.82 18.92
CA TYR B 299 0.02 -15.06 17.73
C TYR B 299 1.39 -14.41 17.91
N GLY B 300 2.42 -15.24 18.07
CA GLY B 300 3.78 -14.75 18.35
C GLY B 300 3.74 -13.85 19.57
N GLY B 301 4.12 -12.58 19.39
CA GLY B 301 4.10 -11.61 20.47
C GLY B 301 2.73 -11.02 20.77
N TRP B 302 1.75 -11.30 19.89
CA TRP B 302 0.46 -10.61 19.94
C TRP B 302 -0.55 -11.31 20.85
N SER B 303 -1.28 -10.51 21.60
CA SER B 303 -2.51 -10.94 22.26
CA SER B 303 -2.52 -10.96 22.21
C SER B 303 -3.57 -9.86 22.04
N PHE B 304 -4.79 -10.27 21.68
CA PHE B 304 -5.90 -9.32 21.50
C PHE B 304 -7.22 -10.06 21.52
N ALA B 305 -8.29 -9.28 21.69
CA ALA B 305 -9.64 -9.75 21.67
C ALA B 305 -10.32 -9.05 20.51
N PHE B 306 -11.42 -9.62 20.03
CA PHE B 306 -12.16 -8.98 18.94
C PHE B 306 -13.66 -9.05 19.17
N ARG B 307 -14.39 -8.17 18.52
CA ARG B 307 -15.84 -8.33 18.46
C ARG B 307 -16.38 -7.77 17.17
N LEU B 308 -17.56 -8.25 16.82
CA LEU B 308 -18.22 -7.78 15.65
C LEU B 308 -19.49 -7.09 16.10
N ARG B 309 -19.42 -5.77 16.19
CA ARG B 309 -20.51 -4.98 16.70
C ARG B 309 -21.56 -4.85 15.59
N SER B 310 -22.77 -5.35 15.84
CA SER B 310 -23.82 -5.43 14.82
C SER B 310 -24.12 -4.09 14.16
N SER B 311 -24.08 -3.02 14.94
CA SER B 311 -24.35 -1.68 14.43
C SER B 311 -23.20 -1.14 13.57
N SER B 312 -21.97 -1.20 14.08
CA SER B 312 -20.85 -0.46 13.48
C SER B 312 -19.67 -1.29 12.97
N GLY B 313 -19.66 -2.59 13.20
CA GLY B 313 -18.66 -3.43 12.59
C GLY B 313 -17.49 -3.83 13.46
N LEU B 314 -16.42 -4.25 12.79
CA LEU B 314 -15.33 -4.98 13.43
C LEU B 314 -14.49 -4.10 14.38
N GLN B 315 -14.18 -4.68 15.53
CA GLN B 315 -13.27 -4.08 16.50
C GLN B 315 -12.23 -5.09 16.99
N VAL B 316 -11.01 -4.62 17.20
CA VAL B 316 -10.03 -5.35 18.00
C VAL B 316 -9.77 -4.55 19.28
N LEU B 317 -9.62 -5.26 20.40
CA LEU B 317 -9.55 -4.63 21.72
C LEU B 317 -8.48 -5.22 22.58
N ASN B 318 -7.92 -4.40 23.47
CA ASN B 318 -6.93 -4.83 24.46
C ASN B 318 -5.70 -5.42 23.81
N VAL B 319 -5.20 -4.73 22.79
CA VAL B 319 -4.12 -5.25 21.97
C VAL B 319 -2.78 -5.10 22.72
N HIS B 320 -2.11 -6.23 22.89
CA HIS B 320 -0.80 -6.33 23.50
C HIS B 320 0.23 -6.89 22.52
N PHE B 321 1.47 -6.43 22.62
CA PHE B 321 2.58 -7.13 21.99
C PHE B 321 3.69 -7.27 23.02
N GLY B 322 4.15 -8.50 23.26
CA GLY B 322 5.19 -8.74 24.25
C GLY B 322 4.70 -8.49 25.64
N GLY B 323 3.44 -8.83 25.90
CA GLY B 323 2.83 -8.61 27.20
C GLY B 323 2.57 -7.16 27.57
N GLU B 324 2.82 -6.21 26.67
CA GLU B 324 2.53 -4.80 26.94
C GLU B 324 1.43 -4.23 26.04
N ARG B 325 0.53 -3.46 26.64
CA ARG B 325 -0.60 -2.90 25.93
C ARG B 325 -0.15 -1.83 24.95
N ILE B 326 -0.75 -1.86 23.76
CA ILE B 326 -0.55 -0.87 22.70
CA ILE B 326 -0.54 -0.80 22.77
C ILE B 326 -1.85 -0.06 22.41
N ALA B 327 -2.97 -0.76 22.33
CA ALA B 327 -4.27 -0.12 22.05
C ALA B 327 -5.40 -0.78 22.84
N TYR B 328 -6.24 0.03 23.48
CA TYR B 328 -7.41 -0.50 24.16
C TYR B 328 -8.50 -0.87 23.15
N GLU B 329 -8.61 -0.08 22.09
CA GLU B 329 -9.65 -0.28 21.08
C GLU B 329 -9.22 0.26 19.71
N VAL B 330 -9.40 -0.58 18.69
CA VAL B 330 -9.32 -0.16 17.30
C VAL B 330 -10.60 -0.60 16.60
N SER B 331 -11.41 0.37 16.17
CA SER B 331 -12.75 0.05 15.65
C SER B 331 -13.19 0.88 14.45
N VAL B 332 -13.87 0.21 13.52
CA VAL B 332 -14.60 0.86 12.46
C VAL B 332 -15.73 1.65 13.07
N GLN B 333 -15.90 2.90 12.66
CA GLN B 333 -16.94 3.79 13.20
C GLN B 333 -18.06 4.18 12.23
N GLU B 334 -17.71 4.38 10.96
CA GLU B 334 -18.68 4.76 9.93
C GLU B 334 -18.03 4.60 8.55
N ALA B 335 -18.87 4.41 7.54
CA ALA B 335 -18.44 4.22 6.18
C ALA B 335 -19.49 4.94 5.35
N VAL B 336 -19.04 5.91 4.55
CA VAL B 336 -19.92 6.80 3.83
CA VAL B 336 -19.95 6.76 3.82
C VAL B 336 -19.59 6.81 2.35
N ALA B 337 -20.61 6.98 1.51
CA ALA B 337 -20.41 7.20 0.08
C ALA B 337 -21.23 8.43 -0.36
N LEU B 338 -20.53 9.48 -0.78
CA LEU B 338 -21.16 10.77 -1.10
C LEU B 338 -21.16 11.07 -2.61
N TYR B 339 -22.37 11.22 -3.16
CA TYR B 339 -22.56 11.26 -4.59
C TYR B 339 -22.88 12.65 -5.12
N GLY B 340 -22.63 12.83 -6.41
CA GLY B 340 -23.26 13.88 -7.20
C GLY B 340 -23.98 13.20 -8.35
N GLY B 341 -24.93 13.88 -8.96
CA GLY B 341 -25.63 13.32 -10.10
C GLY B 341 -26.51 14.31 -10.84
N HIS B 342 -26.92 13.91 -12.04
CA HIS B 342 -27.87 14.62 -12.88
C HIS B 342 -29.31 14.26 -12.57
N THR B 343 -29.54 13.12 -11.93
CA THR B 343 -30.90 12.70 -11.62
C THR B 343 -31.19 13.04 -10.16
N PRO B 344 -32.46 13.23 -9.83
CA PRO B 344 -32.80 13.56 -8.43
C PRO B 344 -32.26 12.55 -7.41
N ALA B 345 -32.36 11.26 -7.71
CA ALA B 345 -31.86 10.21 -6.82
C ALA B 345 -30.37 10.38 -6.64
N GLY B 346 -29.68 10.58 -7.74
CA GLY B 346 -28.24 10.71 -7.76
C GLY B 346 -27.77 11.91 -6.96
N MET B 347 -28.44 13.05 -7.13
CA MET B 347 -28.03 14.22 -6.41
C MET B 347 -28.42 14.16 -4.91
N GLN B 348 -29.34 13.28 -4.56
CA GLN B 348 -29.77 13.09 -3.19
C GLN B 348 -28.83 12.19 -2.37
N THR B 349 -28.04 11.33 -3.01
CA THR B 349 -27.44 10.17 -2.33
C THR B 349 -26.21 10.54 -1.49
N LYS B 350 -26.37 10.35 -0.18
CA LYS B 350 -25.26 10.33 0.78
C LYS B 350 -25.54 9.15 1.71
N TYR B 351 -24.90 8.02 1.42
CA TYR B 351 -25.11 6.82 2.18
C TYR B 351 -24.17 6.80 3.37
N LEU B 352 -24.74 6.53 4.55
CA LEU B 352 -23.99 6.34 5.78
C LEU B 352 -24.35 4.93 6.27
N ASP B 353 -23.41 3.99 6.18
CA ASP B 353 -23.70 2.57 6.32
C ASP B 353 -24.02 2.09 7.72
N VAL B 354 -23.59 2.84 8.73
CA VAL B 354 -23.93 2.46 10.08
C VAL B 354 -25.46 2.58 10.27
N GLY B 355 -26.12 3.45 9.51
CA GLY B 355 -27.59 3.51 9.51
C GLY B 355 -28.29 2.33 8.88
N TRP B 356 -27.51 1.35 8.42
CA TRP B 356 -28.02 0.14 7.77
C TRP B 356 -27.50 -1.15 8.42
N GLY B 357 -26.94 -1.06 9.61
CA GLY B 357 -26.37 -2.22 10.26
C GLY B 357 -25.11 -2.72 9.58
N LEU B 358 -24.08 -1.87 9.55
CA LEU B 358 -22.78 -2.18 8.91
C LEU B 358 -22.17 -3.50 9.40
N GLY B 359 -22.27 -3.77 10.70
CA GLY B 359 -21.77 -5.01 11.31
C GLY B 359 -22.73 -6.18 11.24
N SER B 360 -23.93 -5.98 10.69
CA SER B 360 -24.96 -7.02 10.64
CA SER B 360 -24.94 -7.03 10.64
C SER B 360 -25.02 -7.70 9.28
N VAL B 361 -24.33 -7.13 8.28
CA VAL B 361 -24.39 -7.64 6.92
C VAL B 361 -23.10 -8.38 6.56
N THR B 362 -22.63 -9.16 7.54
CA THR B 362 -21.41 -9.93 7.46
C THR B 362 -21.75 -11.30 6.86
N HIS B 363 -21.99 -11.31 5.56
CA HIS B 363 -22.48 -12.50 4.89
C HIS B 363 -21.36 -13.50 4.57
N GLU B 364 -21.76 -14.69 4.16
CA GLU B 364 -20.86 -15.84 4.20
C GLU B 364 -19.60 -15.71 3.35
N LEU B 365 -18.46 -15.90 3.99
CA LEU B 365 -17.18 -15.90 3.29
C LEU B 365 -16.97 -17.22 2.56
N ALA B 366 -16.60 -17.15 1.26
CA ALA B 366 -16.44 -18.33 0.41
C ALA B 366 -14.99 -18.81 0.57
N PRO B 367 -14.80 -20.01 1.12
CA PRO B 367 -13.43 -20.52 1.37
C PRO B 367 -12.65 -20.71 0.09
N GLY B 368 -11.44 -20.18 0.04
CA GLY B 368 -10.63 -20.26 -1.16
C GLY B 368 -10.71 -19.05 -2.05
N ILE B 369 -11.77 -18.24 -1.88
CA ILE B 369 -12.02 -17.08 -2.70
C ILE B 369 -11.93 -15.81 -1.85
N ASP B 370 -12.76 -15.71 -0.81
CA ASP B 370 -12.73 -14.57 0.11
C ASP B 370 -11.60 -14.61 1.14
N CYS B 371 -11.30 -15.80 1.64
CA CYS B 371 -10.16 -16.07 2.51
C CYS B 371 -9.49 -17.37 1.97
N PRO B 372 -8.23 -17.62 2.33
CA PRO B 372 -7.63 -18.87 1.88
C PRO B 372 -8.37 -20.09 2.40
N GLU B 373 -8.18 -21.21 1.71
CA GLU B 373 -8.86 -22.45 2.00
C GLU B 373 -8.42 -22.97 3.38
N THR B 374 -7.23 -22.54 3.78
CA THR B 374 -6.62 -22.85 5.06
C THR B 374 -7.10 -21.98 6.23
N ALA B 375 -7.98 -21.02 5.97
CA ALA B 375 -8.41 -20.10 7.02
C ALA B 375 -9.33 -20.76 8.07
N THR B 376 -9.33 -20.20 9.28
CA THR B 376 -10.31 -20.54 10.32
C THR B 376 -11.53 -19.61 10.15
N PHE B 377 -12.68 -20.17 9.84
CA PHE B 377 -13.89 -19.36 9.61
C PHE B 377 -14.77 -19.38 10.84
N LEU B 378 -15.28 -18.22 11.23
CA LEU B 378 -16.08 -18.09 12.47
CA LEU B 378 -16.08 -18.09 12.47
C LEU B 378 -17.50 -17.66 12.16
N ASP B 379 -18.44 -18.28 12.85
CA ASP B 379 -19.83 -17.94 12.73
C ASP B 379 -20.14 -16.86 13.72
N THR B 380 -21.24 -16.16 13.50
CA THR B 380 -21.76 -15.26 14.52
C THR B 380 -23.28 -15.24 14.52
N PHE B 381 -23.82 -14.57 15.53
CA PHE B 381 -25.25 -14.30 15.61
C PHE B 381 -25.49 -12.81 15.62
N HIS B 382 -26.50 -12.34 14.87
CA HIS B 382 -26.96 -10.94 14.90
C HIS B 382 -28.45 -10.88 15.19
N TYR B 383 -28.87 -9.86 15.94
CA TYR B 383 -30.30 -9.55 16.05
C TYR B 383 -30.44 -8.11 15.55
N TYR B 384 -30.79 -7.97 14.27
CA TYR B 384 -30.92 -6.68 13.63
C TYR B 384 -32.09 -6.79 12.65
N ASP B 385 -33.18 -6.07 12.91
CA ASP B 385 -34.40 -6.15 12.07
C ASP B 385 -34.83 -7.62 11.80
N ALA B 386 -34.94 -8.43 12.85
CA ALA B 386 -35.29 -9.83 12.71
C ALA B 386 -36.32 -10.27 13.76
N ASP B 387 -37.01 -11.39 13.50
CA ASP B 387 -38.00 -11.88 14.46
C ASP B 387 -37.31 -12.63 15.60
N ASP B 388 -36.14 -13.20 15.31
CA ASP B 388 -35.34 -13.97 16.27
C ASP B 388 -33.86 -13.77 15.93
N PRO B 389 -32.94 -14.13 16.85
CA PRO B 389 -31.51 -14.02 16.52
C PRO B 389 -31.16 -14.89 15.33
N VAL B 390 -30.31 -14.38 14.44
CA VAL B 390 -30.04 -15.00 13.16
C VAL B 390 -28.58 -15.48 13.08
N HIS B 391 -28.41 -16.75 12.70
CA HIS B 391 -27.08 -17.37 12.55
C HIS B 391 -26.45 -16.95 11.21
N TYR B 392 -25.26 -16.38 11.28
CA TYR B 392 -24.52 -15.98 10.09
C TYR B 392 -23.29 -16.87 10.00
N PRO B 393 -23.30 -17.82 9.05
CA PRO B 393 -22.15 -18.71 8.89
C PRO B 393 -20.92 -18.03 8.25
N ARG B 394 -19.74 -18.34 8.75
CA ARG B 394 -18.50 -17.83 8.20
C ARG B 394 -18.56 -16.31 8.03
N ALA B 395 -18.98 -15.60 9.09
CA ALA B 395 -19.10 -14.16 9.11
C ALA B 395 -17.73 -13.51 9.15
N LEU B 396 -16.79 -14.16 9.82
CA LEU B 396 -15.42 -13.71 9.92
C LEU B 396 -14.49 -14.87 9.62
N CYS B 397 -13.23 -14.52 9.40
CA CYS B 397 -12.18 -15.52 9.24
C CYS B 397 -10.89 -14.96 9.85
N LEU B 398 -10.01 -15.88 10.19
CA LEU B 398 -8.76 -15.56 10.82
C LEU B 398 -7.74 -16.50 10.15
N PHE B 399 -6.68 -15.93 9.60
CA PHE B 399 -5.71 -16.74 8.87
C PHE B 399 -4.34 -16.10 8.83
N GLU B 400 -3.33 -16.97 8.76
CA GLU B 400 -1.96 -16.53 8.55
C GLU B 400 -1.68 -16.74 7.08
N MET B 401 -0.97 -15.80 6.46
N MET B 401 -0.93 -15.81 6.50
CA MET B 401 -0.62 -15.97 5.06
CA MET B 401 -0.62 -15.83 5.09
C MET B 401 0.75 -15.38 4.81
C MET B 401 0.80 -15.35 4.84
N PRO B 402 1.54 -16.03 3.94
CA PRO B 402 2.81 -15.44 3.49
C PRO B 402 2.55 -14.17 2.67
N THR B 403 3.31 -13.12 2.94
CA THR B 403 3.18 -11.85 2.24
C THR B 403 3.92 -11.87 0.93
N GLY B 404 4.79 -12.85 0.74
CA GLY B 404 5.58 -12.93 -0.47
C GLY B 404 6.82 -12.03 -0.45
N VAL B 405 7.02 -11.28 0.63
CA VAL B 405 8.23 -10.48 0.76
C VAL B 405 8.83 -10.72 2.17
N PRO B 406 10.16 -10.89 2.28
CA PRO B 406 10.72 -11.22 3.59
C PRO B 406 10.46 -10.10 4.57
N LEU B 407 10.29 -10.42 5.83
CA LEU B 407 10.17 -9.36 6.82
C LEU B 407 11.50 -8.60 6.94
N ARG B 408 12.60 -9.34 6.85
CA ARG B 408 13.92 -8.72 6.71
C ARG B 408 14.85 -9.72 6.03
N ARG B 409 15.85 -9.20 5.34
CA ARG B 409 16.88 -10.01 4.70
C ARG B 409 18.12 -9.18 4.45
N HIS B 410 19.27 -9.83 4.43
CA HIS B 410 20.51 -9.15 4.10
C HIS B 410 21.49 -10.13 3.47
N PHE B 411 22.09 -9.72 2.36
CA PHE B 411 23.24 -10.41 1.77
C PHE B 411 24.53 -9.65 2.11
N ASN B 412 25.34 -10.26 2.98
CA ASN B 412 26.56 -9.66 3.49
C ASN B 412 27.72 -10.11 2.62
N SER B 413 27.96 -9.37 1.55
CA SER B 413 29.02 -9.67 0.59
C SER B 413 30.40 -9.54 1.21
N ASN B 414 31.33 -10.37 0.75
CA ASN B 414 32.76 -10.10 1.05
C ASN B 414 33.44 -9.25 -0.04
N PHE B 415 32.68 -8.81 -1.03
CA PHE B 415 33.20 -8.02 -2.16
C PHE B 415 34.38 -8.67 -2.88
N LYS B 416 34.49 -10.00 -2.79
CA LYS B 416 35.54 -10.76 -3.49
C LYS B 416 34.91 -12.00 -4.12
N GLY B 417 33.68 -11.91 -4.59
CA GLY B 417 33.03 -13.06 -5.22
C GLY B 417 32.35 -14.01 -4.26
N GLY B 418 32.28 -13.63 -2.98
CA GLY B 418 31.58 -14.45 -1.99
C GLY B 418 30.80 -13.68 -0.95
N PHE B 419 30.54 -14.34 0.16
CA PHE B 419 29.71 -13.77 1.22
C PHE B 419 30.20 -14.16 2.61
N ASN B 420 29.85 -13.34 3.59
CA ASN B 420 30.08 -13.60 5.00
C ASN B 420 28.88 -14.34 5.57
N PHE B 421 27.67 -13.94 5.15
CA PHE B 421 26.42 -14.68 5.43
C PHE B 421 25.25 -14.12 4.60
N TYR B 422 24.18 -14.91 4.50
CA TYR B 422 22.87 -14.43 4.08
C TYR B 422 21.95 -14.68 5.26
N ALA B 423 21.14 -13.70 5.64
CA ALA B 423 20.14 -13.85 6.72
C ALA B 423 18.79 -13.42 6.13
N GLY B 424 17.76 -14.18 6.45
CA GLY B 424 16.41 -13.80 6.04
C GLY B 424 15.34 -14.33 6.97
N LEU B 425 14.21 -13.61 7.00
CA LEU B 425 13.05 -14.08 7.71
C LEU B 425 11.83 -14.02 6.76
N LYS B 426 11.30 -15.17 6.41
CA LYS B 426 10.12 -15.26 5.55
C LYS B 426 9.01 -14.35 6.08
N GLY B 427 8.31 -13.68 5.16
CA GLY B 427 7.23 -12.79 5.55
C GLY B 427 5.94 -13.56 5.78
N GLN B 428 5.32 -13.35 6.94
CA GLN B 428 3.98 -13.85 7.25
C GLN B 428 3.22 -12.76 7.96
N VAL B 429 1.89 -12.78 7.81
CA VAL B 429 0.99 -11.92 8.57
CA VAL B 429 1.00 -11.91 8.56
C VAL B 429 -0.24 -12.68 9.01
N LEU B 430 -0.82 -12.22 10.11
CA LEU B 430 -2.11 -12.73 10.56
C LEU B 430 -3.16 -11.71 10.13
N VAL B 431 -4.25 -12.21 9.55
CA VAL B 431 -5.36 -11.40 9.07
C VAL B 431 -6.65 -11.84 9.77
N LEU B 432 -7.31 -10.87 10.42
CA LEU B 432 -8.68 -10.99 10.94
C LEU B 432 -9.56 -10.20 9.97
N ARG B 433 -10.57 -10.86 9.41
CA ARG B 433 -11.35 -10.26 8.34
C ARG B 433 -12.86 -10.48 8.51
N THR B 434 -13.61 -9.47 8.11
CA THR B 434 -15.02 -9.62 7.89
C THR B 434 -15.36 -8.82 6.63
N THR B 435 -16.62 -8.84 6.26
CA THR B 435 -17.11 -8.08 5.12
C THR B 435 -18.34 -7.32 5.53
N SER B 436 -18.73 -6.38 4.68
CA SER B 436 -20.11 -5.85 4.81
C SER B 436 -20.67 -5.64 3.44
N THR B 437 -21.80 -6.28 3.16
CA THR B 437 -22.52 -6.02 1.95
C THR B 437 -23.88 -5.46 2.31
N VAL B 438 -24.00 -4.16 2.38
CA VAL B 438 -25.31 -3.57 2.69
C VAL B 438 -26.33 -3.81 1.55
N TYR B 439 -25.88 -3.62 0.32
CA TYR B 439 -26.76 -3.73 -0.83
C TYR B 439 -25.90 -4.04 -2.06
N ASN B 440 -25.36 -3.01 -2.71
CA ASN B 440 -24.58 -3.16 -3.95
C ASN B 440 -23.08 -3.39 -3.73
N TPQ B 441 -22.50 -2.66 -2.79
CA TPQ B 441 -21.07 -2.73 -2.51
CB TPQ B 441 -20.53 -1.42 -1.96
C TPQ B 441 -20.73 -3.78 -1.45
O TPQ B 441 -21.47 -3.98 -0.48
C1 TPQ B 441 -20.03 -0.48 -3.03
C2 TPQ B 441 -20.59 0.89 -3.05
O2 TPQ B 441 -21.43 1.19 -2.21
C3 TPQ B 441 -20.12 1.86 -4.09
C4 TPQ B 441 -19.14 1.52 -5.03
O4 TPQ B 441 -18.77 2.36 -5.89
C5 TPQ B 441 -18.60 0.13 -5.03
O5 TPQ B 441 -17.73 -0.22 -5.87
C6 TPQ B 441 -19.07 -0.83 -3.98
N ASP B 442 -19.57 -4.41 -1.65
CA ASP B 442 -18.98 -5.31 -0.68
C ASP B 442 -17.68 -4.67 -0.16
N TYR B 443 -17.66 -4.34 1.13
CA TYR B 443 -16.45 -3.87 1.82
C TYR B 443 -15.81 -5.02 2.56
N ILE B 444 -14.51 -5.16 2.39
CA ILE B 444 -13.73 -6.19 3.04
C ILE B 444 -12.92 -5.47 4.10
N TRP B 445 -13.16 -5.83 5.37
CA TRP B 445 -12.49 -5.20 6.50
C TRP B 445 -11.46 -6.14 7.10
N ASP B 446 -10.20 -5.67 7.12
CA ASP B 446 -9.06 -6.43 7.62
C ASP B 446 -8.36 -5.68 8.75
N PHE B 447 -8.01 -6.45 9.78
CA PHE B 447 -6.97 -6.06 10.73
C PHE B 447 -5.88 -7.12 10.61
N ILE B 448 -4.65 -6.64 10.49
CA ILE B 448 -3.51 -7.40 10.04
C ILE B 448 -2.40 -7.20 11.07
N PHE B 449 -1.77 -8.30 11.48
CA PHE B 449 -0.74 -8.29 12.51
C PHE B 449 0.54 -8.91 12.00
N TYR B 450 1.60 -8.11 11.96
CA TYR B 450 2.89 -8.55 11.48
C TYR B 450 3.70 -9.02 12.67
N PRO B 451 4.67 -9.92 12.46
CA PRO B 451 5.41 -10.48 13.60
C PRO B 451 6.34 -9.49 14.32
N ASN B 452 6.57 -8.32 13.71
CA ASN B 452 7.41 -7.29 14.30
C ASN B 452 6.68 -6.18 15.02
N GLY B 453 5.40 -6.38 15.32
CA GLY B 453 4.65 -5.46 16.17
C GLY B 453 3.91 -4.37 15.41
N VAL B 454 3.94 -4.48 14.08
CA VAL B 454 3.20 -3.59 13.21
C VAL B 454 1.82 -4.19 13.03
N MET B 455 0.77 -3.38 13.25
CA MET B 455 -0.56 -3.76 12.82
C MET B 455 -1.13 -2.75 11.85
N GLU B 456 -1.98 -3.27 10.98
CA GLU B 456 -2.54 -2.47 9.91
C GLU B 456 -4.07 -2.65 9.94
N ALA B 457 -4.79 -1.58 9.64
CA ALA B 457 -6.21 -1.66 9.35
C ALA B 457 -6.35 -1.39 7.86
N LYS B 458 -7.23 -2.15 7.23
CA LYS B 458 -7.45 -2.00 5.82
C LYS B 458 -8.91 -2.27 5.47
N MET B 459 -9.40 -1.51 4.47
CA MET B 459 -10.70 -1.73 3.86
CA MET B 459 -10.70 -1.72 3.86
C MET B 459 -10.48 -1.80 2.34
N HIS B 460 -11.05 -2.84 1.71
CA HIS B 460 -11.06 -2.96 0.24
C HIS B 460 -12.50 -2.83 -0.27
N ALA B 461 -12.73 -2.08 -1.34
CA ALA B 461 -14.04 -1.97 -1.96
C ALA B 461 -14.16 -2.89 -3.16
N THR B 462 -15.26 -3.64 -3.21
CA THR B 462 -15.65 -4.35 -4.41
C THR B 462 -17.17 -4.42 -4.51
N GLY B 463 -17.69 -5.26 -5.38
CA GLY B 463 -19.13 -5.31 -5.67
C GLY B 463 -19.59 -4.33 -6.75
N TYR B 464 -20.88 -4.00 -6.76
CA TYR B 464 -21.47 -3.17 -7.81
C TYR B 464 -21.53 -1.71 -7.42
N VAL B 465 -21.25 -0.83 -8.38
CA VAL B 465 -21.38 0.61 -8.18
C VAL B 465 -22.85 1.07 -8.07
N HIS B 466 -23.03 2.22 -7.42
CA HIS B 466 -24.32 2.93 -7.39
C HIS B 466 -24.44 3.67 -8.71
N ALA B 467 -25.42 3.32 -9.52
CA ALA B 467 -25.51 3.79 -10.89
C ALA B 467 -26.92 4.31 -11.21
N THR B 468 -27.00 5.21 -12.18
CA THR B 468 -28.27 5.84 -12.57
C THR B 468 -28.40 5.81 -14.10
N PHE B 469 -29.55 6.25 -14.59
CA PHE B 469 -29.88 6.16 -16.02
C PHE B 469 -29.11 7.17 -16.83
N TYR B 470 -28.58 6.76 -17.97
CA TYR B 470 -27.79 7.65 -18.82
C TYR B 470 -28.66 8.73 -19.49
N THR B 471 -28.27 9.99 -19.31
CA THR B 471 -28.59 11.07 -20.25
C THR B 471 -27.31 11.86 -20.47
N PRO B 472 -27.20 12.64 -21.57
CA PRO B 472 -25.99 13.48 -21.78
C PRO B 472 -25.62 14.40 -20.59
N GLU B 473 -26.62 14.96 -19.91
CA GLU B 473 -26.38 15.85 -18.77
C GLU B 473 -25.63 15.14 -17.62
N GLY B 474 -25.71 13.81 -17.60
CA GLY B 474 -25.08 13.01 -16.58
C GLY B 474 -23.57 13.01 -16.66
N LEU B 475 -23.02 13.34 -17.82
CA LEU B 475 -21.58 13.28 -18.00
C LEU B 475 -20.84 14.38 -17.18
N ARG B 476 -21.56 15.39 -16.71
CA ARG B 476 -21.04 16.31 -15.72
C ARG B 476 -20.93 15.71 -14.31
N HIS B 477 -21.53 14.55 -14.04
CA HIS B 477 -21.48 13.96 -12.70
C HIS B 477 -21.04 12.48 -12.68
N GLY B 478 -20.38 12.04 -13.73
CA GLY B 478 -20.12 10.62 -13.87
C GLY B 478 -19.70 10.23 -15.25
N THR B 479 -19.66 8.91 -15.44
CA THR B 479 -19.12 8.32 -16.64
C THR B 479 -20.14 7.34 -17.22
N ARG B 480 -20.30 7.38 -18.55
CA ARG B 480 -21.13 6.38 -19.20
C ARG B 480 -20.39 5.06 -19.19
N LEU B 481 -21.04 4.03 -18.64
CA LEU B 481 -20.49 2.69 -18.43
C LEU B 481 -21.12 1.60 -19.32
N HIS B 482 -22.26 1.92 -19.88
CA HIS B 482 -22.98 1.01 -20.76
C HIS B 482 -24.05 1.85 -21.47
N THR B 483 -24.87 1.22 -22.28
CA THR B 483 -25.79 1.97 -23.16
C THR B 483 -26.68 2.90 -22.36
N HIS B 484 -27.24 2.41 -21.27
CA HIS B 484 -28.19 3.18 -20.51
C HIS B 484 -27.71 3.53 -19.11
N LEU B 485 -26.40 3.48 -18.88
CA LEU B 485 -25.88 3.49 -17.51
C LEU B 485 -24.80 4.55 -17.28
N ILE B 486 -25.00 5.36 -16.25
CA ILE B 486 -23.99 6.30 -15.80
C ILE B 486 -23.49 5.86 -14.43
N GLY B 487 -22.18 5.75 -14.26
CA GLY B 487 -21.60 5.60 -12.94
C GLY B 487 -21.36 6.98 -12.34
N ASN B 488 -22.12 7.32 -11.30
CA ASN B 488 -22.02 8.63 -10.65
C ASN B 488 -20.74 8.82 -9.87
N ILE B 489 -20.17 10.01 -9.97
CA ILE B 489 -19.02 10.39 -9.18
C ILE B 489 -19.35 10.37 -7.69
N HIS B 490 -18.38 9.94 -6.88
CA HIS B 490 -18.57 9.89 -5.43
C HIS B 490 -17.26 9.76 -4.67
N THR B 491 -17.31 10.07 -3.37
CA THR B 491 -16.19 9.81 -2.48
C THR B 491 -16.60 8.81 -1.41
N HIS B 492 -15.76 7.80 -1.21
CA HIS B 492 -15.87 6.92 -0.06
C HIS B 492 -15.04 7.48 1.11
N LEU B 493 -15.63 7.52 2.30
CA LEU B 493 -14.90 7.96 3.47
C LEU B 493 -15.23 6.97 4.55
N VAL B 494 -14.22 6.61 5.34
CA VAL B 494 -14.34 5.66 6.43
C VAL B 494 -13.71 6.32 7.66
N HIS B 495 -14.34 6.19 8.82
CA HIS B 495 -13.80 6.70 10.06
C HIS B 495 -13.46 5.56 10.99
N TYR B 496 -12.28 5.62 11.59
CA TYR B 496 -11.84 4.67 12.59
C TYR B 496 -11.59 5.36 13.93
N ARG B 497 -11.91 4.66 15.00
CA ARG B 497 -11.53 5.09 16.34
C ARG B 497 -10.31 4.28 16.73
N VAL B 498 -9.25 4.96 17.12
CA VAL B 498 -8.00 4.29 17.51
C VAL B 498 -7.62 4.71 18.94
N ASP B 499 -8.07 3.96 19.93
CA ASP B 499 -7.79 4.27 21.35
C ASP B 499 -6.50 3.57 21.72
N LEU B 500 -5.39 4.17 21.31
CA LEU B 500 -4.06 3.67 21.68
C LEU B 500 -3.86 3.95 23.17
N ASP B 501 -3.34 2.97 23.89
CA ASP B 501 -2.85 3.11 25.25
C ASP B 501 -1.40 2.56 25.21
N VAL B 502 -0.47 3.37 24.72
CA VAL B 502 0.90 2.94 24.47
C VAL B 502 1.60 2.67 25.82
N ALA B 503 1.86 1.40 26.11
CA ALA B 503 2.50 0.94 27.35
C ALA B 503 1.73 1.36 28.61
N GLY B 504 0.42 1.63 28.50
CA GLY B 504 -0.30 2.35 29.56
C GLY B 504 -1.29 3.39 29.05
N THR B 505 -2.20 3.80 29.93
CA THR B 505 -3.28 4.68 29.55
CA THR B 505 -3.29 4.70 29.56
C THR B 505 -2.80 6.11 29.23
N LYS B 506 -1.77 6.59 29.94
CA LYS B 506 -1.41 8.00 29.85
C LYS B 506 -0.30 8.26 28.86
N ASN B 507 -0.66 9.01 27.83
CA ASN B 507 0.15 9.22 26.65
C ASN B 507 0.22 10.70 26.33
N SER B 508 1.15 11.03 25.45
CA SER B 508 1.23 12.33 24.82
C SER B 508 1.29 12.14 23.30
N PHE B 509 1.09 13.21 22.54
CA PHE B 509 1.14 13.17 21.08
C PHE B 509 2.23 14.13 20.61
N GLN B 510 3.12 13.63 19.76
CA GLN B 510 4.14 14.48 19.14
C GLN B 510 4.34 14.13 17.67
N THR B 511 4.96 15.04 16.94
CA THR B 511 5.29 14.82 15.55
C THR B 511 6.75 15.18 15.30
N LEU B 512 7.34 14.54 14.30
CA LEU B 512 8.71 14.80 13.90
C LEU B 512 8.72 15.20 12.44
N GLN B 513 9.59 16.16 12.12
CA GLN B 513 9.79 16.66 10.77
C GLN B 513 11.29 16.75 10.54
N MET B 514 11.69 16.74 9.28
CA MET B 514 13.05 17.11 8.90
C MET B 514 13.04 18.59 8.56
N LYS B 515 14.06 19.32 9.02
CA LYS B 515 14.27 20.71 8.63
C LYS B 515 15.75 20.93 8.33
N LEU B 516 16.03 21.72 7.32
CA LEU B 516 17.40 21.92 6.91
C LEU B 516 18.05 22.96 7.80
N GLU B 517 19.34 22.81 8.03
CA GLU B 517 20.13 23.89 8.58
C GLU B 517 21.18 24.20 7.53
N ASN B 518 21.75 25.41 7.61
CA ASN B 518 22.77 25.88 6.69
C ASN B 518 23.91 26.40 7.54
N ILE B 519 24.97 25.60 7.64
CA ILE B 519 26.09 25.90 8.53
C ILE B 519 27.39 26.01 7.77
N THR B 520 28.41 26.53 8.46
CA THR B 520 29.76 26.53 7.92
C THR B 520 30.26 25.08 7.91
N ASN B 521 30.85 24.67 6.80
CA ASN B 521 31.47 23.37 6.73
C ASN B 521 32.61 23.36 7.76
N PRO B 522 32.47 22.56 8.83
CA PRO B 522 33.45 22.59 9.91
C PRO B 522 34.87 22.12 9.51
N TRP B 523 35.03 21.46 8.37
CA TRP B 523 36.38 21.07 7.92
C TRP B 523 36.83 21.80 6.64
N SER B 524 36.00 22.70 6.12
CA SER B 524 36.35 23.55 4.94
C SER B 524 35.57 24.86 5.07
N PRO B 525 36.07 25.79 5.90
CA PRO B 525 35.24 26.94 6.30
C PRO B 525 34.80 27.89 5.19
N ARG B 526 35.45 27.89 4.04
CA ARG B 526 34.94 28.67 2.91
C ARG B 526 33.65 28.08 2.31
N HIS B 527 33.21 26.91 2.77
CA HIS B 527 32.04 26.24 2.23
C HIS B 527 30.97 26.07 3.27
N ARG B 528 29.81 25.64 2.80
CA ARG B 528 28.62 25.46 3.61
C ARG B 528 28.20 23.99 3.64
N VAL B 529 27.58 23.56 4.74
CA VAL B 529 26.84 22.31 4.78
C VAL B 529 25.37 22.68 4.93
N VAL B 530 24.55 22.27 3.96
CA VAL B 530 23.09 22.41 4.06
C VAL B 530 22.52 21.01 4.21
N GLN B 531 21.98 20.69 5.36
CA GLN B 531 21.62 19.32 5.67
C GLN B 531 20.42 19.19 6.60
N PRO B 532 19.82 18.00 6.62
CA PRO B 532 18.74 17.62 7.51
C PRO B 532 19.10 17.70 8.97
N THR B 533 18.14 18.21 9.75
CA THR B 533 18.10 18.04 11.20
C THR B 533 16.74 17.51 11.56
N LEU B 534 16.62 17.01 12.78
CA LEU B 534 15.43 16.37 13.30
C LEU B 534 14.73 17.36 14.18
N GLU B 535 13.48 17.69 13.86
CA GLU B 535 12.70 18.67 14.62
C GLU B 535 11.49 17.97 15.25
N GLN B 536 11.29 18.17 16.55
CA GLN B 536 10.19 17.56 17.33
C GLN B 536 9.18 18.66 17.63
N THR B 537 7.89 18.36 17.54
CA THR B 537 6.83 19.30 17.96
C THR B 537 5.96 18.59 18.99
N GLN B 538 5.71 19.28 20.11
CA GLN B 538 4.82 18.77 21.18
C GLN B 538 3.47 19.43 21.02
N TYR B 539 2.43 18.76 21.49
CA TYR B 539 1.05 19.25 21.35
C TYR B 539 0.40 19.29 22.73
N SER B 540 -0.15 20.43 23.10
CA SER B 540 -0.75 20.55 24.43
C SER B 540 -2.27 20.50 24.47
N TRP B 541 -2.91 20.90 23.37
CA TRP B 541 -4.35 21.07 23.36
C TRP B 541 -4.99 20.35 22.19
N GLU B 542 -6.17 19.76 22.42
CA GLU B 542 -6.91 19.03 21.38
C GLU B 542 -6.88 19.71 19.98
N ARG B 543 -7.17 21.02 19.95
CA ARG B 543 -7.27 21.78 18.71
C ARG B 543 -5.96 21.80 17.90
N GLN B 544 -4.83 21.80 18.60
CA GLN B 544 -3.53 21.76 17.95
C GLN B 544 -3.30 20.43 17.20
N ALA B 545 -3.89 19.35 17.71
CA ALA B 545 -3.78 18.02 17.12
C ALA B 545 -4.99 17.63 16.21
N ALA B 546 -5.83 18.58 15.84
CA ALA B 546 -6.90 18.36 14.88
C ALA B 546 -6.44 18.83 13.50
N PHE B 547 -6.00 17.90 12.67
CA PHE B 547 -5.41 18.24 11.38
C PHE B 547 -6.48 18.22 10.32
N ARG B 548 -6.69 19.36 9.65
CA ARG B 548 -7.63 19.46 8.55
C ARG B 548 -6.95 19.03 7.27
N PHE B 549 -7.74 18.73 6.25
CA PHE B 549 -7.21 18.33 4.97
C PHE B 549 -6.37 19.41 4.33
N LYS B 550 -6.67 20.68 4.58
CA LYS B 550 -5.85 21.78 4.07
C LYS B 550 -4.46 21.77 4.71
N ARG B 551 -4.37 21.42 5.98
CA ARG B 551 -3.09 21.48 6.72
C ARG B 551 -2.08 20.37 6.28
N LYS B 552 -0.78 20.70 6.29
CA LYS B 552 0.28 19.71 5.99
C LYS B 552 0.35 18.70 7.13
N LEU B 553 0.19 17.41 6.81
CA LEU B 553 0.24 16.35 7.83
C LEU B 553 1.69 15.95 8.04
N PRO B 554 2.20 16.01 9.29
CA PRO B 554 3.60 15.62 9.48
C PRO B 554 3.88 14.15 9.14
N LYS B 555 5.12 13.84 8.81
CA LYS B 555 5.46 12.51 8.33
C LYS B 555 5.55 11.52 9.47
N TYR B 556 5.81 12.00 10.70
CA TYR B 556 5.83 11.14 11.89
C TYR B 556 4.77 11.59 12.88
N LEU B 557 3.74 10.74 13.05
CA LEU B 557 2.66 10.97 13.96
C LEU B 557 2.84 10.01 15.14
N LEU B 558 3.27 10.52 16.29
CA LEU B 558 3.70 9.65 17.40
C LEU B 558 2.82 9.75 18.67
N PHE B 559 2.42 8.59 19.16
CA PHE B 559 1.76 8.46 20.46
C PHE B 559 2.76 7.89 21.46
N THR B 560 3.09 8.67 22.49
CA THR B 560 4.28 8.44 23.31
C THR B 560 3.96 8.17 24.75
N SER B 561 4.74 7.30 25.37
CA SER B 561 4.67 7.07 26.80
C SER B 561 5.78 7.89 27.46
N PRO B 562 5.64 8.22 28.76
CA PRO B 562 6.79 8.80 29.47
C PRO B 562 7.94 7.80 29.67
N GLN B 563 7.65 6.51 29.66
CA GLN B 563 8.71 5.50 29.76
C GLN B 563 9.71 5.62 28.61
N GLU B 564 10.99 5.43 28.93
CA GLU B 564 12.03 5.43 27.93
C GLU B 564 12.54 4.04 27.64
N ASN B 565 13.02 3.84 26.41
CA ASN B 565 13.72 2.60 26.07
C ASN B 565 15.16 2.67 26.62
N PRO B 566 15.94 1.58 26.48
CA PRO B 566 17.31 1.60 27.02
C PRO B 566 18.24 2.62 26.41
N TRP B 567 17.88 3.20 25.27
CA TRP B 567 18.73 4.17 24.60
C TRP B 567 18.31 5.60 24.93
N GLY B 568 17.38 5.74 25.86
CA GLY B 568 16.95 7.04 26.33
C GLY B 568 15.94 7.78 25.44
N HIS B 569 15.23 7.06 24.57
CA HIS B 569 14.20 7.67 23.72
C HIS B 569 12.85 7.20 24.23
N LYS B 570 11.84 8.07 24.09
CA LYS B 570 10.50 7.76 24.57
C LYS B 570 9.84 6.62 23.78
N ARG B 571 9.25 5.68 24.51
CA ARG B 571 8.56 4.54 23.91
C ARG B 571 7.25 5.01 23.24
N SER B 572 7.13 4.76 21.94
CA SER B 572 6.04 5.31 21.13
CA SER B 572 5.98 5.27 21.20
C SER B 572 5.50 4.31 20.11
N TYR B 573 4.30 4.61 19.60
CA TYR B 573 3.78 3.96 18.41
C TYR B 573 3.50 5.09 17.41
N ARG B 574 3.74 4.78 16.15
CA ARG B 574 3.61 5.72 15.07
C ARG B 574 2.37 5.34 14.26
N LEU B 575 1.59 6.35 13.88
CA LEU B 575 0.43 6.18 13.00
C LEU B 575 0.80 6.66 11.60
N GLN B 576 0.56 5.79 10.62
CA GLN B 576 0.87 6.07 9.22
C GLN B 576 -0.39 5.80 8.37
N ILE B 577 -0.92 6.85 7.75
CA ILE B 577 -2.22 6.82 7.09
C ILE B 577 -2.06 6.61 5.59
N HIS B 578 -2.84 5.67 5.04
N HIS B 578 -2.78 5.62 5.04
CA HIS B 578 -2.86 5.37 3.62
CA HIS B 578 -2.84 5.40 3.59
C HIS B 578 -4.23 5.78 3.04
C HIS B 578 -4.22 5.81 3.06
N SER B 579 -4.28 6.95 2.41
CA SER B 579 -5.55 7.55 2.00
C SER B 579 -5.42 8.51 0.84
N MET B 580 -6.49 8.65 0.06
CA MET B 580 -6.55 9.68 -0.96
CA MET B 580 -6.54 9.68 -0.95
C MET B 580 -7.70 10.63 -0.66
N ALA B 581 -8.16 10.69 0.59
CA ALA B 581 -9.32 11.51 0.95
C ALA B 581 -9.01 13.01 0.95
N ASP B 582 -10.09 13.79 0.87
CA ASP B 582 -10.03 15.24 0.95
C ASP B 582 -11.37 15.74 1.50
N GLN B 583 -11.45 17.05 1.71
CA GLN B 583 -12.71 17.68 2.10
C GLN B 583 -13.76 17.55 0.99
N VAL B 584 -14.90 16.95 1.30
CA VAL B 584 -15.94 16.73 0.30
C VAL B 584 -17.05 17.77 0.41
N LEU B 585 -17.75 17.82 1.54
CA LEU B 585 -18.84 18.80 1.72
C LEU B 585 -18.33 20.07 2.42
N PRO B 586 -18.96 21.23 2.15
CA PRO B 586 -18.49 22.45 2.80
C PRO B 586 -18.75 22.39 4.30
N PRO B 587 -17.73 22.65 5.13
CA PRO B 587 -17.96 22.66 6.57
C PRO B 587 -19.12 23.59 6.93
N GLY B 588 -20.07 23.07 7.70
CA GLY B 588 -21.18 23.89 8.19
C GLY B 588 -22.42 23.76 7.36
N TRP B 589 -22.37 23.14 6.19
CA TRP B 589 -23.51 23.12 5.29
C TRP B 589 -24.41 21.88 5.46
N GLN B 590 -25.58 22.09 6.07
CA GLN B 590 -26.67 21.13 6.08
C GLN B 590 -26.24 19.70 6.47
N GLU B 591 -26.31 18.74 5.54
CA GLU B 591 -26.01 17.33 5.85
C GLU B 591 -24.57 17.10 6.30
N GLU B 592 -23.67 18.03 5.99
CA GLU B 592 -22.29 17.92 6.45
C GLU B 592 -22.20 17.73 7.97
N GLN B 593 -23.21 18.22 8.70
CA GLN B 593 -23.29 18.07 10.15
C GLN B 593 -23.21 16.62 10.61
N ALA B 594 -23.61 15.68 9.75
CA ALA B 594 -23.56 14.28 10.09
C ALA B 594 -22.15 13.71 9.98
N ILE B 595 -21.26 14.38 9.26
CA ILE B 595 -19.92 13.84 8.95
C ILE B 595 -18.78 14.83 9.22
N THR B 596 -18.86 15.52 10.35
CA THR B 596 -17.85 16.51 10.71
C THR B 596 -16.48 15.87 10.96
N TRP B 597 -16.46 14.61 11.34
CA TRP B 597 -15.21 13.86 11.43
C TRP B 597 -14.41 13.82 10.11
N ALA B 598 -15.10 13.94 8.98
CA ALA B 598 -14.48 13.88 7.67
C ALA B 598 -13.78 15.19 7.33
N ARG B 599 -13.77 16.14 8.26
CA ARG B 599 -12.91 17.33 8.15
C ARG B 599 -11.46 16.99 8.51
N TYR B 600 -11.26 15.87 9.19
CA TYR B 600 -9.98 15.56 9.83
C TYR B 600 -9.42 14.18 9.44
N PRO B 601 -8.30 14.15 8.70
CA PRO B 601 -7.64 12.86 8.50
C PRO B 601 -7.17 12.32 9.84
N LEU B 602 -6.79 13.24 10.74
CA LEU B 602 -6.45 12.85 12.10
C LEU B 602 -6.91 13.92 13.07
N ALA B 603 -7.53 13.47 14.15
CA ALA B 603 -7.83 14.33 15.28
C ALA B 603 -7.54 13.52 16.53
N VAL B 604 -7.08 14.20 17.57
CA VAL B 604 -6.75 13.56 18.82
C VAL B 604 -7.61 14.17 19.90
N THR B 605 -8.30 13.31 20.66
CA THR B 605 -9.15 13.74 21.77
C THR B 605 -8.75 13.02 23.08
N LYS B 606 -9.04 13.70 24.18
CA LYS B 606 -9.03 13.10 25.48
C LYS B 606 -10.20 12.11 25.62
N TYR B 607 -9.91 10.91 26.11
CA TYR B 607 -10.94 9.89 26.31
C TYR B 607 -12.09 10.40 27.16
N ARG B 608 -13.32 10.16 26.71
CA ARG B 608 -14.56 10.39 27.48
C ARG B 608 -15.61 9.33 27.14
N GLU B 609 -16.30 8.82 28.17
CA GLU B 609 -17.38 7.86 28.00
C GLU B 609 -18.56 8.40 27.22
N SER B 610 -18.69 9.72 27.13
CA SER B 610 -19.75 10.33 26.33
C SER B 610 -19.32 10.54 24.87
N GLU B 611 -18.13 10.05 24.49
CA GLU B 611 -17.62 10.25 23.16
C GLU B 611 -17.01 8.95 22.63
N LEU B 612 -17.73 7.84 22.75
CA LEU B 612 -17.18 6.55 22.37
C LEU B 612 -17.32 6.30 20.88
N CYS B 613 -18.27 7.00 20.24
CA CYS B 613 -18.59 6.80 18.85
C CYS B 613 -18.66 8.12 18.09
N SER B 614 -18.26 8.10 16.83
CA SER B 614 -18.34 9.27 15.99
C SER B 614 -19.62 9.31 15.16
N SER B 615 -20.39 8.21 15.12
CA SER B 615 -21.63 8.15 14.35
C SER B 615 -22.70 7.37 15.11
N SER B 616 -23.81 7.08 14.46
CA SER B 616 -24.89 6.30 15.05
C SER B 616 -25.75 5.75 13.93
N ILE B 617 -26.58 4.77 14.27
CA ILE B 617 -27.60 4.26 13.31
C ILE B 617 -28.65 5.30 12.86
N TYR B 618 -28.71 6.45 13.54
CA TYR B 618 -29.66 7.53 13.24
C TYR B 618 -29.11 8.60 12.27
N HIS B 619 -27.80 8.65 12.10
CA HIS B 619 -27.21 9.69 11.26
C HIS B 619 -27.70 9.64 9.81
N GLN B 620 -27.90 8.45 9.25
CA GLN B 620 -28.34 8.32 7.85
C GLN B 620 -29.64 9.09 7.55
N ASN B 621 -30.63 8.94 8.43
CA ASN B 621 -31.95 9.49 8.14
C ASN B 621 -32.26 10.82 8.87
N ASP B 622 -31.42 11.24 9.82
CA ASP B 622 -31.40 12.66 10.24
C ASP B 622 -29.98 13.25 10.25
N PRO B 623 -29.40 13.48 9.07
CA PRO B 623 -28.06 14.04 9.02
C PRO B 623 -28.01 15.56 9.36
N TRP B 624 -29.17 16.22 9.40
CA TRP B 624 -29.24 17.64 9.64
C TRP B 624 -29.09 17.92 11.13
N ASP B 625 -29.63 17.03 11.96
CA ASP B 625 -29.59 17.17 13.42
C ASP B 625 -29.28 15.84 14.14
N PRO B 626 -28.07 15.28 13.93
CA PRO B 626 -27.79 13.96 14.49
C PRO B 626 -27.42 14.01 15.97
N PRO B 627 -27.49 12.85 16.66
CA PRO B 627 -27.20 12.81 18.09
C PRO B 627 -25.73 12.89 18.44
N VAL B 628 -24.82 12.78 17.47
CA VAL B 628 -23.37 12.90 17.75
C VAL B 628 -22.79 13.77 16.65
N VAL B 629 -22.19 14.89 17.05
CA VAL B 629 -21.46 15.76 16.15
C VAL B 629 -19.98 15.77 16.55
N PHE B 630 -19.17 15.03 15.78
CA PHE B 630 -17.76 14.88 16.11
C PHE B 630 -17.05 16.19 16.48
N GLU B 631 -17.23 17.24 15.69
CA GLU B 631 -16.65 18.55 15.94
C GLU B 631 -16.83 19.02 17.41
N GLN B 632 -17.99 18.71 18.00
CA GLN B 632 -18.28 19.15 19.38
C GLN B 632 -17.30 18.53 20.35
N PHE B 633 -16.77 17.36 20.02
CA PHE B 633 -15.75 16.74 20.86
C PHE B 633 -14.51 17.64 21.05
N LEU B 634 -14.26 18.56 20.10
CA LEU B 634 -13.10 19.45 20.18
C LEU B 634 -13.43 20.80 20.82
N HIS B 635 -14.71 21.03 21.12
CA HIS B 635 -15.15 22.37 21.52
CA HIS B 635 -15.16 22.37 21.53
C HIS B 635 -14.51 22.81 22.83
N ASN B 636 -14.35 21.88 23.77
CA ASN B 636 -13.77 22.24 25.04
C ASN B 636 -12.24 22.28 24.98
N ASN B 637 -11.64 21.90 23.87
CA ASN B 637 -10.21 22.07 23.63
C ASN B 637 -9.33 21.73 24.83
N GLU B 638 -9.36 20.47 25.21
CA GLU B 638 -8.78 20.04 26.45
C GLU B 638 -7.27 19.80 26.34
N ASN B 639 -6.63 19.73 27.50
CA ASN B 639 -5.21 19.44 27.57
C ASN B 639 -4.97 17.98 27.22
N ILE B 640 -4.00 17.71 26.36
CA ILE B 640 -3.68 16.31 25.95
C ILE B 640 -2.23 15.91 26.29
N GLU B 641 -1.65 16.58 27.28
CA GLU B 641 -0.33 16.23 27.81
C GLU B 641 -0.60 15.16 28.83
N ASN B 642 0.00 14.00 28.68
CA ASN B 642 -0.13 12.96 29.68
C ASN B 642 -1.57 12.56 30.07
N GLU B 643 -2.38 12.21 29.07
CA GLU B 643 -3.75 11.80 29.28
C GLU B 643 -4.05 10.50 28.54
N ASP B 644 -5.26 10.00 28.76
CA ASP B 644 -5.81 8.94 27.95
C ASP B 644 -6.28 9.62 26.65
N LEU B 645 -5.52 9.38 25.59
CA LEU B 645 -5.77 9.97 24.28
C LEU B 645 -6.48 8.98 23.37
N VAL B 646 -7.27 9.51 22.44
CA VAL B 646 -7.91 8.69 21.43
C VAL B 646 -7.61 9.35 20.10
N ALA B 647 -7.05 8.58 19.17
CA ALA B 647 -6.85 9.06 17.80
C ALA B 647 -8.05 8.66 16.95
N TRP B 648 -8.48 9.57 16.09
CA TRP B 648 -9.58 9.34 15.18
C TRP B 648 -9.06 9.59 13.77
N VAL B 649 -9.27 8.62 12.88
CA VAL B 649 -8.62 8.61 11.56
C VAL B 649 -9.67 8.50 10.47
N THR B 650 -9.63 9.43 9.53
CA THR B 650 -10.46 9.40 8.31
C THR B 650 -9.59 8.96 7.12
N VAL B 651 -10.02 7.94 6.40
CA VAL B 651 -9.35 7.48 5.18
C VAL B 651 -10.42 7.33 4.10
N GLY B 652 -10.04 7.56 2.85
CA GLY B 652 -11.00 7.40 1.77
C GLY B 652 -10.42 7.71 0.42
N PHE B 653 -11.30 7.77 -0.57
CA PHE B 653 -10.86 8.06 -1.92
C PHE B 653 -12.01 8.51 -2.79
N LEU B 654 -11.66 9.36 -3.76
CA LEU B 654 -12.56 9.77 -4.82
C LEU B 654 -12.68 8.63 -5.81
N HIS B 655 -13.90 8.26 -6.17
CA HIS B 655 -14.11 7.20 -7.13
C HIS B 655 -14.90 7.76 -8.30
N ILE B 656 -14.22 7.96 -9.42
CA ILE B 656 -14.85 8.37 -10.65
C ILE B 656 -15.05 7.07 -11.40
N PRO B 657 -16.31 6.63 -11.56
CA PRO B 657 -16.42 5.30 -12.19
C PRO B 657 -15.95 5.26 -13.63
N HIS B 658 -15.52 4.07 -14.05
CA HIS B 658 -15.00 3.82 -15.39
C HIS B 658 -15.42 2.43 -15.87
N SER B 659 -15.25 2.17 -17.15
CA SER B 659 -15.85 0.96 -17.74
C SER B 659 -15.33 -0.35 -17.12
N GLU B 660 -14.13 -0.34 -16.57
CA GLU B 660 -13.59 -1.56 -15.95
C GLU B 660 -14.32 -1.88 -14.64
N ASP B 661 -15.16 -0.94 -14.14
CA ASP B 661 -16.01 -1.18 -12.96
C ASP B 661 -17.22 -2.08 -13.25
N ILE B 662 -17.41 -2.46 -14.51
CA ILE B 662 -18.49 -3.35 -14.95
C ILE B 662 -17.99 -4.80 -15.12
N PRO B 663 -18.67 -5.78 -14.49
CA PRO B 663 -19.83 -5.71 -13.62
C PRO B 663 -19.54 -5.20 -12.22
N ASN B 664 -18.33 -5.41 -11.69
CA ASN B 664 -17.99 -4.99 -10.34
C ASN B 664 -16.70 -4.17 -10.27
N THR B 665 -16.62 -3.27 -9.30
N THR B 665 -16.61 -3.29 -9.29
CA THR B 665 -15.35 -2.65 -8.90
CA THR B 665 -15.35 -2.63 -8.94
C THR B 665 -14.42 -3.75 -8.37
C THR B 665 -14.40 -3.70 -8.34
N ALA B 666 -13.14 -3.67 -8.73
CA ALA B 666 -12.17 -4.67 -8.29
C ALA B 666 -11.32 -4.09 -7.17
N THR B 667 -10.70 -4.98 -6.37
CA THR B 667 -9.91 -4.57 -5.22
C THR B 667 -8.53 -3.96 -5.48
N PRO B 668 -7.81 -4.38 -6.55
CA PRO B 668 -6.44 -3.86 -6.68
C PRO B 668 -6.42 -2.34 -6.76
N GLY B 669 -5.57 -1.71 -5.94
CA GLY B 669 -5.54 -0.25 -5.79
C GLY B 669 -6.77 0.40 -5.18
N ASN B 670 -7.76 -0.39 -4.75
CA ASN B 670 -9.00 0.19 -4.19
C ASN B 670 -9.08 -0.10 -2.71
N SER B 671 -7.98 0.17 -2.01
CA SER B 671 -7.90 -0.05 -0.59
C SER B 671 -7.34 1.21 0.14
N VAL B 672 -7.82 1.42 1.34
CA VAL B 672 -7.33 2.49 2.20
C VAL B 672 -7.18 1.94 3.61
N GLY B 673 -6.47 2.68 4.45
CA GLY B 673 -6.29 2.25 5.83
C GLY B 673 -5.15 2.96 6.51
N PHE B 674 -4.60 2.31 7.53
CA PHE B 674 -3.48 2.90 8.28
C PHE B 674 -2.66 1.81 8.94
N LEU B 675 -1.41 2.18 9.26
N LEU B 675 -1.41 2.17 9.25
CA LEU B 675 -0.50 1.32 9.99
CA LEU B 675 -0.51 1.32 10.01
C LEU B 675 -0.21 1.94 11.36
C LEU B 675 -0.23 1.94 11.37
N LEU B 676 0.00 1.07 12.36
CA LEU B 676 0.52 1.47 13.67
C LEU B 676 1.88 0.71 13.84
N ARG B 677 2.97 1.45 13.95
CA ARG B 677 4.32 0.88 13.93
C ARG B 677 5.05 1.26 15.22
N PRO B 678 5.74 0.30 15.85
CA PRO B 678 6.48 0.66 17.06
C PRO B 678 7.62 1.63 16.75
N PHE B 679 7.79 2.64 17.60
CA PHE B 679 8.82 3.61 17.39
C PHE B 679 9.56 3.89 18.71
N ASN B 680 10.72 3.27 18.82
CA ASN B 680 11.53 3.24 20.06
C ASN B 680 10.81 2.59 21.20
N PHE B 681 9.86 1.72 20.85
CA PHE B 681 9.02 1.05 21.84
C PHE B 681 9.73 -0.15 22.42
N PHE B 682 10.36 -0.92 21.54
CA PHE B 682 11.17 -2.09 21.89
C PHE B 682 12.65 -1.76 21.78
N PRO B 683 13.52 -2.43 22.56
CA PRO B 683 14.96 -2.12 22.52
C PRO B 683 15.67 -2.48 21.21
N GLU B 684 15.14 -3.48 20.51
CA GLU B 684 15.60 -3.84 19.19
C GLU B 684 14.41 -4.45 18.45
N ASP B 685 14.60 -4.83 17.19
CA ASP B 685 13.53 -5.45 16.39
C ASP B 685 12.82 -6.55 17.18
N PRO B 686 11.51 -6.41 17.42
CA PRO B 686 10.80 -7.42 18.25
C PRO B 686 10.61 -8.78 17.59
N SER B 687 10.77 -8.86 16.27
CA SER B 687 10.72 -10.13 15.52
C SER B 687 11.93 -11.05 15.73
N LEU B 688 12.93 -10.60 16.49
CA LEU B 688 14.13 -11.40 16.74
C LEU B 688 13.84 -12.65 17.54
N ALA B 689 12.74 -12.66 18.28
CA ALA B 689 12.25 -13.88 18.92
C ALA B 689 11.81 -14.98 17.94
N SER B 690 11.50 -14.64 16.69
CA SER B 690 11.06 -15.66 15.73
C SER B 690 12.14 -16.71 15.49
N ARG B 691 11.70 -17.97 15.50
CA ARG B 691 12.59 -19.09 15.22
C ARG B 691 12.60 -19.49 13.73
N ASP B 692 11.82 -18.79 12.90
CA ASP B 692 11.77 -19.01 11.46
C ASP B 692 13.01 -18.49 10.71
N THR B 693 13.75 -17.57 11.33
CA THR B 693 14.94 -16.96 10.71
C THR B 693 15.90 -18.02 10.22
N VAL B 694 16.46 -17.79 9.03
CA VAL B 694 17.48 -18.68 8.48
C VAL B 694 18.72 -17.84 8.17
N ILE B 695 19.87 -18.33 8.60
CA ILE B 695 21.16 -17.75 8.27
C ILE B 695 22.02 -18.81 7.59
N VAL B 696 22.58 -18.43 6.44
CA VAL B 696 23.49 -19.29 5.65
C VAL B 696 24.91 -18.76 5.82
N TRP B 697 25.81 -19.62 6.29
CA TRP B 697 27.22 -19.28 6.53
C TRP B 697 28.13 -20.08 5.61
N PRO B 698 29.20 -19.46 5.09
CA PRO B 698 30.17 -20.17 4.26
C PRO B 698 31.07 -21.04 5.13
N ARG B 699 31.63 -22.10 4.57
CA ARG B 699 32.56 -22.99 5.29
C ARG B 699 33.81 -23.22 4.45
N ASP B 700 34.98 -23.26 5.10
CA ASP B 700 36.23 -23.62 4.39
C ASP B 700 36.11 -24.98 3.69
N ASN B 701 36.33 -24.97 2.39
CA ASN B 701 36.39 -26.20 1.58
C ASN B 701 35.26 -27.22 1.80
N GLY B 702 34.05 -26.73 2.12
CA GLY B 702 32.85 -27.59 2.26
C GLY B 702 31.58 -26.86 1.79
N PRO B 703 30.41 -27.53 1.92
CA PRO B 703 29.14 -26.85 1.61
C PRO B 703 28.84 -25.83 2.70
N ASN B 704 28.00 -24.85 2.37
CA ASN B 704 27.61 -23.83 3.37
C ASN B 704 26.86 -24.49 4.50
N TYR B 705 26.92 -23.87 5.67
CA TYR B 705 26.10 -24.27 6.81
C TYR B 705 24.79 -23.49 6.83
N VAL B 706 23.66 -24.17 6.69
CA VAL B 706 22.37 -23.50 6.78
C VAL B 706 21.82 -23.63 8.18
N GLN B 707 21.95 -22.56 8.97
CA GLN B 707 21.56 -22.54 10.35
C GLN B 707 20.07 -22.24 10.47
N ARG B 708 19.34 -23.15 11.11
CA ARG B 708 17.90 -23.02 11.34
C ARG B 708 17.59 -23.23 12.82
N TRP B 709 16.42 -22.78 13.24
CA TRP B 709 15.93 -23.00 14.61
C TRP B 709 14.58 -23.73 14.59
N ILE B 710 14.17 -24.13 13.40
CA ILE B 710 13.00 -24.94 13.18
C ILE B 710 13.36 -25.79 11.95
N PRO B 711 12.97 -27.07 11.93
CA PRO B 711 13.37 -27.86 10.75
C PRO B 711 12.68 -27.39 9.48
N GLU B 712 13.38 -27.54 8.36
CA GLU B 712 12.83 -27.33 7.03
C GLU B 712 11.62 -28.22 6.84
N ASP B 713 10.55 -27.68 6.32
CA ASP B 713 9.34 -28.45 6.09
C ASP B 713 8.96 -28.37 4.63
N ARG B 714 8.67 -29.50 4.00
CA ARG B 714 8.12 -29.49 2.64
C ARG B 714 6.80 -30.25 2.50
N ASP B 715 6.15 -30.56 3.62
CA ASP B 715 4.85 -31.26 3.62
C ASP B 715 3.73 -30.49 2.93
N CYS B 716 2.81 -31.22 2.34
CA CYS B 716 1.65 -30.66 1.69
C CYS B 716 0.47 -31.40 2.27
N SER B 717 -0.69 -30.73 2.33
CA SER B 717 -1.93 -31.35 2.72
C SER B 717 -3.08 -30.74 1.91
N MET B 718 -4.23 -31.41 1.92
CA MET B 718 -5.40 -30.92 1.21
C MET B 718 -6.27 -30.14 2.16
N PRO B 719 -6.87 -29.06 1.67
CA PRO B 719 -7.86 -28.41 2.50
C PRO B 719 -9.22 -29.11 2.39
N PRO B 720 -10.18 -28.70 3.25
CA PRO B 720 -11.58 -29.13 3.14
C PRO B 720 -12.11 -28.87 1.73
N PRO B 721 -12.96 -29.76 1.21
CA PRO B 721 -13.58 -29.46 -0.08
C PRO B 721 -14.48 -28.22 0.00
N PHE B 722 -14.71 -27.56 -1.13
CA PHE B 722 -15.42 -26.31 -1.13
C PHE B 722 -16.87 -26.53 -0.76
N SER B 723 -17.42 -25.72 0.13
CA SER B 723 -18.86 -25.69 0.34
C SER B 723 -19.33 -24.26 0.56
N TYR B 724 -20.60 -24.02 0.25
CA TYR B 724 -21.17 -22.71 0.47
C TYR B 724 -22.66 -22.85 0.71
N ASN B 725 -23.14 -22.23 1.76
CA ASN B 725 -24.53 -22.41 2.16
C ASN B 725 -25.45 -21.32 1.62
N GLY B 726 -25.14 -20.07 2.00
CA GLY B 726 -25.83 -18.91 1.47
C GLY B 726 -27.08 -18.49 2.24
N THR B 727 -27.49 -19.26 3.24
CA THR B 727 -28.64 -18.85 4.05
C THR B 727 -28.14 -18.38 5.41
N TYR B 728 -28.94 -17.54 6.04
CA TYR B 728 -28.66 -17.02 7.39
C TYR B 728 -30.02 -17.01 8.09
N ARG B 729 -30.18 -17.90 9.08
CA ARG B 729 -31.49 -18.16 9.72
C ARG B 729 -31.35 -18.34 11.24
N PRO B 730 -32.47 -18.19 11.97
CA PRO B 730 -32.47 -18.54 13.38
C PRO B 730 -32.15 -20.02 13.61
N VAL B 731 -31.56 -20.31 14.76
CA VAL B 731 -31.22 -21.67 15.18
C VAL B 731 -31.89 -21.90 16.56
C1 NAG C . 40.21 10.54 -23.26
C2 NAG C . 40.32 11.69 -24.24
C3 NAG C . 40.29 11.10 -25.64
C4 NAG C . 41.34 10.03 -25.80
C5 NAG C . 41.20 8.99 -24.68
C6 NAG C . 42.25 7.91 -24.77
C7 NAG C . 39.22 13.86 -23.88
C8 NAG C . 37.91 14.57 -23.84
N2 NAG C . 39.17 12.55 -24.12
O3 NAG C . 40.49 12.09 -26.62
O4 NAG C . 41.18 9.49 -27.09
O5 NAG C . 41.29 9.65 -23.43
O6 NAG C . 43.50 8.46 -24.41
O7 NAG C . 40.27 14.45 -23.71
C1 NAG C . 42.44 9.42 -27.79
C2 NAG C . 42.29 8.49 -28.97
C3 NAG C . 43.56 8.44 -29.81
C4 NAG C . 44.25 9.78 -30.05
C5 NAG C . 44.19 10.64 -28.77
C6 NAG C . 44.71 12.07 -28.98
C7 NAG C . 40.80 6.55 -28.61
C8 NAG C . 40.66 5.16 -28.05
N2 NAG C . 41.99 7.14 -28.48
O3 NAG C . 43.30 7.80 -31.04
O4 NAG C . 45.61 9.45 -30.24
O5 NAG C . 42.87 10.68 -28.25
O6 NAG C . 43.65 12.93 -29.38
O7 NAG C . 39.86 7.09 -29.15
C1 BMA C . 46.35 9.63 -31.50
C2 BMA C . 45.62 9.19 -32.76
C3 BMA C . 46.46 9.46 -34.01
C4 BMA C . 46.98 10.88 -33.97
C5 BMA C . 47.77 11.10 -32.68
C6 BMA C . 48.38 12.50 -32.60
O2 BMA C . 44.44 9.91 -32.91
O3 BMA C . 45.67 9.22 -35.14
O4 BMA C . 47.85 11.12 -35.04
O5 BMA C . 46.86 10.93 -31.63
O6 BMA C . 49.59 12.55 -33.31
C1 NAG D . -25.47 28.03 -1.99
C2 NAG D . -24.84 28.48 -0.68
C3 NAG D . -25.85 29.22 0.19
C4 NAG D . -26.62 30.30 -0.55
C5 NAG D . -27.15 29.70 -1.85
C6 NAG D . -27.92 30.69 -2.70
C7 NAG D . -23.01 27.01 -0.06
C8 NAG D . -22.51 25.88 0.79
N2 NAG D . -24.28 27.38 0.08
O3 NAG D . -25.17 29.77 1.28
O4 NAG D . -27.74 30.65 0.24
O5 NAG D . -26.07 29.16 -2.59
O6 NAG D . -27.03 31.67 -3.17
O7 NAG D . -22.29 27.57 -0.87
C1 NAG D . -27.76 32.03 0.61
C2 NAG D . -29.22 32.33 0.96
C3 NAG D . -29.36 33.70 1.58
C4 NAG D . -28.43 33.83 2.77
C5 NAG D . -26.99 33.51 2.39
C6 NAG D . -26.20 33.38 3.69
C7 NAG D . -30.85 31.24 -0.52
C8 NAG D . -31.60 31.34 -1.82
N2 NAG D . -30.04 32.26 -0.23
O3 NAG D . -30.69 33.90 2.03
O4 NAG D . -28.55 35.14 3.29
O5 NAG D . -26.87 32.29 1.68
O6 NAG D . -24.80 33.50 3.42
O7 NAG D . -31.01 30.25 0.20
C1 NAG E . 28.41 -22.90 -5.58
C2 NAG E . 28.99 -24.05 -4.79
C3 NAG E . 30.22 -24.62 -5.48
C4 NAG E . 29.98 -24.86 -6.97
C5 NAG E . 29.49 -23.59 -7.64
C6 NAG E . 29.20 -23.76 -9.13
C7 NAG E . 28.75 -23.81 -2.32
C8 NAG E . 29.41 -23.26 -1.09
N2 NAG E . 29.41 -23.59 -3.46
O3 NAG E . 30.54 -25.80 -4.82
O4 NAG E . 31.18 -25.24 -7.59
O5 NAG E . 28.33 -23.15 -6.98
O6 NAG E . 28.30 -24.82 -9.36
O7 NAG E . 27.68 -24.41 -2.22
C1 NAG E . 31.23 -26.66 -7.80
C2 NAG E . 32.24 -27.00 -8.88
C3 NAG E . 32.11 -28.47 -9.22
C4 NAG E . 32.14 -29.35 -7.97
C5 NAG E . 31.43 -28.75 -6.75
C6 NAG E . 31.84 -29.44 -5.45
C7 NAG E . 32.71 -25.06 -10.29
C8 NAG E . 32.44 -24.38 -11.58
N2 NAG E . 32.07 -26.21 -10.09
O3 NAG E . 33.16 -28.82 -10.11
O4 NAG E . 31.49 -30.58 -8.25
O5 NAG E . 31.67 -27.35 -6.66
O6 NAG E . 30.70 -30.06 -4.88
O7 NAG E . 33.50 -24.57 -9.46
C1 NAG F . -40.85 7.48 23.77
C2 NAG F . -40.87 8.58 24.81
C3 NAG F . -40.99 7.99 26.22
C4 NAG F . -41.87 6.75 26.32
C5 NAG F . -41.67 5.83 25.14
C6 NAG F . -42.61 4.62 25.21
C7 NAG F . -39.56 10.56 24.55
C8 NAG F . -38.26 11.31 24.47
N2 NAG F . -39.58 9.27 24.74
O3 NAG F . -41.39 9.03 27.10
O4 NAG F . -41.47 5.99 27.42
O5 NAG F . -41.90 6.59 23.97
O6 NAG F . -43.92 5.01 24.88
O7 NAG F . -40.63 11.12 24.44
C1 NAG F . -42.46 5.92 28.47
C2 NAG F . -42.09 4.83 29.46
C3 NAG F . -43.09 4.79 30.62
C4 NAG F . -43.30 6.18 31.22
C5 NAG F . -43.68 7.13 30.09
C6 NAG F . -43.98 8.55 30.57
C7 NAG F . -40.90 2.87 28.63
C8 NAG F . -40.95 1.52 27.97
N2 NAG F . -42.04 3.52 28.83
O3 NAG F . -42.62 3.90 31.60
O4 NAG F . -44.34 6.13 32.19
O5 NAG F . -42.59 7.16 29.18
O6 NAG F . -42.81 9.33 30.55
O7 NAG F . -39.81 3.35 28.95
C1 NAG G . 23.55 29.23 3.18
C2 NAG G . 22.86 29.68 1.90
C3 NAG G . 23.84 30.49 1.05
C4 NAG G . 24.52 31.63 1.79
C5 NAG G . 25.14 31.04 3.05
C6 NAG G . 25.79 32.12 3.91
C7 NAG G . 21.13 28.13 1.09
C8 NAG G . 20.72 26.99 0.18
N2 NAG G . 22.39 28.55 1.10
O3 NAG G . 23.19 30.99 -0.07
O4 NAG G . 25.57 32.06 0.95
O5 NAG G . 24.18 30.35 3.81
O6 NAG G . 24.76 32.95 4.41
O7 NAG G . 20.30 28.65 1.81
C1 NAG G . 25.69 33.47 0.76
C2 NAG G . 27.17 33.84 0.48
C3 NAG G . 27.33 35.27 -0.06
C4 NAG G . 26.37 35.45 -1.22
C5 NAG G . 24.98 35.23 -0.66
C6 NAG G . 23.91 35.54 -1.69
C7 NAG G . 28.85 32.70 1.90
C8 NAG G . 29.58 32.76 3.21
N2 NAG G . 27.98 33.71 1.68
O3 NAG G . 28.67 35.45 -0.46
O4 NAG G . 26.52 36.72 -1.84
O5 NAG G . 24.87 33.85 -0.32
O6 NAG G . 23.87 34.44 -2.57
O7 NAG G . 29.08 31.78 1.12
C1 NAG H . -27.57 -24.54 4.85
C2 NAG H . -28.02 -25.74 4.03
C3 NAG H . -29.21 -26.45 4.66
C4 NAG H . -28.93 -26.84 6.10
C5 NAG H . -28.58 -25.54 6.83
C6 NAG H . -28.29 -25.74 8.31
C7 NAG H . -27.65 -25.42 1.62
C8 NAG H . -28.26 -24.86 0.35
N2 NAG H . -28.39 -25.28 2.71
O3 NAG H . -29.46 -27.58 3.90
O4 NAG H . -30.12 -27.35 6.68
O5 NAG H . -27.46 -24.90 6.21
O6 NAG H . -27.43 -26.84 8.48
O7 NAG H . -26.55 -25.95 1.59
C1 NAG H . -30.05 -28.69 7.21
C2 NAG H . -31.23 -28.84 8.19
C3 NAG H . -31.66 -30.26 8.49
C4 NAG H . -31.57 -31.13 7.26
C5 NAG H . -30.18 -30.96 6.68
C6 NAG H . -30.00 -31.95 5.54
C7 NAG H . -31.35 -27.07 9.83
C8 NAG H . -30.84 -26.52 11.13
N2 NAG H . -30.82 -28.22 9.43
O3 NAG H . -33.01 -30.30 8.92
O4 NAG H . -31.79 -32.45 7.67
O5 NAG H . -30.10 -29.65 6.19
O6 NAG H . -31.15 -31.83 4.73
O7 NAG H . -32.20 -26.47 9.18
CU CU I . 16.45 4.33 5.67
CA CA J . 5.28 7.28 -24.60
CA CA K . 11.28 18.81 -23.22
C1 GOL L . 14.54 -20.91 -22.84
O1 GOL L . 13.37 -21.63 -23.19
C2 GOL L . 14.49 -20.49 -21.37
O2 GOL L . 13.38 -19.66 -21.07
C3 GOL L . 15.77 -19.80 -20.94
O3 GOL L . 16.10 -18.69 -21.76
C1 BRN M . 33.01 -0.09 1.21
C2 BRN M . 32.63 -1.01 0.23
C3 BRN M . 33.49 -2.05 -0.12
C4 BRN M . 34.76 -2.13 0.42
C5 BRN M . 35.16 -1.21 1.40
C6 BRN M . 34.28 -0.20 1.79
C7 BRN M . 35.69 -3.22 -0.02
NA BRN M . 35.60 -3.69 -1.18
NB BRN M . 36.55 -3.78 0.82
N1 BRN M . 32.19 0.91 1.61
N BRN M . 31.01 1.15 1.04
N1' BRN M . 30.29 2.09 1.48
C1' BRN M . 29.04 2.35 0.89
C2' BRN M . 28.96 2.25 -0.50
C3' BRN M . 27.77 2.53 -1.15
C4' BRN M . 26.63 2.88 -0.45
C5' BRN M . 26.69 2.98 0.93
C6' BRN M . 27.90 2.73 1.60
C7' BRN M . 25.39 3.15 -1.26
NA' BRN M . 25.57 3.69 -2.40
NB' BRN M . 24.18 2.94 -0.78
CU CU N . -17.00 3.67 -5.32
CA CA O . -5.96 5.93 24.96
CA CA P . -12.67 17.26 24.13
C1 BRN Q . -33.24 -1.81 -1.23
C2 BRN Q . -32.83 -2.66 -0.21
C3 BRN Q . -33.68 -3.67 0.24
C4 BRN Q . -34.87 -3.94 -0.45
C5 BRN Q . -35.27 -3.07 -1.47
C6 BRN Q . -34.46 -2.02 -1.86
C7 BRN Q . -35.76 -5.07 -0.06
NA BRN Q . -35.63 -5.64 1.07
NB BRN Q . -36.40 -5.70 -1.03
N1 BRN Q . -32.48 -0.74 -1.63
N BRN Q . -31.34 -0.45 -1.04
N1' BRN Q . -30.66 0.52 -1.44
C1' BRN Q . -29.46 0.81 -0.79
C2' BRN Q . -29.42 0.70 0.59
C3' BRN Q . -28.25 1.00 1.27
C4' BRN Q . -27.12 1.41 0.58
C5' BRN Q . -27.16 1.52 -0.82
C6' BRN Q . -28.34 1.24 -1.48
C7' BRN Q . -25.89 1.73 1.34
NA' BRN Q . -26.00 2.12 2.55
NB' BRN Q . -24.71 1.75 0.73
#